data_7TT4
#
_entry.id   7TT4
#
_cell.length_a   1.00
_cell.length_b   1.00
_cell.length_c   1.00
_cell.angle_alpha   90.00
_cell.angle_beta   90.00
_cell.angle_gamma   90.00
#
_symmetry.space_group_name_H-M   'P 1'
#
loop_
_entity.id
_entity.type
_entity.pdbx_description
1 polymer 'Outer membrane protein assembly factor BamA'
2 polymer 'Maltose/maltodextrin-binding periplasmic protein,Serine protease EspP chimera'
3 polymer 'Outer membrane protein assembly factor BamD'
4 polymer 'Outer membrane protein assembly factor BamC'
5 polymer 'Outer membrane protein assembly factor BamE'
6 polymer 'Outer membrane protein assembly factor BamB'
#
loop_
_entity_poly.entity_id
_entity_poly.type
_entity_poly.pdbx_seq_one_letter_code
_entity_poly.pdbx_strand_id
1 'polypeptide(L)'
;AHHHHHHHHGGEGFVVKDIHFEGLQRVAVGAALLSMPVRTGDTVNDEDISNTIRALFATGNFEDVRVLRDGDTLLVQVKE
RPTIASITFSGNKSVKDDMLKQNLEASGVRVGESLDRTTIADIEKGLEDFYYSVGKYSASVKAVVTPLPRNRVDLKLVFQ
EGVSAEIQQINIVGNHAFTTDELISHFQLRDEVPWWNVVGDRKYQKQKLAGDLETLRSYYLDRGYARFNIDSTQVSLTPD
KKGIYVTVNITEGDQYKLSGVEVSGNLAGHSAEIEQLTKIEPGELYNGTKVTKMEDDIKKLLGRYGYAYPRVQSMPEIND
ADKTVKLRVNVDAGNRFYVRKIRFEGNDTSKDAVLRREMRQMEGAWLGSDLVDQGKERLNRLGFFETVDTDTQRVPGSPD
QVDVVYKVKERNTGCFNFGIGYGTESGVSFQAGVQQDNWLGTGYAVGINGTKNDYQTYAELSVTNPYFTVDGVSLGGRLF
YNDFQADDADLSDYTNKSYGTDVTLGFPINEYNSLRAGLGYVHNSLSNMQPQVAMWRYLYSMGEHPSTSDQDNSFKTDDF
TFNYGWTYNKLDRGYFPTDGSRVNLTGKVTIPGSDNEYYKVTLDTATYVPIDDDHKWVVLGRTRWGYGDGLGGKEMPFYE
NFYAGGSSTVRGFQSNTIGPKAVYFPHQASNYDPDYDYECATQDGAKDLCKSDDAVGGNAMAVASLEFITPTPFISDKYA
NSVRTSFFWDMGTVWDTNWDSSQYSGYPDYSDPSNIRMSAGIALQWMSPLGPLVFSYAQPFKKYDGDKAEQFQFNIGKTW
;
A
2 'polypeptide(L)'
;AWSHPQFEKGGGSGGGSGGSAWSHPQFEKGGAKIEEGKLVIWINGDKGYNGLAEVGKKFEKDTGIKVTVEHPDKLEEKFP
QVAATGDGPDIIFWAHDRFGGYAQSGLLAEITPDKAFQDKLYPFTWDAVRYNGKLIAYPIAVEALSLIYNKDLLPNPPKT
WEEIPALDKELKAKGKSALMFNLQEPYFTWPLIAADGGYAFKYENGKYDIKDVGVDNAGAKAGLTFLVDLIKNKHMNADT
DYSIAEAAFNKGETAMTINGPWAWSNIDTSKVNYGVTVLPTFKGQPSKPFVGVLSAGINAASPNKELAKEFLENYLLTDE
GLEAVNKDKPLGAVALKSYEEELAKDPRIAATMENAQKGEIMPNIPQMSAFWYAVRTAVINAASGRQTVDEALKDAQTNS
GSNIELVSAPKDTNENVFKASKQTIGFSDVTPVITTRETGENLYFQGGDDKITWSLTGYNTVANKEATRNAAALFSVDYK
AFLNEVNNLNKRMGDLRDINGEAGAWARIMSGTGSASGGFSDNYTHVQVGVDKKHELDGLDLFTGFTVTHTDSSASADVF
SGKTKSVGAGLYASAMFDSGAYIDLIGKYVHHDNEYTATFAGLGTRDYSTHSWYAGAEAGYRYHVTEDAWIEPQAELVYG
SVSGKQFAWKDQGMHLSMKDKDYNPLIGRTGVDVGKSFSGKDWKVTARAGLGYQFDLLANGETVLRDASGEKRIKGEKDS
RMLMSVGLNAEIRDNVRFGLEFEKSAFGKYNVDNAVNANFRYCF
;
P
3 'polypeptide(L)'
;CSGSKEEVPDNPPNEIYATAQQKLQDGNWRQAITQLEALDNRYPFGPYSQQVQLDLIYAYYKNADLPLAQAAIDRFIRLN
PTHPNIDYVMYMRGLTNMALDDSALQGFFGVDRSDRDPQHARAAFSDFSKLVRGYPNSQYTTDATKRLVFLKDRLAKYEY
SVAEYYTERGAWVAVVNRVEGMLRDYPDTQATRDALPLMENAYRQMQMNAQAEKVAKIIAANSSNT
;
D
4 'polypeptide(L)'
;CSSDSRYKRQVSGDEAYLEAAPLAELHAPAGMILPVTSGDYAIPVTNGSGAVGKALDIRPPAQPLALVSGARTQFTGDTA
SLLVENGRGNTLWPQVVSVLQAKNYTITQRDDAGQTLTTDWVQWNRLDEDEQYRGRYQISVKPQGYQQAVTVKLLNLEQA
GKPVADAASMQRYSTEMMNVISAGLDKSATDAANAAQNRASTTMDVQSAADDTGLPMLVVRGPFNVVWQRLPAALEKVGM
KVTDSTRSQGNMAVTYKPLSDSDWQELGASDPGLASGDYKLQVGDLDNRSSLQFIDPKGHTLTQSQNDALVAVFQAAFSK
;
C
5 'polypeptide(L)'
;CSTLERVVYRPDINQGNYLTANDVSKIRVGMTQQQVAYALGTPLMSDPFGTNTWFYVFRQQPGHEGVTQQTLTLTFNSSG
VLTNIDNKPALSGN
;
E
6 'polypeptide(L)'
;CSLFNSEEDVVKMSPLPTVENQFTPTTAWSTSVGSGIGNFYSNLHPALADNVVYAADRAGLVKALNADDGKEIWSVSLAE
KDGWFSKEPALLSGGVTVSGGHVYIGSEKAQVYALNTSDGTVAWQTKVAGEALSRPVVSDGLVLIHTSNGQLQALNEADG
AVKWTVNLDMPSLSLRGESAPTTAFGAAVVGGDNGRVSAVLMEQGQMIWQQRISQATGSTEIDRLSDVDTTPVVVNGVVF
ALAYNGNLTALDLRSGQIMWKRELGSVNDFIVDGNRIYLVDQNDRVMALTIDGGVTLWTQSDLLHRLLTSPVLYNGNLVV
GDSEGYLHWINVEDGRFVAQQKVDSSGFQTEPVAADGKLLIQAKDGTVYSITR
;
B
#
# COMPACT_ATOMS: atom_id res chain seq x y z
N ALA A 165 16.78 26.73 -2.31
CA ALA A 165 17.20 25.51 -2.96
C ALA A 165 16.01 24.74 -3.54
N GLU A 166 14.82 25.31 -3.39
CA GLU A 166 13.63 24.72 -3.96
C GLU A 166 13.51 25.02 -5.46
N ILE A 167 12.76 24.16 -6.15
CA ILE A 167 12.52 24.32 -7.58
C ILE A 167 11.73 25.59 -7.83
N GLN A 168 12.25 26.45 -8.69
CA GLN A 168 11.58 27.72 -8.94
C GLN A 168 10.61 27.63 -10.11
N GLN A 169 10.97 26.89 -11.17
CA GLN A 169 10.09 26.71 -12.31
C GLN A 169 10.53 25.47 -13.07
N ILE A 170 9.61 24.93 -13.87
CA ILE A 170 9.91 23.85 -14.78
C ILE A 170 9.68 24.37 -16.19
N ASN A 171 10.70 24.30 -17.02
CA ASN A 171 10.66 24.83 -18.38
C ASN A 171 10.62 23.68 -19.37
N ILE A 172 9.76 23.81 -20.39
CA ILE A 172 9.69 22.85 -21.48
C ILE A 172 10.04 23.57 -22.78
N VAL A 173 11.00 23.02 -23.50
CA VAL A 173 11.48 23.61 -24.75
C VAL A 173 11.11 22.71 -25.90
N GLY A 174 10.42 23.27 -26.89
CA GLY A 174 10.04 22.56 -28.09
C GLY A 174 8.62 22.00 -28.08
N ASN A 175 7.83 22.28 -27.05
CA ASN A 175 6.46 21.80 -27.00
C ASN A 175 5.58 22.73 -27.83
N HIS A 176 4.76 22.14 -28.70
CA HIS A 176 3.86 22.92 -29.53
C HIS A 176 2.43 22.39 -29.47
N ALA A 177 2.28 21.09 -29.23
CA ALA A 177 0.95 20.51 -29.16
C ALA A 177 0.24 20.83 -27.85
N PHE A 178 0.99 21.03 -26.77
CA PHE A 178 0.37 21.27 -25.48
C PHE A 178 1.06 22.43 -24.77
N THR A 179 0.33 23.08 -23.89
CA THR A 179 0.88 24.21 -23.15
C THR A 179 1.73 23.73 -21.98
N THR A 180 2.51 24.65 -21.43
CA THR A 180 3.35 24.36 -20.27
C THR A 180 2.52 23.90 -19.09
N ASP A 181 1.43 24.61 -18.80
CA ASP A 181 0.60 24.28 -17.65
C ASP A 181 -0.10 22.94 -17.82
N GLU A 182 -0.55 22.63 -19.03
CA GLU A 182 -1.23 21.36 -19.25
C GLU A 182 -0.30 20.19 -18.98
N LEU A 183 0.95 20.27 -19.44
CA LEU A 183 1.88 19.17 -19.24
C LEU A 183 2.38 19.11 -17.79
N ILE A 184 2.66 20.27 -17.19
CA ILE A 184 3.11 20.29 -15.81
C ILE A 184 2.02 19.78 -14.87
N SER A 185 0.75 19.98 -15.22
CA SER A 185 -0.35 19.53 -14.40
C SER A 185 -0.34 18.02 -14.15
N HIS A 186 0.42 17.25 -14.91
CA HIS A 186 0.50 15.81 -14.67
C HIS A 186 1.77 15.37 -13.95
N PHE A 187 2.59 16.30 -13.47
CA PHE A 187 3.82 15.94 -12.78
C PHE A 187 3.55 15.84 -11.28
N GLN A 188 4.34 15.00 -10.61
CA GLN A 188 4.37 15.03 -9.16
C GLN A 188 5.21 16.16 -8.60
N LEU A 189 6.24 16.60 -9.30
CA LEU A 189 6.97 17.79 -8.86
C LEU A 189 6.15 19.03 -9.17
N ARG A 190 6.01 19.91 -8.19
CA ARG A 190 5.28 21.15 -8.39
C ARG A 190 6.03 22.29 -7.72
N ASP A 191 5.94 23.48 -8.32
CA ASP A 191 6.52 24.68 -7.74
C ASP A 191 5.47 25.54 -7.04
N GLU A 192 4.26 25.03 -6.85
CA GLU A 192 3.21 25.78 -6.20
C GLU A 192 2.27 24.82 -5.49
N VAL A 193 1.57 25.34 -4.49
CA VAL A 193 0.58 24.56 -3.76
C VAL A 193 -0.71 24.48 -4.58
N ASP A 201 6.79 23.23 -2.20
CA ASP A 201 8.03 23.06 -2.95
C ASP A 201 8.80 21.84 -2.46
N ARG A 202 9.58 21.24 -3.36
CA ARG A 202 10.31 20.01 -3.07
C ARG A 202 11.72 20.16 -3.58
N LYS A 203 12.65 19.40 -2.99
CA LYS A 203 14.04 19.42 -3.41
C LYS A 203 14.59 18.00 -3.53
N TYR A 204 15.55 17.86 -4.45
CA TYR A 204 16.35 16.65 -4.64
C TYR A 204 15.48 15.42 -4.87
N GLN A 205 14.33 15.61 -5.53
CA GLN A 205 13.41 14.49 -5.74
C GLN A 205 13.77 13.75 -7.04
N LYS A 206 14.82 12.92 -6.97
CA LYS A 206 15.29 12.29 -8.19
C LYS A 206 14.25 11.31 -8.74
N GLN A 207 13.56 10.60 -7.83
CA GLN A 207 12.59 9.59 -8.25
C GLN A 207 11.36 10.24 -8.85
N LYS A 208 10.98 11.43 -8.37
CA LYS A 208 9.83 12.09 -8.95
C LYS A 208 10.18 12.64 -10.31
N LEU A 209 11.40 13.18 -10.47
CA LEU A 209 11.82 13.63 -11.80
C LEU A 209 11.76 12.48 -12.81
N ALA A 210 12.26 11.30 -12.42
CA ALA A 210 12.18 10.14 -13.31
C ALA A 210 10.74 9.74 -13.61
N GLY A 211 9.88 9.74 -12.59
CA GLY A 211 8.49 9.43 -12.81
C GLY A 211 7.80 10.42 -13.71
N ASP A 212 8.14 11.70 -13.58
CA ASP A 212 7.55 12.73 -14.41
C ASP A 212 8.01 12.58 -15.86
N LEU A 213 9.28 12.25 -16.06
CA LEU A 213 9.75 12.07 -17.44
C LEU A 213 9.08 10.87 -18.10
N GLU A 214 8.89 9.78 -17.34
CA GLU A 214 8.16 8.64 -17.90
C GLU A 214 6.70 8.99 -18.14
N THR A 215 6.09 9.76 -17.24
CA THR A 215 4.71 10.18 -17.45
C THR A 215 4.60 11.04 -18.70
N LEU A 216 5.53 11.96 -18.89
CA LEU A 216 5.47 12.83 -20.05
C LEU A 216 5.60 12.02 -21.33
N ARG A 217 6.50 11.04 -21.34
CA ARG A 217 6.63 10.20 -22.52
C ARG A 217 5.31 9.47 -22.81
N SER A 218 4.70 8.90 -21.78
CA SER A 218 3.44 8.20 -22.00
C SER A 218 2.35 9.16 -22.45
N TYR A 219 2.30 10.35 -21.86
CA TYR A 219 1.31 11.35 -22.25
C TYR A 219 1.39 11.62 -23.75
N TYR A 220 2.61 11.81 -24.27
CA TYR A 220 2.75 12.03 -25.71
C TYR A 220 2.39 10.78 -26.49
N LEU A 221 2.81 9.62 -26.02
CA LEU A 221 2.54 8.41 -26.79
C LEU A 221 1.05 8.17 -26.93
N ASP A 222 0.27 8.56 -25.92
CA ASP A 222 -1.18 8.39 -25.98
C ASP A 222 -1.84 9.21 -27.07
N ARG A 223 -1.18 10.20 -27.66
CA ARG A 223 -1.80 11.04 -28.69
C ARG A 223 -1.34 10.74 -30.10
N GLY A 224 -0.63 9.63 -30.32
CA GLY A 224 -0.19 9.27 -31.65
C GLY A 224 1.20 9.73 -32.05
N TYR A 225 1.96 10.35 -31.15
CA TYR A 225 3.27 10.87 -31.50
C TYR A 225 4.30 9.74 -31.39
N ALA A 226 4.24 8.86 -32.39
CA ALA A 226 5.08 7.66 -32.41
C ALA A 226 6.57 7.99 -32.40
N ARG A 227 6.96 9.12 -32.97
CA ARG A 227 8.37 9.49 -33.04
C ARG A 227 8.83 10.33 -31.86
N PHE A 228 7.99 10.50 -30.85
CA PHE A 228 8.35 11.35 -29.72
C PHE A 228 9.66 10.88 -29.09
N ASN A 229 10.54 11.84 -28.81
CA ASN A 229 11.84 11.57 -28.23
C ASN A 229 12.21 12.67 -27.26
N ILE A 230 12.77 12.30 -26.11
CA ILE A 230 13.37 13.25 -25.18
C ILE A 230 14.87 13.20 -25.34
N ASP A 231 15.48 14.33 -25.68
CA ASP A 231 16.90 14.31 -26.01
C ASP A 231 17.78 14.45 -24.78
N SER A 232 17.37 15.27 -23.81
CA SER A 232 18.16 15.44 -22.60
C SER A 232 17.31 16.14 -21.55
N THR A 233 17.79 16.09 -20.32
CA THR A 233 17.23 16.84 -19.21
C THR A 233 18.37 17.48 -18.44
N GLN A 234 18.07 18.60 -17.78
CA GLN A 234 19.05 19.25 -16.91
C GLN A 234 18.39 19.63 -15.60
N VAL A 235 19.20 19.55 -14.54
CA VAL A 235 18.89 20.11 -13.22
C VAL A 235 20.03 21.04 -12.82
N SER A 236 19.73 22.32 -12.69
CA SER A 236 20.74 23.36 -12.53
C SER A 236 20.50 24.10 -11.22
N LEU A 237 21.40 23.91 -10.27
CA LEU A 237 21.34 24.59 -8.98
C LEU A 237 21.77 26.05 -9.10
N THR A 238 21.01 26.94 -8.48
CA THR A 238 21.30 28.37 -8.47
C THR A 238 22.35 28.67 -7.41
N PRO A 239 22.96 29.85 -7.46
CA PRO A 239 24.00 30.17 -6.48
C PRO A 239 23.47 30.10 -5.06
N ASP A 240 24.35 29.69 -4.14
CA ASP A 240 24.07 29.68 -2.71
C ASP A 240 22.83 28.87 -2.37
N LYS A 241 22.55 27.82 -3.14
CA LYS A 241 21.42 26.93 -2.86
C LYS A 241 20.13 27.72 -2.70
N LYS A 242 19.97 28.76 -3.53
CA LYS A 242 18.74 29.55 -3.53
C LYS A 242 17.61 28.87 -4.28
N GLY A 243 17.90 27.99 -5.23
CA GLY A 243 16.83 27.32 -5.95
C GLY A 243 17.38 26.40 -7.02
N ILE A 244 16.46 25.66 -7.64
CA ILE A 244 16.76 24.70 -8.69
C ILE A 244 15.96 25.03 -9.93
N TYR A 245 16.62 24.98 -11.09
CA TYR A 245 15.93 25.02 -12.38
C TYR A 245 15.90 23.62 -12.97
N VAL A 246 14.74 23.24 -13.52
CA VAL A 246 14.56 21.95 -14.16
C VAL A 246 14.14 22.19 -15.61
N THR A 247 14.81 21.53 -16.55
CA THR A 247 14.46 21.71 -17.95
C THR A 247 14.57 20.39 -18.70
N VAL A 248 13.71 20.21 -19.71
CA VAL A 248 13.71 19.03 -20.57
C VAL A 248 13.68 19.48 -22.02
N ASN A 249 14.42 18.78 -22.88
CA ASN A 249 14.48 19.09 -24.31
C ASN A 249 13.61 18.11 -25.10
N ILE A 250 12.55 18.63 -25.72
CA ILE A 250 11.51 17.81 -26.34
C ILE A 250 11.61 17.94 -27.86
N THR A 251 11.59 16.79 -28.54
CA THR A 251 11.45 16.71 -29.99
C THR A 251 10.09 16.09 -30.32
N GLU A 252 9.25 16.83 -31.03
CA GLU A 252 7.96 16.32 -31.45
C GLU A 252 8.06 15.72 -32.85
N GLY A 253 7.21 14.74 -33.12
CA GLY A 253 7.03 14.24 -34.47
C GLY A 253 5.73 14.65 -35.14
N ASP A 254 4.92 13.65 -35.49
CA ASP A 254 3.58 13.88 -36.03
C ASP A 254 2.63 12.84 -35.48
N GLN A 255 1.36 12.94 -35.86
CA GLN A 255 0.35 11.96 -35.48
C GLN A 255 0.23 10.88 -36.54
N TYR A 256 0.25 9.62 -36.10
CA TYR A 256 0.17 8.48 -36.99
C TYR A 256 -1.15 7.73 -36.81
N LYS A 257 -1.72 7.28 -37.91
CA LYS A 257 -2.90 6.42 -37.91
C LYS A 257 -2.48 4.96 -37.81
N LEU A 258 -3.33 4.15 -37.18
CA LEU A 258 -3.10 2.72 -37.08
C LEU A 258 -3.87 2.02 -38.19
N SER A 259 -3.14 1.34 -39.07
CA SER A 259 -3.76 0.66 -40.21
C SER A 259 -4.37 -0.70 -39.87
N GLY A 260 -3.91 -1.34 -38.80
CA GLY A 260 -4.41 -2.65 -38.44
C GLY A 260 -3.39 -3.39 -37.61
N VAL A 261 -3.77 -4.62 -37.24
CA VAL A 261 -2.93 -5.46 -36.41
C VAL A 261 -2.73 -6.81 -37.09
N GLU A 262 -1.48 -7.23 -37.23
CA GLU A 262 -1.12 -8.53 -37.79
C GLU A 262 -0.63 -9.42 -36.67
N VAL A 263 -1.29 -10.54 -36.44
CA VAL A 263 -0.97 -11.44 -35.34
C VAL A 263 -0.42 -12.73 -35.94
N SER A 264 0.77 -13.13 -35.49
CA SER A 264 1.37 -14.38 -35.94
C SER A 264 2.15 -15.03 -34.81
N GLY A 265 2.64 -16.23 -35.08
CA GLY A 265 3.43 -17.00 -34.16
C GLY A 265 2.73 -18.27 -33.72
N ASN A 266 3.19 -18.82 -32.59
CA ASN A 266 2.73 -20.13 -32.13
C ASN A 266 1.41 -19.97 -31.37
N LEU A 267 0.33 -19.79 -32.12
CA LEU A 267 -0.97 -19.57 -31.49
C LEU A 267 -1.52 -20.88 -30.95
N ALA A 268 -2.36 -20.76 -29.94
CA ALA A 268 -2.89 -21.91 -29.23
C ALA A 268 -4.07 -22.56 -29.93
N GLY A 269 -4.45 -22.07 -31.11
CA GLY A 269 -5.62 -22.60 -31.77
C GLY A 269 -6.88 -21.85 -31.43
N HIS A 270 -6.76 -20.66 -30.86
CA HIS A 270 -7.88 -19.82 -30.46
C HIS A 270 -7.77 -18.46 -31.14
N SER A 271 -7.45 -18.47 -32.43
CA SER A 271 -7.22 -17.22 -33.14
C SER A 271 -8.47 -16.36 -33.18
N ALA A 272 -9.65 -16.97 -33.20
CA ALA A 272 -10.86 -16.16 -33.25
C ALA A 272 -10.98 -15.22 -32.06
N GLU A 273 -10.61 -15.70 -30.87
CA GLU A 273 -10.62 -14.83 -29.69
C GLU A 273 -9.39 -13.93 -29.61
N ILE A 274 -8.22 -14.41 -30.00
CA ILE A 274 -7.04 -13.56 -29.90
C ILE A 274 -7.21 -12.38 -30.85
N GLU A 275 -7.71 -12.66 -32.06
CA GLU A 275 -7.92 -11.62 -33.04
C GLU A 275 -9.06 -10.71 -32.61
N GLN A 276 -10.12 -11.26 -32.01
CA GLN A 276 -11.24 -10.41 -31.64
C GLN A 276 -10.82 -9.43 -30.56
N LEU A 277 -10.02 -9.89 -29.60
CA LEU A 277 -9.64 -9.02 -28.49
C LEU A 277 -8.79 -7.85 -28.93
N THR A 278 -8.07 -7.99 -30.04
CA THR A 278 -7.16 -6.97 -30.56
C THR A 278 -7.79 -6.06 -31.62
N LYS A 279 -9.06 -6.25 -31.95
CA LYS A 279 -9.66 -5.45 -33.01
C LYS A 279 -9.81 -3.99 -32.60
N ILE A 280 -9.58 -3.10 -33.56
CA ILE A 280 -9.69 -1.66 -33.37
C ILE A 280 -10.59 -1.13 -34.49
N GLU A 281 -11.10 0.09 -34.29
CA GLU A 281 -11.85 0.71 -35.37
C GLU A 281 -10.92 1.51 -36.28
N PRO A 282 -11.04 1.35 -37.60
CA PRO A 282 -10.21 2.14 -38.52
C PRO A 282 -10.33 3.65 -38.28
N GLY A 283 -9.18 4.32 -38.27
CA GLY A 283 -9.10 5.74 -38.01
C GLY A 283 -8.64 6.12 -36.62
N GLU A 284 -8.55 5.19 -35.68
CA GLU A 284 -8.01 5.50 -34.37
C GLU A 284 -6.53 5.85 -34.50
N LEU A 285 -6.08 6.75 -33.65
CA LEU A 285 -4.67 7.10 -33.61
C LEU A 285 -3.90 6.08 -32.79
N TYR A 286 -2.63 5.90 -33.13
CA TYR A 286 -1.76 5.01 -32.35
C TYR A 286 -1.80 5.41 -30.88
N ASN A 287 -1.89 4.42 -30.01
CA ASN A 287 -1.93 4.64 -28.57
C ASN A 287 -1.12 3.57 -27.86
N GLY A 288 -0.02 3.97 -27.22
CA GLY A 288 0.86 2.99 -26.58
C GLY A 288 0.15 2.22 -25.48
N THR A 289 -0.77 2.89 -24.78
CA THR A 289 -1.51 2.21 -23.74
C THR A 289 -2.40 1.13 -24.33
N LYS A 290 -3.04 1.40 -25.47
CA LYS A 290 -3.83 0.34 -26.09
C LYS A 290 -2.96 -0.85 -26.48
N VAL A 291 -1.73 -0.62 -26.94
CA VAL A 291 -0.85 -1.74 -27.25
C VAL A 291 -0.56 -2.56 -25.99
N THR A 292 -0.26 -1.88 -24.89
CA THR A 292 -0.02 -2.60 -23.64
C THR A 292 -1.27 -3.37 -23.23
N LYS A 293 -2.44 -2.76 -23.33
CA LYS A 293 -3.68 -3.45 -23.01
C LYS A 293 -3.86 -4.69 -23.88
N MET A 294 -3.62 -4.58 -25.18
CA MET A 294 -3.69 -5.75 -26.06
C MET A 294 -2.78 -6.87 -25.58
N GLU A 295 -1.58 -6.52 -25.15
CA GLU A 295 -0.67 -7.55 -24.64
C GLU A 295 -1.21 -8.19 -23.38
N ASP A 296 -1.71 -7.37 -22.45
CA ASP A 296 -2.25 -7.98 -21.23
C ASP A 296 -3.51 -8.80 -21.53
N ASP A 297 -4.34 -8.36 -22.48
CA ASP A 297 -5.52 -9.12 -22.86
C ASP A 297 -5.18 -10.41 -23.58
N ILE A 298 -3.95 -10.57 -24.06
CA ILE A 298 -3.58 -11.84 -24.65
C ILE A 298 -2.94 -12.76 -23.62
N LYS A 299 -2.05 -12.21 -22.77
CA LYS A 299 -1.51 -13.02 -21.70
C LYS A 299 -2.59 -13.50 -20.74
N LYS A 300 -3.57 -12.64 -20.44
CA LYS A 300 -4.66 -13.01 -19.56
C LYS A 300 -5.54 -14.10 -20.18
N LEU A 301 -5.82 -13.99 -21.48
CA LEU A 301 -6.62 -15.04 -22.09
C LEU A 301 -5.88 -16.35 -22.08
N LEU A 302 -4.61 -16.34 -22.48
CA LEU A 302 -3.92 -17.63 -22.48
C LEU A 302 -3.79 -18.17 -21.07
N GLY A 303 -3.65 -17.29 -20.08
CA GLY A 303 -3.62 -17.68 -18.69
C GLY A 303 -4.94 -18.22 -18.18
N ARG A 304 -6.01 -18.08 -18.96
CA ARG A 304 -7.27 -18.68 -18.53
C ARG A 304 -7.41 -20.13 -18.97
N TYR A 305 -6.86 -20.52 -20.13
CA TYR A 305 -6.95 -21.90 -20.55
C TYR A 305 -5.87 -22.78 -19.93
N GLY A 306 -4.79 -22.19 -19.45
CA GLY A 306 -3.80 -22.96 -18.73
C GLY A 306 -2.37 -22.80 -19.19
N TYR A 307 -2.08 -21.77 -19.98
CA TYR A 307 -0.72 -21.49 -20.40
C TYR A 307 -0.13 -20.51 -19.40
N ALA A 308 0.81 -20.98 -18.58
CA ALA A 308 1.23 -20.18 -17.45
C ALA A 308 2.24 -19.09 -17.82
N TYR A 309 3.11 -19.35 -18.80
CA TYR A 309 4.21 -18.44 -19.12
C TYR A 309 4.32 -18.17 -20.61
N PRO A 310 3.31 -17.54 -21.19
CA PRO A 310 3.39 -17.18 -22.61
C PRO A 310 4.34 -16.01 -22.76
N ARG A 311 4.84 -15.83 -23.97
CA ARG A 311 5.64 -14.67 -24.33
C ARG A 311 4.90 -13.88 -25.40
N VAL A 312 4.67 -12.60 -25.12
CA VAL A 312 3.98 -11.69 -26.03
C VAL A 312 4.83 -10.46 -26.21
N GLN A 313 5.06 -10.09 -27.47
CA GLN A 313 5.84 -8.91 -27.79
C GLN A 313 5.21 -8.24 -29.00
N SER A 314 5.43 -6.93 -29.13
CA SER A 314 4.88 -6.21 -30.27
C SER A 314 5.85 -5.14 -30.71
N MET A 315 5.73 -4.77 -31.98
CA MET A 315 6.54 -3.69 -32.54
C MET A 315 5.76 -2.96 -33.62
N PRO A 316 5.54 -1.65 -33.48
CA PRO A 316 4.87 -0.89 -34.54
C PRO A 316 5.83 -0.59 -35.68
N GLU A 317 5.39 -0.89 -36.90
CA GLU A 317 6.11 -0.54 -38.11
C GLU A 317 5.61 0.82 -38.57
N ILE A 318 6.54 1.75 -38.78
CA ILE A 318 6.22 3.15 -39.03
C ILE A 318 6.30 3.42 -40.52
N ASN A 319 5.19 3.87 -41.10
CA ASN A 319 5.16 4.33 -42.49
C ASN A 319 5.08 5.85 -42.42
N ASP A 320 6.20 6.51 -42.71
CA ASP A 320 6.28 7.95 -42.54
C ASP A 320 5.61 8.67 -43.69
N ALA A 321 5.76 8.14 -44.91
CA ALA A 321 5.17 8.76 -46.07
C ALA A 321 3.66 8.86 -45.94
N ASP A 322 3.03 7.85 -45.34
CA ASP A 322 1.59 7.84 -45.15
C ASP A 322 1.16 8.16 -43.72
N LYS A 323 2.08 8.61 -42.88
CA LYS A 323 1.75 8.99 -41.50
C LYS A 323 0.88 7.93 -40.83
N THR A 324 1.31 6.67 -40.93
CA THR A 324 0.52 5.57 -40.41
C THR A 324 1.45 4.53 -39.80
N VAL A 325 0.89 3.68 -38.94
CA VAL A 325 1.62 2.55 -38.40
C VAL A 325 0.83 1.26 -38.61
N LYS A 326 1.57 0.15 -38.55
CA LYS A 326 0.99 -1.18 -38.57
C LYS A 326 1.63 -1.94 -37.42
N LEU A 327 0.83 -2.62 -36.61
CA LEU A 327 1.34 -3.27 -35.40
C LEU A 327 1.62 -4.75 -35.64
N ARG A 328 2.84 -5.18 -35.37
CA ARG A 328 3.23 -6.59 -35.49
C ARG A 328 3.25 -7.19 -34.09
N VAL A 329 2.45 -8.24 -33.88
CA VAL A 329 2.34 -8.88 -32.58
C VAL A 329 2.83 -10.32 -32.71
N ASN A 330 3.79 -10.68 -31.86
CA ASN A 330 4.40 -12.01 -31.86
C ASN A 330 4.06 -12.71 -30.56
N VAL A 331 3.37 -13.85 -30.68
CA VAL A 331 2.86 -14.62 -29.55
C VAL A 331 3.55 -15.98 -29.55
N ASP A 332 3.97 -16.43 -28.37
CA ASP A 332 4.48 -17.78 -28.15
C ASP A 332 3.78 -18.34 -26.92
N ALA A 333 2.83 -19.25 -27.13
CA ALA A 333 2.01 -19.75 -26.03
C ALA A 333 2.81 -20.55 -25.00
N GLY A 334 3.98 -21.04 -25.35
CA GLY A 334 4.70 -21.94 -24.44
C GLY A 334 4.00 -23.29 -24.30
N ASN A 335 3.70 -23.69 -23.07
CA ASN A 335 3.07 -24.98 -22.83
C ASN A 335 2.12 -24.90 -21.63
N ARG A 336 1.46 -26.03 -21.35
CA ARG A 336 0.54 -26.12 -20.22
C ARG A 336 1.30 -26.39 -18.93
N PHE A 337 0.77 -25.89 -17.83
CA PHE A 337 1.27 -26.28 -16.52
C PHE A 337 0.16 -26.88 -15.67
N TYR A 338 0.55 -27.83 -14.81
CA TYR A 338 -0.36 -28.50 -13.90
C TYR A 338 0.04 -28.18 -12.47
N VAL A 339 -0.93 -28.19 -11.56
CA VAL A 339 -0.64 -27.95 -10.15
C VAL A 339 -0.37 -29.31 -9.51
N ARG A 340 0.81 -29.47 -8.91
CA ARG A 340 1.15 -30.73 -8.26
C ARG A 340 0.69 -30.78 -6.81
N LYS A 341 1.13 -29.83 -5.98
CA LYS A 341 0.62 -29.69 -4.64
C LYS A 341 0.23 -28.25 -4.36
N ILE A 342 -0.80 -28.08 -3.54
CA ILE A 342 -1.13 -26.77 -2.97
C ILE A 342 -0.79 -26.82 -1.49
N ARG A 343 0.12 -25.96 -1.08
CA ARG A 343 0.60 -25.96 0.30
C ARG A 343 0.27 -24.63 0.95
N PHE A 344 0.04 -24.65 2.27
CA PHE A 344 -0.19 -23.44 3.05
C PHE A 344 0.89 -23.22 4.09
N GLU A 345 1.26 -21.95 4.27
CA GLU A 345 2.26 -21.56 5.25
C GLU A 345 1.75 -20.39 6.05
N GLY A 346 2.06 -20.38 7.35
CA GLY A 346 1.78 -19.27 8.22
C GLY A 346 0.56 -19.40 9.12
N ASN A 347 -0.34 -20.34 8.88
CA ASN A 347 -1.48 -20.51 9.77
C ASN A 347 -1.05 -21.32 10.98
N ASP A 348 -1.17 -20.75 12.18
CA ASP A 348 -0.80 -21.46 13.39
C ASP A 348 -1.97 -22.01 14.17
N THR A 349 -3.14 -21.36 14.11
CA THR A 349 -4.31 -21.82 14.84
C THR A 349 -5.41 -22.37 13.96
N SER A 350 -5.67 -21.76 12.80
CA SER A 350 -6.74 -22.23 11.95
C SER A 350 -6.44 -23.62 11.42
N LYS A 351 -7.46 -24.47 11.43
CA LYS A 351 -7.33 -25.82 10.92
C LYS A 351 -7.16 -25.80 9.40
N ASP A 352 -6.32 -26.69 8.88
CA ASP A 352 -6.08 -26.76 7.44
C ASP A 352 -7.36 -26.95 6.67
N ALA A 353 -8.31 -27.69 7.24
CA ALA A 353 -9.56 -27.89 6.54
C ALA A 353 -10.28 -26.59 6.31
N VAL A 354 -9.94 -25.52 7.04
CA VAL A 354 -10.57 -24.24 6.76
C VAL A 354 -10.01 -23.66 5.47
N LEU A 355 -8.69 -23.67 5.30
CA LEU A 355 -8.15 -23.02 4.13
C LEU A 355 -8.42 -23.84 2.88
N ARG A 356 -8.51 -25.16 3.00
CA ARG A 356 -8.73 -25.91 1.77
C ARG A 356 -10.19 -25.97 1.35
N ARG A 357 -11.09 -25.30 2.06
CA ARG A 357 -12.44 -25.21 1.56
C ARG A 357 -12.62 -24.05 0.60
N GLU A 358 -11.67 -23.13 0.58
CA GLU A 358 -11.80 -21.93 -0.23
C GLU A 358 -11.05 -21.97 -1.54
N MET A 359 -10.33 -23.03 -1.87
CA MET A 359 -9.57 -23.03 -3.10
C MET A 359 -10.46 -23.55 -4.21
N ARG A 360 -10.54 -22.81 -5.29
CA ARG A 360 -11.24 -23.28 -6.46
C ARG A 360 -10.34 -24.06 -7.41
N GLN A 361 -9.02 -23.86 -7.35
CA GLN A 361 -8.09 -24.65 -8.11
C GLN A 361 -7.74 -25.94 -7.38
N MET A 362 -8.05 -27.06 -8.01
CA MET A 362 -7.90 -28.38 -7.41
C MET A 362 -6.53 -28.93 -7.81
N GLU A 363 -5.94 -29.73 -6.95
CA GLU A 363 -4.73 -30.44 -7.33
C GLU A 363 -4.98 -31.54 -8.35
N GLY A 364 -3.97 -31.75 -9.19
CA GLY A 364 -4.03 -32.76 -10.21
C GLY A 364 -4.82 -32.38 -11.45
N ALA A 365 -4.91 -31.10 -11.75
CA ALA A 365 -5.67 -30.66 -12.90
C ALA A 365 -5.00 -29.43 -13.47
N TRP A 366 -5.47 -28.99 -14.62
CA TRP A 366 -4.77 -27.89 -15.27
C TRP A 366 -4.89 -26.60 -14.47
N LEU A 367 -3.83 -25.81 -14.52
CA LEU A 367 -3.77 -24.50 -13.91
C LEU A 367 -4.54 -23.46 -14.71
N GLY A 368 -5.14 -22.52 -13.99
CA GLY A 368 -5.66 -21.32 -14.61
C GLY A 368 -5.49 -20.17 -13.64
N SER A 369 -5.16 -18.97 -14.09
CA SER A 369 -5.02 -17.90 -13.12
C SER A 369 -6.37 -17.33 -12.71
N ASP A 370 -7.38 -17.46 -13.56
CA ASP A 370 -8.71 -16.96 -13.23
C ASP A 370 -9.32 -17.76 -12.10
N LEU A 371 -8.86 -18.99 -11.91
CA LEU A 371 -9.29 -19.81 -10.79
C LEU A 371 -8.46 -19.59 -9.54
N VAL A 372 -7.13 -19.50 -9.66
CA VAL A 372 -6.31 -19.28 -8.48
C VAL A 372 -6.61 -17.92 -7.86
N ASP A 373 -6.81 -16.89 -8.69
CA ASP A 373 -7.04 -15.58 -8.10
C ASP A 373 -8.29 -15.53 -7.26
N GLN A 374 -9.25 -16.45 -7.45
CA GLN A 374 -10.44 -16.34 -6.63
C GLN A 374 -10.16 -16.77 -5.20
N GLY A 375 -9.12 -17.58 -4.98
CA GLY A 375 -8.81 -17.98 -3.63
C GLY A 375 -8.47 -16.80 -2.74
N LYS A 376 -7.81 -15.79 -3.31
CA LYS A 376 -7.46 -14.62 -2.53
C LYS A 376 -8.70 -13.86 -2.09
N GLU A 377 -9.68 -13.74 -2.99
CA GLU A 377 -10.91 -13.05 -2.64
C GLU A 377 -11.72 -13.86 -1.64
N ARG A 378 -11.77 -15.17 -1.82
CA ARG A 378 -12.57 -15.99 -0.92
C ARG A 378 -11.99 -15.92 0.50
N LEU A 379 -10.67 -15.98 0.62
CA LEU A 379 -10.07 -15.93 1.94
C LEU A 379 -10.19 -14.55 2.56
N ASN A 380 -10.10 -13.50 1.75
CA ASN A 380 -10.30 -12.17 2.32
C ASN A 380 -11.75 -11.98 2.76
N ARG A 381 -12.70 -12.52 2.01
CA ARG A 381 -14.09 -12.40 2.42
C ARG A 381 -14.36 -13.18 3.69
N LEU A 382 -13.61 -14.27 3.92
CA LEU A 382 -13.82 -15.01 5.16
C LEU A 382 -13.66 -14.09 6.35
N GLY A 383 -12.70 -13.16 6.27
CA GLY A 383 -12.45 -12.19 7.32
C GLY A 383 -11.55 -12.62 8.45
N PHE A 384 -10.90 -13.77 8.37
CA PHE A 384 -10.07 -14.22 9.47
C PHE A 384 -8.65 -13.68 9.41
N PHE A 385 -8.16 -13.31 8.22
CA PHE A 385 -6.75 -13.07 8.02
C PHE A 385 -6.47 -11.59 7.74
N GLU A 386 -5.27 -11.14 8.12
CA GLU A 386 -4.85 -9.79 7.74
C GLU A 386 -4.42 -9.68 6.29
N THR A 387 -3.63 -10.63 5.80
CA THR A 387 -3.18 -10.61 4.41
C THR A 387 -3.21 -12.01 3.81
N VAL A 388 -3.34 -12.05 2.49
CA VAL A 388 -3.17 -13.27 1.71
C VAL A 388 -2.22 -13.00 0.57
N ASP A 389 -1.05 -13.63 0.60
CA ASP A 389 0.00 -13.45 -0.40
C ASP A 389 0.10 -14.73 -1.23
N THR A 390 -0.24 -14.63 -2.51
CA THR A 390 -0.21 -15.80 -3.38
C THR A 390 1.16 -15.95 -4.03
N ASP A 391 1.40 -17.13 -4.57
CA ASP A 391 2.66 -17.42 -5.26
C ASP A 391 2.49 -18.64 -6.12
N THR A 392 3.26 -18.72 -7.20
CA THR A 392 3.23 -19.84 -8.12
C THR A 392 4.65 -20.36 -8.36
N GLN A 393 5.32 -20.80 -7.30
CA GLN A 393 6.72 -21.19 -7.45
C GLN A 393 6.83 -22.42 -8.33
N ARG A 394 7.73 -22.38 -9.30
CA ARG A 394 7.88 -23.52 -10.19
C ARG A 394 8.62 -24.66 -9.50
N VAL A 395 8.26 -25.89 -9.88
CA VAL A 395 8.90 -27.09 -9.33
C VAL A 395 10.28 -27.27 -9.93
N PRO A 396 11.34 -27.35 -9.11
CA PRO A 396 12.67 -27.61 -9.67
C PRO A 396 12.74 -28.95 -10.36
N GLY A 397 13.46 -28.99 -11.48
CA GLY A 397 13.67 -30.22 -12.21
C GLY A 397 12.47 -30.77 -12.93
N SER A 398 11.53 -29.92 -13.34
CA SER A 398 10.31 -30.38 -14.00
C SER A 398 9.90 -29.36 -15.04
N PRO A 399 9.50 -29.78 -16.24
CA PRO A 399 9.20 -28.82 -17.29
C PRO A 399 7.84 -28.15 -17.21
N ASP A 400 6.87 -28.69 -16.47
CA ASP A 400 5.49 -28.23 -16.65
C ASP A 400 4.65 -28.36 -15.37
N GLN A 401 5.26 -28.10 -14.22
CA GLN A 401 4.52 -28.23 -12.96
C GLN A 401 4.74 -27.00 -12.10
N VAL A 402 3.72 -26.58 -11.37
CA VAL A 402 3.81 -25.44 -10.46
C VAL A 402 3.27 -25.79 -9.08
N ASP A 403 3.91 -25.24 -8.04
CA ASP A 403 3.49 -25.35 -6.64
C ASP A 403 2.92 -24.02 -6.17
N VAL A 404 1.60 -23.96 -6.05
CA VAL A 404 0.93 -22.75 -5.64
C VAL A 404 0.92 -22.71 -4.12
N VAL A 405 1.38 -21.61 -3.53
CA VAL A 405 1.50 -21.51 -2.08
C VAL A 405 0.85 -20.23 -1.60
N TYR A 406 0.00 -20.35 -0.58
CA TYR A 406 -0.65 -19.21 0.04
C TYR A 406 0.00 -18.96 1.40
N LYS A 407 0.47 -17.74 1.63
CA LYS A 407 0.99 -17.34 2.94
C LYS A 407 0.03 -16.36 3.59
N VAL A 408 -0.39 -16.65 4.82
CA VAL A 408 -1.38 -15.84 5.51
C VAL A 408 -0.87 -15.50 6.91
N LYS A 409 -1.42 -14.42 7.48
CA LYS A 409 -1.16 -14.05 8.87
C LYS A 409 -2.47 -13.85 9.63
N GLU A 410 -2.69 -14.64 10.66
CA GLU A 410 -3.96 -14.65 11.39
C GLU A 410 -4.08 -13.46 12.32
N ARG A 411 -5.27 -12.88 12.39
CA ARG A 411 -5.57 -11.86 13.38
C ARG A 411 -6.17 -12.50 14.62
N ASN A 412 -5.84 -11.94 15.78
CA ASN A 412 -6.50 -12.28 17.03
C ASN A 412 -7.99 -12.00 16.89
N THR A 413 -8.81 -13.06 16.88
CA THR A 413 -10.16 -13.01 16.31
C THR A 413 -11.20 -12.47 17.29
N GLY A 414 -11.28 -13.03 18.49
CA GLY A 414 -12.36 -12.71 19.41
C GLY A 414 -11.86 -12.61 20.83
N CYS A 415 -12.80 -12.39 21.76
CA CYS A 415 -12.39 -12.04 23.11
C CYS A 415 -13.26 -12.72 24.17
N PHE A 416 -12.65 -12.83 25.35
CA PHE A 416 -13.26 -13.33 26.58
C PHE A 416 -13.40 -12.16 27.55
N ASN A 417 -14.64 -11.71 27.78
CA ASN A 417 -14.90 -10.55 28.61
C ASN A 417 -15.59 -10.97 29.90
N PHE A 418 -15.04 -10.54 31.03
CA PHE A 418 -15.63 -10.84 32.33
C PHE A 418 -15.49 -9.63 33.24
N GLY A 419 -16.52 -9.36 34.04
CA GLY A 419 -16.40 -8.43 35.14
C GLY A 419 -17.48 -8.69 36.17
N ILE A 420 -17.16 -8.37 37.42
CA ILE A 420 -18.07 -8.58 38.53
C ILE A 420 -18.15 -7.30 39.36
N GLY A 421 -19.36 -6.97 39.79
CA GLY A 421 -19.60 -5.78 40.60
C GLY A 421 -20.01 -6.21 42.01
N TYR A 422 -19.55 -5.46 42.99
CA TYR A 422 -19.91 -5.72 44.38
C TYR A 422 -19.79 -4.46 45.23
N GLY A 423 -20.76 -4.28 46.12
CA GLY A 423 -20.65 -3.22 47.11
C GLY A 423 -21.86 -3.20 48.01
N THR A 424 -21.79 -2.33 49.03
CA THR A 424 -22.89 -2.22 49.98
C THR A 424 -24.12 -1.54 49.36
N GLU A 425 -23.91 -0.67 48.38
CA GLU A 425 -25.01 -0.04 47.66
C GLU A 425 -25.31 -0.71 46.33
N SER A 426 -24.31 -1.34 45.73
CA SER A 426 -24.44 -2.00 44.45
C SER A 426 -24.95 -3.43 44.58
N GLY A 427 -24.77 -4.06 45.74
CA GLY A 427 -25.14 -5.44 45.89
C GLY A 427 -24.13 -6.31 45.16
N VAL A 428 -24.61 -7.42 44.61
CA VAL A 428 -23.79 -8.41 43.92
C VAL A 428 -24.32 -8.51 42.50
N SER A 429 -23.44 -8.31 41.52
CA SER A 429 -23.85 -8.40 40.12
C SER A 429 -22.67 -8.88 39.30
N PHE A 430 -22.96 -9.36 38.09
CA PHE A 430 -21.88 -9.75 37.20
C PHE A 430 -22.32 -9.58 35.76
N GLN A 431 -21.32 -9.53 34.89
CA GLN A 431 -21.48 -9.54 33.44
C GLN A 431 -20.34 -10.33 32.83
N ALA A 432 -20.65 -11.25 31.92
CA ALA A 432 -19.58 -12.01 31.29
C ALA A 432 -20.06 -12.51 29.95
N GLY A 433 -19.10 -12.86 29.11
CA GLY A 433 -19.40 -13.48 27.84
C GLY A 433 -18.14 -13.74 27.07
N VAL A 434 -18.30 -14.52 26.01
CA VAL A 434 -17.22 -14.91 25.12
C VAL A 434 -17.76 -14.73 23.71
N GLN A 435 -16.96 -14.14 22.84
CA GLN A 435 -17.39 -13.97 21.46
C GLN A 435 -16.23 -14.33 20.55
N GLN A 436 -16.42 -15.34 19.71
CA GLN A 436 -15.39 -15.66 18.73
C GLN A 436 -15.99 -16.02 17.39
N ASP A 437 -15.38 -15.51 16.33
CA ASP A 437 -15.82 -15.83 14.99
C ASP A 437 -15.16 -17.11 14.51
N ASN A 438 -14.18 -17.58 15.27
CA ASN A 438 -13.39 -18.75 14.91
C ASN A 438 -13.06 -19.41 16.24
N TRP A 439 -13.66 -20.56 16.50
CA TRP A 439 -13.61 -21.17 17.81
C TRP A 439 -12.43 -22.13 17.81
N LEU A 440 -11.35 -21.75 18.48
CA LEU A 440 -10.18 -22.62 18.57
C LEU A 440 -9.68 -22.99 17.19
N GLY A 441 -10.00 -22.16 16.20
CA GLY A 441 -9.57 -22.38 14.84
C GLY A 441 -10.32 -23.41 14.03
N THR A 442 -11.46 -23.89 14.50
CA THR A 442 -12.14 -24.97 13.78
C THR A 442 -13.18 -24.47 12.80
N GLY A 443 -13.37 -23.16 12.68
CA GLY A 443 -14.35 -22.62 11.76
C GLY A 443 -15.71 -22.31 12.35
N TYR A 444 -16.01 -22.78 13.56
CA TYR A 444 -17.30 -22.50 14.16
C TYR A 444 -17.29 -21.10 14.75
N ALA A 445 -18.43 -20.42 14.67
CA ALA A 445 -18.61 -19.12 15.32
C ALA A 445 -19.50 -19.29 16.53
N VAL A 446 -19.10 -18.74 17.68
CA VAL A 446 -19.87 -18.91 18.89
C VAL A 446 -20.03 -17.57 19.58
N GLY A 447 -21.13 -17.48 20.35
CA GLY A 447 -21.40 -16.33 21.18
C GLY A 447 -22.10 -16.73 22.46
N ILE A 448 -21.49 -16.39 23.58
CA ILE A 448 -22.03 -16.66 24.91
C ILE A 448 -22.09 -15.33 25.65
N ASN A 449 -23.25 -15.01 26.20
CA ASN A 449 -23.41 -13.79 26.96
C ASN A 449 -24.30 -14.07 28.14
N GLY A 450 -24.04 -13.36 29.24
CA GLY A 450 -24.92 -13.40 30.37
C GLY A 450 -24.61 -12.33 31.38
N THR A 451 -25.62 -11.92 32.13
CA THR A 451 -25.41 -10.94 33.18
C THR A 451 -26.55 -11.04 34.17
N LYS A 452 -26.25 -10.64 35.40
CA LYS A 452 -27.24 -10.67 36.47
C LYS A 452 -27.00 -9.52 37.42
N ASN A 453 -28.11 -8.93 37.87
CA ASN A 453 -28.10 -7.95 38.94
C ASN A 453 -29.42 -8.12 39.71
N ASP A 454 -29.71 -7.17 40.59
CA ASP A 454 -30.82 -7.32 41.52
C ASP A 454 -32.17 -6.98 40.90
N TYR A 455 -32.18 -6.49 39.66
CA TYR A 455 -33.42 -6.16 38.98
C TYR A 455 -33.56 -6.76 37.59
N GLN A 456 -32.50 -7.30 37.01
CA GLN A 456 -32.56 -7.80 35.64
C GLN A 456 -31.65 -9.00 35.48
N THR A 457 -32.11 -9.98 34.71
CA THR A 457 -31.30 -11.14 34.39
C THR A 457 -31.32 -11.32 32.88
N TYR A 458 -30.19 -11.72 32.31
CA TYR A 458 -30.12 -11.98 30.87
C TYR A 458 -29.15 -13.11 30.60
N ALA A 459 -29.50 -13.98 29.65
CA ALA A 459 -28.61 -15.01 29.16
C ALA A 459 -28.86 -15.23 27.68
N GLU A 460 -27.79 -15.50 26.93
CA GLU A 460 -27.90 -15.77 25.50
C GLU A 460 -26.78 -16.71 25.08
N LEU A 461 -27.14 -17.68 24.23
CA LEU A 461 -26.19 -18.62 23.65
C LEU A 461 -26.50 -18.80 22.18
N SER A 462 -25.47 -18.72 21.32
CA SER A 462 -25.66 -19.07 19.92
C SER A 462 -24.42 -19.76 19.38
N VAL A 463 -24.66 -20.63 18.40
CA VAL A 463 -23.60 -21.34 17.70
C VAL A 463 -23.93 -21.41 16.23
N THR A 464 -22.93 -21.18 15.37
CA THR A 464 -23.08 -21.32 13.94
C THR A 464 -21.94 -22.18 13.39
N ASN A 465 -22.31 -23.15 12.57
CA ASN A 465 -21.40 -23.98 11.78
C ASN A 465 -21.50 -23.58 10.32
N PRO A 466 -20.50 -22.92 9.74
CA PRO A 466 -20.65 -22.47 8.36
C PRO A 466 -20.63 -23.61 7.38
N TYR A 467 -20.11 -24.76 7.79
CA TYR A 467 -19.96 -25.93 6.91
C TYR A 467 -20.46 -27.15 7.67
N PHE A 468 -21.70 -27.52 7.39
CA PHE A 468 -22.25 -28.80 7.83
C PHE A 468 -21.96 -29.86 6.79
N THR A 469 -22.09 -29.50 5.52
CA THR A 469 -21.73 -30.36 4.41
C THR A 469 -20.62 -29.66 3.64
N VAL A 470 -19.89 -30.43 2.83
CA VAL A 470 -18.80 -29.87 2.06
C VAL A 470 -19.26 -28.95 0.95
N ASP A 471 -20.52 -29.01 0.53
CA ASP A 471 -20.96 -28.08 -0.51
C ASP A 471 -21.35 -26.70 -0.01
N GLY A 472 -21.23 -26.39 1.28
CA GLY A 472 -21.64 -25.08 1.76
C GLY A 472 -22.89 -24.97 2.62
N VAL A 473 -23.60 -26.05 2.93
CA VAL A 473 -24.76 -25.92 3.79
C VAL A 473 -24.32 -25.59 5.21
N SER A 474 -24.93 -24.56 5.80
CA SER A 474 -24.59 -24.11 7.15
C SER A 474 -25.78 -24.26 8.08
N LEU A 475 -25.48 -24.56 9.35
CA LEU A 475 -26.48 -24.70 10.41
C LEU A 475 -26.14 -23.84 11.61
N GLY A 476 -27.15 -23.28 12.25
CA GLY A 476 -26.86 -22.61 13.50
C GLY A 476 -28.13 -22.22 14.21
N GLY A 477 -27.97 -21.83 15.47
CA GLY A 477 -29.15 -21.47 16.23
C GLY A 477 -28.76 -20.87 17.57
N ARG A 478 -29.79 -20.50 18.32
CA ARG A 478 -29.56 -19.86 19.59
C ARG A 478 -30.73 -20.08 20.54
N LEU A 479 -30.43 -19.86 21.83
CA LEU A 479 -31.40 -19.81 22.91
C LEU A 479 -31.15 -18.53 23.69
N PHE A 480 -32.22 -17.91 24.18
CA PHE A 480 -32.07 -16.75 25.04
C PHE A 480 -33.15 -16.73 26.11
N TYR A 481 -32.84 -16.01 27.18
CA TYR A 481 -33.75 -15.76 28.29
C TYR A 481 -33.46 -14.37 28.83
N ASN A 482 -34.48 -13.65 29.26
CA ASN A 482 -34.25 -12.48 30.09
C ASN A 482 -35.48 -12.15 30.90
N ASP A 483 -35.27 -11.32 31.92
CA ASP A 483 -36.39 -10.72 32.64
C ASP A 483 -35.94 -9.45 33.33
N PHE A 484 -36.91 -8.58 33.59
CA PHE A 484 -36.72 -7.34 34.30
C PHE A 484 -37.92 -7.08 35.21
N GLN A 485 -37.63 -6.59 36.42
CA GLN A 485 -38.64 -6.19 37.38
C GLN A 485 -38.46 -4.71 37.68
N ALA A 486 -39.56 -3.98 37.77
CA ALA A 486 -39.51 -2.55 38.03
C ALA A 486 -39.34 -2.29 39.53
N TYR A 494 -42.61 -1.59 34.93
CA TYR A 494 -43.43 -2.79 34.89
C TYR A 494 -42.58 -4.05 34.85
N THR A 495 -43.21 -5.20 34.83
CA THR A 495 -42.51 -6.48 34.84
C THR A 495 -42.53 -7.06 33.43
N ASN A 496 -41.36 -7.49 32.95
CA ASN A 496 -41.23 -7.97 31.58
C ASN A 496 -40.36 -9.21 31.59
N LYS A 497 -40.91 -10.34 31.14
CA LYS A 497 -40.15 -11.58 31.10
C LYS A 497 -40.27 -12.17 29.70
N SER A 498 -39.16 -12.70 29.17
CA SER A 498 -39.24 -13.31 27.86
C SER A 498 -38.15 -14.36 27.71
N TYR A 499 -38.37 -15.28 26.78
CA TYR A 499 -37.37 -16.26 26.41
C TYR A 499 -37.76 -16.88 25.08
N GLY A 500 -36.80 -17.56 24.46
CA GLY A 500 -37.11 -18.23 23.21
C GLY A 500 -35.88 -18.84 22.58
N THR A 501 -36.12 -19.54 21.47
CA THR A 501 -35.06 -20.21 20.74
C THR A 501 -35.34 -20.11 19.25
N ASP A 502 -34.30 -20.30 18.45
CA ASP A 502 -34.49 -20.43 17.01
C ASP A 502 -33.37 -21.23 16.38
N VAL A 503 -33.68 -21.84 15.24
CA VAL A 503 -32.73 -22.61 14.44
C VAL A 503 -32.83 -22.17 12.99
N THR A 504 -31.69 -21.90 12.37
CA THR A 504 -31.58 -21.44 11.00
C THR A 504 -30.70 -22.38 10.20
N LEU A 505 -31.12 -22.63 8.96
CA LEU A 505 -30.39 -23.37 7.96
C LEU A 505 -30.12 -22.43 6.79
N GLY A 506 -28.96 -22.53 6.17
CA GLY A 506 -28.69 -21.69 5.01
C GLY A 506 -27.77 -22.38 4.03
N PHE A 507 -27.76 -21.86 2.80
CA PHE A 507 -26.91 -22.42 1.78
C PHE A 507 -26.74 -21.48 0.60
N PRO A 508 -25.60 -21.54 -0.09
CA PRO A 508 -25.39 -20.75 -1.30
C PRO A 508 -26.12 -21.32 -2.51
N ILE A 509 -26.57 -20.43 -3.40
CA ILE A 509 -27.13 -20.82 -4.69
C ILE A 509 -26.26 -20.43 -5.87
N ASN A 510 -25.26 -19.57 -5.67
CA ASN A 510 -24.25 -19.35 -6.70
C ASN A 510 -23.01 -18.76 -6.02
N GLU A 511 -22.13 -18.16 -6.81
CA GLU A 511 -20.89 -17.64 -6.24
C GLU A 511 -21.10 -16.47 -5.28
N TYR A 512 -22.15 -15.67 -5.46
CA TYR A 512 -22.31 -14.49 -4.64
C TYR A 512 -23.58 -14.42 -3.81
N ASN A 513 -24.60 -15.20 -4.10
CA ASN A 513 -25.88 -15.10 -3.41
C ASN A 513 -26.10 -16.29 -2.49
N SER A 514 -26.83 -16.06 -1.40
CA SER A 514 -27.18 -17.19 -0.56
C SER A 514 -28.54 -16.98 0.11
N LEU A 515 -29.12 -18.10 0.53
CA LEU A 515 -30.45 -18.15 1.13
C LEU A 515 -30.37 -18.72 2.54
N ARG A 516 -31.23 -18.21 3.42
CA ARG A 516 -31.42 -18.75 4.76
C ARG A 516 -32.90 -18.88 5.04
N ALA A 517 -33.25 -19.88 5.84
CA ALA A 517 -34.61 -20.05 6.34
C ALA A 517 -34.52 -20.82 7.64
N GLY A 518 -35.52 -20.66 8.49
CA GLY A 518 -35.51 -21.39 9.73
C GLY A 518 -36.76 -21.15 10.55
N LEU A 519 -36.80 -21.80 11.70
CA LEU A 519 -37.95 -21.77 12.59
C LEU A 519 -37.54 -21.33 13.98
N GLY A 520 -38.50 -20.76 14.72
CA GLY A 520 -38.20 -20.40 16.09
C GLY A 520 -39.46 -20.22 16.90
N TYR A 521 -39.27 -20.19 18.22
CA TYR A 521 -40.37 -20.09 19.16
C TYR A 521 -40.03 -19.00 20.16
N VAL A 522 -41.00 -18.14 20.48
CA VAL A 522 -40.80 -17.06 21.42
C VAL A 522 -41.95 -17.05 22.41
N HIS A 523 -41.63 -16.96 23.69
CA HIS A 523 -42.64 -16.89 24.72
C HIS A 523 -42.30 -15.66 25.55
N ASN A 524 -43.31 -14.90 25.96
CA ASN A 524 -43.06 -13.76 26.82
C ASN A 524 -44.29 -13.47 27.64
N SER A 525 -44.11 -12.61 28.65
CA SER A 525 -45.20 -12.14 29.47
C SER A 525 -44.87 -10.74 29.95
N LEU A 526 -45.92 -9.96 30.17
CA LEU A 526 -45.85 -8.62 30.70
C LEU A 526 -46.83 -8.52 31.84
N SER A 527 -46.48 -7.73 32.84
CA SER A 527 -47.43 -7.43 33.91
C SER A 527 -47.18 -6.05 34.46
N ASN A 528 -48.22 -5.48 35.07
CA ASN A 528 -48.17 -4.13 35.62
C ASN A 528 -47.78 -3.11 34.57
N MET A 529 -48.32 -3.26 33.36
CA MET A 529 -47.96 -2.37 32.28
C MET A 529 -48.43 -0.97 32.59
N GLN A 530 -47.58 0.01 32.35
CA GLN A 530 -47.97 1.39 32.56
C GLN A 530 -49.04 1.77 31.53
N PRO A 531 -50.08 2.50 31.94
CA PRO A 531 -51.16 2.86 31.01
C PRO A 531 -50.78 3.86 29.93
N GLN A 532 -50.57 3.36 28.71
CA GLN A 532 -50.23 4.21 27.57
C GLN A 532 -51.16 3.90 26.40
N VAL A 533 -51.39 4.93 25.58
CA VAL A 533 -52.28 4.81 24.44
C VAL A 533 -51.72 3.86 23.39
N ALA A 534 -50.42 3.98 23.08
CA ALA A 534 -49.84 3.15 22.03
C ALA A 534 -49.92 1.68 22.38
N MET A 535 -49.70 1.35 23.64
CA MET A 535 -49.78 -0.05 24.06
C MET A 535 -51.23 -0.52 24.08
N TRP A 536 -52.14 0.33 24.54
CA TRP A 536 -53.50 -0.14 24.71
C TRP A 536 -54.23 -0.26 23.38
N ARG A 537 -53.94 0.56 22.38
CA ARG A 537 -54.61 0.33 21.09
C ARG A 537 -54.36 -1.09 20.60
N TYR A 538 -53.10 -1.52 20.71
CA TYR A 538 -52.73 -2.90 20.41
C TYR A 538 -53.48 -3.89 21.30
N LEU A 539 -53.52 -3.62 22.61
CA LEU A 539 -54.19 -4.56 23.49
C LEU A 539 -55.66 -4.66 23.12
N TYR A 540 -56.28 -3.54 22.78
CA TYR A 540 -57.69 -3.57 22.40
C TYR A 540 -57.87 -4.42 21.17
N SER A 541 -56.91 -4.34 20.24
CA SER A 541 -57.08 -5.08 19.00
C SER A 541 -57.08 -6.59 19.21
N MET A 542 -56.58 -7.07 20.35
CA MET A 542 -56.54 -8.51 20.60
C MET A 542 -57.71 -8.98 21.46
N GLY A 543 -58.57 -8.08 21.90
CA GLY A 543 -59.66 -8.42 22.80
C GLY A 543 -59.37 -8.17 24.25
N GLU A 544 -58.28 -7.45 24.58
CA GLU A 544 -57.96 -7.11 25.95
C GLU A 544 -58.69 -5.83 26.35
N HIS A 545 -59.04 -5.75 27.64
CA HIS A 545 -59.77 -4.59 28.16
C HIS A 545 -59.23 -4.18 29.52
N PRO A 546 -58.03 -3.63 29.55
CA PRO A 546 -57.50 -3.12 30.83
C PRO A 546 -58.30 -1.93 31.31
N SER A 547 -58.42 -1.80 32.63
CA SER A 547 -59.11 -0.65 33.18
C SER A 547 -58.27 0.62 33.02
N THR A 548 -58.95 1.72 32.76
CA THR A 548 -58.28 2.99 32.50
C THR A 548 -57.36 3.39 33.65
N SER A 549 -56.11 3.68 33.30
CA SER A 549 -55.06 4.06 34.25
C SER A 549 -54.90 3.07 35.39
N ASP A 550 -55.36 1.83 35.23
CA ASP A 550 -55.22 0.80 36.25
C ASP A 550 -53.98 -0.04 35.96
N GLN A 551 -53.01 0.00 36.88
CA GLN A 551 -51.76 -0.72 36.68
C GLN A 551 -51.89 -2.21 37.00
N ASP A 552 -53.02 -2.64 37.52
CA ASP A 552 -53.28 -4.04 37.88
C ASP A 552 -53.69 -4.82 36.64
N ASN A 553 -52.70 -5.38 35.94
CA ASN A 553 -52.95 -5.94 34.62
C ASN A 553 -51.89 -7.00 34.34
N SER A 554 -52.14 -7.78 33.27
CA SER A 554 -51.15 -8.75 32.80
C SER A 554 -51.49 -9.18 31.38
N PHE A 555 -50.50 -9.80 30.73
CA PHE A 555 -50.68 -10.41 29.42
C PHE A 555 -49.57 -11.41 29.17
N LYS A 556 -49.90 -12.49 28.46
CA LYS A 556 -48.92 -13.50 28.07
C LYS A 556 -49.02 -13.76 26.58
N THR A 557 -47.87 -14.04 25.95
CA THR A 557 -47.79 -14.30 24.52
C THR A 557 -46.96 -15.56 24.29
N ASP A 558 -47.45 -16.43 23.40
CA ASP A 558 -46.70 -17.57 22.90
C ASP A 558 -46.76 -17.58 21.37
N ASP A 559 -45.68 -17.18 20.70
CA ASP A 559 -45.68 -17.05 19.25
C ASP A 559 -44.72 -18.04 18.60
N PHE A 560 -45.15 -18.64 17.50
CA PHE A 560 -44.30 -19.47 16.64
C PHE A 560 -43.94 -18.67 15.40
N THR A 561 -42.65 -18.61 15.08
CA THR A 561 -42.15 -17.72 14.04
C THR A 561 -41.44 -18.52 12.96
N PHE A 562 -41.65 -18.11 11.71
CA PHE A 562 -40.85 -18.56 10.59
C PHE A 562 -39.95 -17.42 10.09
N ASN A 563 -38.66 -17.71 9.95
CA ASN A 563 -37.64 -16.73 9.61
C ASN A 563 -37.12 -17.02 8.21
N TYR A 564 -36.81 -15.98 7.45
CA TYR A 564 -36.15 -16.18 6.16
C TYR A 564 -35.25 -14.99 5.86
N GLY A 565 -34.32 -15.21 4.95
CA GLY A 565 -33.42 -14.15 4.52
C GLY A 565 -32.65 -14.48 3.25
N TRP A 566 -32.35 -13.45 2.49
CA TRP A 566 -31.53 -13.50 1.29
C TRP A 566 -30.35 -12.57 1.44
N THR A 567 -29.16 -13.00 1.00
CA THR A 567 -28.01 -12.13 1.07
C THR A 567 -27.27 -12.12 -0.26
N TYR A 568 -26.56 -11.02 -0.46
CA TYR A 568 -25.65 -10.81 -1.58
C TYR A 568 -24.41 -10.17 -0.98
N ASN A 569 -23.24 -10.70 -1.33
CA ASN A 569 -21.98 -10.15 -0.83
C ASN A 569 -20.89 -10.27 -1.88
N LYS A 570 -20.48 -9.13 -2.43
CA LYS A 570 -19.37 -9.05 -3.38
C LYS A 570 -18.22 -8.21 -2.85
N LEU A 571 -18.10 -8.07 -1.53
CA LEU A 571 -17.07 -7.21 -0.97
C LEU A 571 -15.68 -7.86 -1.03
N ASP A 572 -14.67 -6.99 -1.08
CA ASP A 572 -13.27 -7.39 -1.27
C ASP A 572 -12.55 -7.70 0.04
N ARG A 573 -13.00 -7.17 1.17
CA ARG A 573 -12.31 -7.33 2.44
C ARG A 573 -13.28 -7.54 3.58
N GLY A 574 -12.77 -8.13 4.66
CA GLY A 574 -13.55 -8.34 5.86
C GLY A 574 -13.54 -7.23 6.89
N TYR A 575 -12.48 -6.43 6.95
CA TYR A 575 -12.37 -5.37 7.96
C TYR A 575 -12.66 -3.96 7.44
N PHE A 576 -12.00 -3.55 6.36
CA PHE A 576 -12.19 -2.23 5.77
C PHE A 576 -12.48 -2.36 4.28
N PRO A 577 -13.73 -2.62 3.92
CA PRO A 577 -14.03 -2.87 2.51
C PRO A 577 -13.68 -1.66 1.65
N THR A 578 -13.31 -1.96 0.40
CA THR A 578 -13.02 -0.92 -0.57
C THR A 578 -13.83 -1.01 -1.85
N ASP A 579 -14.46 -2.14 -2.16
CA ASP A 579 -15.24 -2.26 -3.37
C ASP A 579 -16.43 -3.16 -3.14
N GLY A 580 -17.23 -3.31 -4.18
CA GLY A 580 -18.39 -4.15 -4.11
C GLY A 580 -19.52 -3.55 -3.30
N SER A 581 -20.53 -4.38 -3.06
CA SER A 581 -21.70 -3.96 -2.31
C SER A 581 -22.23 -5.15 -1.53
N ARG A 582 -23.07 -4.85 -0.55
CA ARG A 582 -23.67 -5.86 0.32
C ARG A 582 -25.16 -5.58 0.46
N VAL A 583 -25.97 -6.63 0.34
CA VAL A 583 -27.40 -6.52 0.58
C VAL A 583 -27.83 -7.65 1.51
N ASN A 584 -28.60 -7.31 2.53
CA ASN A 584 -29.10 -8.26 3.52
C ASN A 584 -30.62 -8.07 3.71
N LEU A 585 -31.42 -8.90 3.05
CA LEU A 585 -32.88 -8.81 3.12
C LEU A 585 -33.40 -9.89 4.05
N THR A 586 -34.03 -9.50 5.16
CA THR A 586 -34.45 -10.51 6.13
C THR A 586 -35.88 -10.23 6.54
N GLY A 587 -36.53 -11.25 7.09
CA GLY A 587 -37.85 -11.02 7.64
C GLY A 587 -38.39 -12.28 8.28
N LYS A 588 -39.57 -12.12 8.90
CA LYS A 588 -40.22 -13.22 9.57
C LYS A 588 -41.73 -13.05 9.49
N VAL A 589 -42.43 -14.18 9.56
CA VAL A 589 -43.88 -14.18 9.61
C VAL A 589 -44.36 -15.13 10.69
N THR A 590 -45.53 -14.82 11.24
CA THR A 590 -46.15 -15.69 12.23
C THR A 590 -46.68 -16.94 11.55
N ILE A 591 -46.56 -18.08 12.22
CA ILE A 591 -47.17 -19.30 11.71
C ILE A 591 -48.61 -19.37 12.23
N PRO A 592 -49.59 -19.70 11.39
CA PRO A 592 -50.97 -19.77 11.87
C PRO A 592 -51.10 -20.62 13.13
N GLY A 593 -51.91 -20.13 14.05
CA GLY A 593 -52.02 -20.71 15.38
C GLY A 593 -51.22 -19.99 16.44
N SER A 594 -50.35 -19.06 16.05
CA SER A 594 -49.60 -18.30 17.03
C SER A 594 -50.52 -17.34 17.76
N ASP A 595 -50.08 -16.89 18.93
CA ASP A 595 -50.86 -15.89 19.66
C ASP A 595 -50.96 -14.60 18.86
N ASN A 596 -49.85 -14.15 18.29
CA ASN A 596 -49.84 -12.98 17.43
C ASN A 596 -49.84 -13.38 15.96
N GLU A 597 -50.29 -12.46 15.12
CA GLU A 597 -50.32 -12.67 13.67
C GLU A 597 -49.69 -11.44 13.01
N TYR A 598 -48.50 -11.59 12.44
CA TYR A 598 -47.84 -10.42 11.88
C TYR A 598 -46.71 -10.84 10.96
N TYR A 599 -46.11 -9.83 10.33
CA TYR A 599 -44.93 -10.00 9.48
C TYR A 599 -44.01 -8.80 9.70
N LYS A 600 -42.72 -9.02 9.46
CA LYS A 600 -41.72 -7.98 9.62
C LYS A 600 -40.61 -8.17 8.59
N VAL A 601 -40.22 -7.09 7.91
CA VAL A 601 -39.19 -7.14 6.88
C VAL A 601 -38.20 -6.01 7.10
N THR A 602 -36.91 -6.32 6.93
CA THR A 602 -35.84 -5.35 7.06
C THR A 602 -34.90 -5.54 5.88
N LEU A 603 -34.13 -4.49 5.59
CA LEU A 603 -33.19 -4.54 4.47
C LEU A 603 -32.01 -3.64 4.77
N ASP A 604 -30.82 -4.22 4.94
CA ASP A 604 -29.60 -3.43 5.02
C ASP A 604 -28.90 -3.45 3.67
N THR A 605 -28.39 -2.30 3.26
CA THR A 605 -27.56 -2.24 2.07
C THR A 605 -26.37 -1.34 2.34
N ALA A 606 -25.25 -1.66 1.70
CA ALA A 606 -24.09 -0.78 1.77
C ALA A 606 -23.28 -0.91 0.49
N THR A 607 -22.71 0.21 0.02
CA THR A 607 -21.90 0.20 -1.17
C THR A 607 -20.61 1.00 -0.97
N TYR A 608 -19.51 0.39 -1.39
CA TYR A 608 -18.18 1.01 -1.39
C TYR A 608 -17.83 1.33 -2.84
N VAL A 609 -17.44 2.57 -3.12
CA VAL A 609 -16.98 2.94 -4.46
C VAL A 609 -15.63 3.65 -4.35
N PRO A 610 -14.54 3.03 -4.79
CA PRO A 610 -13.26 3.75 -4.78
C PRO A 610 -13.22 4.81 -5.86
N ILE A 611 -12.57 5.92 -5.54
CA ILE A 611 -12.39 7.05 -6.45
C ILE A 611 -10.91 7.40 -6.61
N ASP A 612 -10.04 6.45 -6.26
CA ASP A 612 -8.61 6.63 -6.32
C ASP A 612 -7.97 5.28 -6.56
N ASP A 613 -6.94 5.26 -7.41
CA ASP A 613 -6.29 4.00 -7.74
C ASP A 613 -5.60 3.35 -6.54
N ASP A 614 -5.27 4.12 -5.51
CA ASP A 614 -4.67 3.54 -4.31
C ASP A 614 -5.69 3.16 -3.25
N HIS A 615 -6.98 3.36 -3.52
CA HIS A 615 -8.05 2.96 -2.61
C HIS A 615 -7.94 3.64 -1.25
N LYS A 616 -7.27 4.80 -1.19
CA LYS A 616 -7.26 5.63 0.01
C LYS A 616 -8.45 6.57 0.12
N TRP A 617 -9.02 6.98 -1.00
CA TRP A 617 -10.20 7.83 -1.05
C TRP A 617 -11.40 7.03 -1.55
N VAL A 618 -12.39 6.84 -0.68
CA VAL A 618 -13.50 5.94 -1.00
C VAL A 618 -14.81 6.59 -0.58
N VAL A 619 -15.85 6.36 -1.39
CA VAL A 619 -17.20 6.83 -1.12
C VAL A 619 -18.00 5.65 -0.58
N LEU A 620 -18.61 5.83 0.57
CA LEU A 620 -19.32 4.74 1.24
C LEU A 620 -20.72 5.19 1.54
N GLY A 621 -21.70 4.50 0.99
CA GLY A 621 -23.09 4.81 1.25
C GLY A 621 -23.73 3.63 1.96
N ARG A 622 -24.67 3.92 2.85
CA ARG A 622 -25.40 2.88 3.53
C ARG A 622 -26.86 3.26 3.65
N THR A 623 -27.74 2.29 3.49
CA THR A 623 -29.14 2.51 3.82
C THR A 623 -29.70 1.34 4.61
N ARG A 624 -30.75 1.63 5.36
CA ARG A 624 -31.52 0.64 6.09
C ARG A 624 -32.98 0.96 5.81
N TRP A 625 -33.75 -0.03 5.42
CA TRP A 625 -35.19 0.11 5.29
C TRP A 625 -35.85 -0.88 6.21
N GLY A 626 -37.04 -0.55 6.72
CA GLY A 626 -37.80 -1.57 7.42
C GLY A 626 -39.26 -1.24 7.55
N TYR A 627 -40.07 -2.29 7.58
CA TYR A 627 -41.51 -2.19 7.72
C TYR A 627 -42.04 -3.46 8.36
N GLY A 628 -43.00 -3.30 9.27
CA GLY A 628 -43.75 -4.43 9.76
C GLY A 628 -45.22 -4.10 9.89
N ASP A 629 -46.03 -5.16 9.95
CA ASP A 629 -47.47 -4.98 10.08
C ASP A 629 -48.09 -6.27 10.62
N GLY A 630 -49.40 -6.21 10.86
CA GLY A 630 -50.15 -7.33 11.35
C GLY A 630 -51.01 -8.00 10.29
N LEU A 631 -51.63 -9.10 10.70
CA LEU A 631 -52.55 -9.86 9.87
C LEU A 631 -53.92 -9.88 10.54
N GLY A 632 -54.97 -9.88 9.72
CA GLY A 632 -56.30 -10.07 10.24
C GLY A 632 -56.83 -8.89 11.00
N GLY A 633 -56.25 -7.71 10.78
CA GLY A 633 -56.64 -6.51 11.47
C GLY A 633 -55.94 -6.28 12.79
N LYS A 634 -55.08 -7.20 13.22
CA LYS A 634 -54.38 -7.03 14.48
C LYS A 634 -53.13 -6.17 14.30
N GLU A 635 -52.73 -5.51 15.37
CA GLU A 635 -51.50 -4.72 15.38
C GLU A 635 -50.30 -5.59 15.71
N MET A 636 -49.13 -5.16 15.26
CA MET A 636 -47.90 -5.86 15.60
C MET A 636 -47.60 -5.65 17.09
N PRO A 637 -47.15 -6.67 17.80
CA PRO A 637 -46.84 -6.46 19.22
C PRO A 637 -45.85 -5.32 19.37
N PHE A 638 -46.12 -4.46 20.35
CA PHE A 638 -45.33 -3.26 20.53
C PHE A 638 -43.86 -3.55 20.83
N TYR A 639 -43.55 -4.68 21.46
CA TYR A 639 -42.15 -4.93 21.75
C TYR A 639 -41.34 -5.38 20.55
N GLU A 640 -41.94 -5.52 19.38
CA GLU A 640 -41.17 -5.76 18.17
C GLU A 640 -40.95 -4.49 17.37
N ASN A 641 -41.37 -3.34 17.88
CA ASN A 641 -41.29 -2.12 17.10
C ASN A 641 -39.84 -1.78 16.78
N PHE A 642 -39.66 -1.02 15.69
CA PHE A 642 -38.36 -0.50 15.34
C PHE A 642 -38.00 0.73 16.16
N TYR A 643 -36.71 0.84 16.47
CA TYR A 643 -36.13 2.03 17.06
C TYR A 643 -34.98 2.50 16.19
N ALA A 644 -34.68 3.79 16.27
CA ALA A 644 -33.61 4.38 15.49
C ALA A 644 -32.91 5.42 16.36
N GLY A 645 -31.67 5.69 16.02
CA GLY A 645 -30.90 6.66 16.77
C GLY A 645 -29.87 5.86 17.54
N GLY A 646 -28.65 6.37 17.59
CA GLY A 646 -27.55 5.70 18.24
C GLY A 646 -26.36 5.56 17.32
N SER A 647 -25.23 5.23 17.93
CA SER A 647 -23.98 5.17 17.19
C SER A 647 -24.00 4.13 16.08
N SER A 648 -24.90 3.17 16.13
CA SER A 648 -24.95 2.16 15.08
C SER A 648 -25.85 2.55 13.91
N THR A 649 -26.74 3.53 14.07
CA THR A 649 -27.74 3.77 13.04
C THR A 649 -27.80 5.22 12.56
N VAL A 650 -28.05 6.17 13.46
CA VAL A 650 -28.02 7.60 13.15
C VAL A 650 -27.21 8.29 14.23
N ARG A 651 -26.06 8.84 13.84
CA ARG A 651 -25.11 9.40 14.79
C ARG A 651 -25.57 10.75 15.35
N GLY A 652 -25.30 10.95 16.63
CA GLY A 652 -25.57 12.21 17.30
C GLY A 652 -26.85 12.29 18.11
N PHE A 653 -27.75 11.35 17.99
CA PHE A 653 -28.96 11.37 18.80
C PHE A 653 -28.82 10.39 19.97
N GLN A 654 -29.54 10.67 21.05
CA GLN A 654 -29.58 9.72 22.14
C GLN A 654 -30.23 8.43 21.65
N SER A 655 -29.63 7.31 22.04
CA SER A 655 -30.06 6.02 21.51
C SER A 655 -31.55 5.75 21.74
N ASN A 656 -32.21 5.26 20.69
CA ASN A 656 -33.61 4.86 20.72
C ASN A 656 -34.55 6.00 21.12
N THR A 657 -34.22 7.23 20.75
CA THR A 657 -35.09 8.36 21.04
C THR A 657 -35.78 8.97 19.83
N ILE A 658 -35.44 8.55 18.62
CA ILE A 658 -36.09 9.08 17.42
C ILE A 658 -37.42 8.40 17.17
N GLY A 659 -38.45 9.20 16.96
CA GLY A 659 -39.79 8.71 16.70
C GLY A 659 -40.85 9.12 17.71
N PRO A 660 -42.04 8.54 17.56
CA PRO A 660 -43.17 8.91 18.40
C PRO A 660 -42.88 8.64 19.86
N LYS A 661 -43.46 9.48 20.72
CA LYS A 661 -43.32 9.33 22.16
C LYS A 661 -44.64 8.83 22.74
N ALA A 662 -44.55 8.26 23.93
CA ALA A 662 -45.72 7.75 24.60
C ALA A 662 -46.65 8.89 25.00
N VAL A 663 -47.94 8.68 24.81
CA VAL A 663 -48.97 9.55 25.35
C VAL A 663 -49.61 8.88 26.54
N TYR A 664 -49.61 9.57 27.68
CA TYR A 664 -49.99 8.98 28.95
C TYR A 664 -51.45 9.24 29.23
N PHE A 665 -52.10 8.28 29.86
CA PHE A 665 -53.42 8.54 30.44
C PHE A 665 -53.26 9.22 31.79
N PRO A 666 -54.32 9.88 32.28
CA PRO A 666 -54.29 10.52 33.59
C PRO A 666 -53.74 9.60 34.67
N GLN A 668 -52.72 5.43 38.88
CA GLN A 668 -53.65 6.13 39.75
C GLN A 668 -53.63 5.53 41.15
N ALA A 669 -53.46 4.21 41.22
CA ALA A 669 -53.37 3.49 42.49
C ALA A 669 -52.12 2.61 42.48
N SER A 670 -50.99 3.24 42.15
CA SER A 670 -49.71 2.56 42.09
C SER A 670 -48.96 2.68 43.42
N ASN A 671 -47.84 1.97 43.50
CA ASN A 671 -46.94 2.09 44.63
C ASN A 671 -46.02 3.29 44.50
N TYR A 672 -46.16 4.05 43.41
CA TYR A 672 -45.36 5.22 43.12
C TYR A 672 -46.11 6.52 43.36
N ASP A 673 -47.44 6.47 43.32
CA ASP A 673 -48.26 7.68 43.47
C ASP A 673 -47.87 8.56 44.64
N PRO A 674 -47.53 8.04 45.82
CA PRO A 674 -47.24 8.94 46.95
C PRO A 674 -46.23 10.03 46.64
N ASP A 675 -45.22 9.77 45.82
CA ASP A 675 -44.21 10.77 45.52
C ASP A 675 -43.25 10.19 44.47
N TYR A 676 -42.46 11.08 43.88
CA TYR A 676 -41.40 10.73 42.94
C TYR A 676 -41.90 10.10 41.65
N ASP A 677 -43.21 10.09 41.40
CA ASP A 677 -43.74 9.42 40.22
C ASP A 677 -43.80 10.39 39.03
N TYR A 678 -44.24 9.86 37.89
CA TYR A 678 -44.50 10.65 36.69
C TYR A 678 -45.82 11.40 36.81
N GLU A 679 -45.74 12.71 37.01
CA GLU A 679 -46.90 13.45 37.53
C GLU A 679 -48.13 13.18 36.68
N CYS A 680 -47.97 13.23 35.35
CA CYS A 680 -49.11 13.05 34.45
C CYS A 680 -49.81 11.73 34.73
N ALA A 681 -49.03 10.70 35.06
CA ALA A 681 -49.57 9.37 35.32
C ALA A 681 -50.17 9.23 36.71
N THR A 682 -50.05 10.23 37.58
CA THR A 682 -50.50 10.08 38.95
C THR A 682 -51.97 10.49 39.11
N GLN A 683 -52.49 10.20 40.30
CA GLN A 683 -53.84 10.59 40.68
C GLN A 683 -54.02 12.11 40.73
N ASP A 684 -52.96 12.84 41.06
CA ASP A 684 -53.04 14.28 41.21
C ASP A 684 -52.39 15.07 40.09
N GLY A 685 -51.34 14.55 39.47
CA GLY A 685 -50.54 15.36 38.57
C GLY A 685 -51.32 15.84 37.36
N ALA A 686 -52.22 15.00 36.84
CA ALA A 686 -52.95 15.35 35.63
C ALA A 686 -54.30 14.66 35.62
N LYS A 687 -55.25 15.28 34.90
CA LYS A 687 -56.56 14.71 34.63
C LYS A 687 -56.83 14.59 33.14
N ASP A 688 -55.79 14.69 32.32
CA ASP A 688 -55.92 14.64 30.87
C ASP A 688 -54.66 13.99 30.29
N LEU A 689 -54.63 13.88 28.96
CA LEU A 689 -53.50 13.26 28.31
C LEU A 689 -52.33 14.24 28.23
N CYS A 690 -51.14 13.68 28.09
CA CYS A 690 -49.93 14.47 27.93
C CYS A 690 -48.94 13.74 27.02
N LYS A 691 -48.01 14.51 26.45
CA LYS A 691 -46.91 13.95 25.69
C LYS A 691 -45.75 13.63 26.63
N SER A 692 -44.78 12.87 26.14
CA SER A 692 -43.65 12.48 26.98
C SER A 692 -42.38 12.37 26.15
N ASP A 693 -41.28 12.13 26.86
CA ASP A 693 -39.98 11.83 26.29
C ASP A 693 -39.69 10.33 26.14
N ASP A 694 -40.65 9.45 26.42
CA ASP A 694 -40.39 8.02 26.40
C ASP A 694 -40.62 7.45 25.01
N ALA A 695 -39.54 7.01 24.37
CA ALA A 695 -39.63 6.48 23.01
C ALA A 695 -40.40 5.17 22.99
N VAL A 696 -41.23 4.99 21.96
CA VAL A 696 -41.94 3.74 21.73
C VAL A 696 -41.60 3.11 20.39
N GLY A 697 -40.80 3.76 19.57
CA GLY A 697 -40.44 3.20 18.28
C GLY A 697 -41.66 3.29 17.37
N GLY A 698 -41.66 2.49 16.32
CA GLY A 698 -42.79 2.54 15.42
C GLY A 698 -42.79 1.42 14.41
N ASN A 699 -43.85 1.42 13.59
CA ASN A 699 -44.05 0.35 12.62
C ASN A 699 -43.15 0.42 11.41
N ALA A 700 -42.60 1.58 11.06
CA ALA A 700 -41.74 1.65 9.89
C ALA A 700 -40.63 2.67 10.06
N MET A 701 -39.51 2.40 9.40
CA MET A 701 -38.33 3.25 9.55
C MET A 701 -37.56 3.26 8.24
N ALA A 702 -36.78 4.33 8.07
CA ALA A 702 -35.82 4.44 6.98
C ALA A 702 -34.64 5.27 7.45
N VAL A 703 -33.44 4.77 7.20
CA VAL A 703 -32.21 5.46 7.59
C VAL A 703 -31.23 5.39 6.45
N ALA A 704 -30.45 6.45 6.28
CA ALA A 704 -29.42 6.46 5.25
C ALA A 704 -28.28 7.31 5.74
N SER A 705 -27.07 6.98 5.29
CA SER A 705 -25.91 7.78 5.64
C SER A 705 -24.92 7.74 4.50
N LEU A 706 -24.10 8.78 4.43
CA LEU A 706 -23.01 8.83 3.47
C LEU A 706 -21.73 9.15 4.22
N GLU A 707 -20.70 8.35 4.02
CA GLU A 707 -19.39 8.59 4.59
C GLU A 707 -18.38 8.76 3.47
N PHE A 708 -17.44 9.67 3.70
CA PHE A 708 -16.32 9.90 2.81
C PHE A 708 -15.10 9.38 3.54
N ILE A 709 -14.51 8.29 3.04
CA ILE A 709 -13.39 7.62 3.69
C ILE A 709 -12.11 8.22 3.13
N THR A 710 -11.23 8.65 4.03
CA THR A 710 -10.00 9.34 3.68
C THR A 710 -8.80 8.66 4.30
N PRO A 711 -7.61 8.88 3.76
CA PRO A 711 -6.39 8.38 4.41
C PRO A 711 -6.12 9.09 5.72
N THR A 712 -5.45 8.38 6.61
CA THR A 712 -5.08 8.93 7.90
C THR A 712 -4.09 10.08 7.72
N PRO A 713 -4.35 11.27 8.30
CA PRO A 713 -3.42 12.40 8.12
C PRO A 713 -2.01 12.01 8.48
N PHE A 714 -1.82 11.51 9.71
CA PHE A 714 -0.53 11.01 10.13
C PHE A 714 -0.74 9.96 11.20
N ILE A 715 0.02 8.86 11.09
CA ILE A 715 0.07 7.84 12.11
C ILE A 715 1.34 7.04 11.88
N SER A 716 1.89 6.49 12.96
CA SER A 716 3.06 5.62 12.80
C SER A 716 2.69 4.43 11.91
N ASP A 717 3.63 4.03 11.07
CA ASP A 717 3.37 2.98 10.09
C ASP A 717 2.76 1.74 10.74
N LYS A 718 3.22 1.44 11.96
CA LYS A 718 2.74 0.25 12.67
C LYS A 718 1.22 0.14 12.65
N TYR A 719 0.51 1.26 12.75
CA TYR A 719 -0.94 1.25 12.81
C TYR A 719 -1.60 1.78 11.53
N ALA A 720 -0.83 2.03 10.48
CA ALA A 720 -1.37 2.69 9.29
C ALA A 720 -2.54 1.92 8.69
N ASN A 721 -2.49 0.58 8.73
CA ASN A 721 -3.54 -0.25 8.17
C ASN A 721 -4.57 -0.69 9.18
N SER A 722 -4.52 -0.19 10.42
CA SER A 722 -5.49 -0.55 11.43
C SER A 722 -6.51 0.54 11.73
N VAL A 723 -6.42 1.69 11.08
CA VAL A 723 -7.29 2.82 11.38
C VAL A 723 -7.95 3.29 10.09
N ARG A 724 -9.13 3.89 10.22
CA ARG A 724 -9.78 4.57 9.12
C ARG A 724 -10.50 5.82 9.62
N THR A 725 -10.45 6.89 8.84
CA THR A 725 -11.12 8.12 9.17
C THR A 725 -12.11 8.49 8.07
N SER A 726 -13.22 9.11 8.46
CA SER A 726 -14.20 9.53 7.47
C SER A 726 -15.01 10.70 7.99
N PHE A 727 -15.64 11.39 7.03
CA PHE A 727 -16.62 12.42 7.31
C PHE A 727 -18.00 11.90 6.91
N PHE A 728 -19.06 12.23 7.65
CA PHE A 728 -20.35 11.67 7.34
C PHE A 728 -21.48 12.67 7.44
N TRP A 729 -22.55 12.32 6.71
CA TRP A 729 -23.86 12.99 6.76
C TRP A 729 -24.95 11.93 6.85
N ASP A 730 -25.68 11.94 7.97
CA ASP A 730 -26.66 10.92 8.31
C ASP A 730 -28.07 11.50 8.27
N MET A 731 -29.05 10.67 7.92
CA MET A 731 -30.45 11.04 8.07
C MET A 731 -31.24 9.81 8.43
N GLY A 732 -32.39 10.01 9.07
CA GLY A 732 -33.31 8.91 9.26
C GLY A 732 -34.63 9.37 9.85
N THR A 733 -35.64 8.51 9.70
CA THR A 733 -36.98 8.80 10.17
C THR A 733 -37.70 7.53 10.55
N VAL A 734 -38.55 7.63 11.57
CA VAL A 734 -39.39 6.54 12.02
C VAL A 734 -40.80 7.09 12.20
N TRP A 735 -41.81 6.34 11.76
CA TRP A 735 -43.16 6.87 11.88
C TRP A 735 -44.14 5.77 12.23
N ASP A 736 -45.29 6.18 12.75
CA ASP A 736 -46.29 5.28 13.32
C ASP A 736 -47.47 5.12 12.38
N THR A 737 -47.55 3.95 11.74
CA THR A 737 -48.71 3.62 10.95
C THR A 737 -49.89 3.32 11.87
N ASN A 738 -51.09 3.59 11.38
CA ASN A 738 -52.33 3.49 12.14
C ASN A 738 -52.46 4.52 13.26
N TRP A 739 -51.66 5.59 13.25
CA TRP A 739 -51.83 6.62 14.26
C TRP A 739 -53.20 7.29 14.09
N ASP A 740 -53.96 7.37 15.18
CA ASP A 740 -55.30 7.95 15.12
C ASP A 740 -55.19 9.47 15.24
N SER A 741 -54.86 10.11 14.11
CA SER A 741 -54.66 11.54 14.11
C SER A 741 -55.96 12.31 14.31
N SER A 742 -57.11 11.71 14.04
CA SER A 742 -58.39 12.36 14.29
C SER A 742 -58.80 12.35 15.76
N GLN A 743 -58.62 11.23 16.46
CA GLN A 743 -58.93 11.19 17.88
C GLN A 743 -57.94 11.96 18.75
N TYR A 744 -56.72 12.19 18.27
CA TYR A 744 -55.69 12.84 19.07
C TYR A 744 -55.21 14.14 18.42
N SER A 745 -56.09 14.81 17.68
CA SER A 745 -55.72 15.99 16.91
C SER A 745 -55.05 17.07 17.75
N GLY A 746 -55.22 17.05 19.07
CA GLY A 746 -54.57 18.04 19.90
C GLY A 746 -53.09 17.83 20.12
N TYR A 747 -52.55 16.74 19.62
CA TYR A 747 -51.15 16.36 19.77
C TYR A 747 -50.51 16.18 18.41
N PRO A 748 -49.18 16.22 18.34
CA PRO A 748 -48.51 16.02 17.06
C PRO A 748 -48.96 14.74 16.36
N ASP A 749 -49.16 14.85 15.06
CA ASP A 749 -49.65 13.75 14.24
C ASP A 749 -48.47 12.89 13.82
N TYR A 750 -48.37 11.70 14.41
CA TYR A 750 -47.23 10.82 14.19
C TYR A 750 -47.32 10.05 12.88
N SER A 751 -48.37 10.24 12.09
CA SER A 751 -48.45 9.56 10.81
C SER A 751 -47.68 10.28 9.71
N ASP A 752 -47.20 11.49 9.97
CA ASP A 752 -46.53 12.24 8.92
C ASP A 752 -45.08 11.79 8.84
N PRO A 753 -44.64 11.19 7.73
CA PRO A 753 -43.27 10.69 7.65
C PRO A 753 -42.24 11.78 7.36
N SER A 754 -42.67 12.99 7.04
CA SER A 754 -41.74 13.99 6.52
C SER A 754 -40.82 14.58 7.58
N ASN A 755 -41.06 14.31 8.86
CA ASN A 755 -40.22 14.86 9.92
C ASN A 755 -38.90 14.09 9.98
N ILE A 756 -38.08 14.31 8.96
CA ILE A 756 -36.83 13.59 8.81
C ILE A 756 -35.78 14.21 9.72
N ARG A 757 -35.10 13.38 10.50
CA ARG A 757 -34.03 13.84 11.36
C ARG A 757 -32.70 13.73 10.61
N MET A 758 -31.84 14.73 10.78
CA MET A 758 -30.61 14.86 10.01
C MET A 758 -29.47 15.23 10.94
N SER A 759 -28.27 14.72 10.66
CA SER A 759 -27.10 15.09 11.44
C SER A 759 -25.86 14.94 10.58
N ALA A 760 -24.75 15.49 11.07
CA ALA A 760 -23.48 15.42 10.36
C ALA A 760 -22.33 15.40 11.36
N GLY A 761 -21.21 14.84 10.93
CA GLY A 761 -20.08 14.75 11.85
C GLY A 761 -18.89 14.04 11.24
N ILE A 762 -17.97 13.66 12.14
CA ILE A 762 -16.71 13.03 11.77
C ILE A 762 -16.58 11.75 12.57
N ALA A 763 -15.97 10.72 11.97
CA ALA A 763 -15.82 9.46 12.65
C ALA A 763 -14.46 8.83 12.39
N LEU A 764 -14.05 8.00 13.35
CA LEU A 764 -12.82 7.23 13.31
C LEU A 764 -13.17 5.79 13.67
N GLN A 765 -12.59 4.85 12.94
CA GLN A 765 -12.74 3.43 13.22
C GLN A 765 -11.36 2.83 13.47
N TRP A 766 -11.26 1.96 14.48
CA TRP A 766 -9.98 1.36 14.81
C TRP A 766 -10.15 -0.12 15.15
N MET A 767 -9.39 -0.98 14.47
CA MET A 767 -9.36 -2.40 14.80
C MET A 767 -8.22 -2.63 15.79
N SER A 768 -8.55 -2.56 17.07
CA SER A 768 -7.54 -2.64 18.11
C SER A 768 -7.21 -4.10 18.39
N PRO A 769 -6.10 -4.35 19.09
CA PRO A 769 -5.79 -5.73 19.48
C PRO A 769 -6.90 -6.38 20.26
N LEU A 770 -7.80 -5.60 20.86
CA LEU A 770 -8.91 -6.11 21.64
C LEU A 770 -10.25 -6.04 20.90
N GLY A 771 -10.25 -5.83 19.58
CA GLY A 771 -11.48 -5.76 18.84
C GLY A 771 -11.77 -4.41 18.22
N PRO A 772 -12.87 -4.31 17.47
CA PRO A 772 -13.21 -3.04 16.82
C PRO A 772 -13.71 -2.00 17.82
N LEU A 773 -13.38 -0.73 17.53
CA LEU A 773 -13.99 0.42 18.19
C LEU A 773 -14.36 1.45 17.14
N VAL A 774 -15.46 2.16 17.39
CA VAL A 774 -15.86 3.30 16.56
C VAL A 774 -16.07 4.52 17.44
N PHE A 775 -15.45 5.64 17.07
CA PHE A 775 -15.58 6.92 17.74
C PHE A 775 -16.17 7.93 16.76
N SER A 776 -17.08 8.79 17.24
CA SER A 776 -17.67 9.78 16.36
C SER A 776 -18.05 11.02 17.15
N TYR A 777 -18.10 12.14 16.42
CA TYR A 777 -18.66 13.39 16.91
C TYR A 777 -19.62 13.93 15.87
N ALA A 778 -20.82 14.34 16.30
CA ALA A 778 -21.83 14.84 15.39
C ALA A 778 -22.61 15.97 16.03
N GLN A 779 -23.17 16.82 15.17
CA GLN A 779 -24.04 17.92 15.59
C GLN A 779 -25.42 17.75 14.97
N PRO A 780 -26.48 17.59 15.77
CA PRO A 780 -27.83 17.40 15.18
C PRO A 780 -28.43 18.70 14.67
N PHE A 781 -27.91 19.17 13.53
CA PHE A 781 -28.34 20.47 13.01
C PHE A 781 -29.82 20.55 12.69
N LYS A 782 -30.49 19.44 12.40
CA LYS A 782 -31.93 19.44 12.15
C LYS A 782 -32.65 18.52 13.13
N LYS A 783 -33.50 19.08 13.97
CA LYS A 783 -34.18 18.30 14.99
C LYS A 783 -35.58 18.87 15.20
N TYR A 784 -36.43 18.09 15.87
CA TYR A 784 -37.83 18.44 16.10
C TYR A 784 -38.17 18.32 17.58
N ASP A 785 -39.42 18.68 17.88
CA ASP A 785 -39.94 18.68 19.24
C ASP A 785 -39.80 17.30 19.88
N GLY A 786 -39.17 17.26 21.06
CA GLY A 786 -38.95 16.03 21.78
C GLY A 786 -37.64 15.34 21.48
N ASP A 787 -36.88 15.81 20.50
CA ASP A 787 -35.62 15.17 20.18
C ASP A 787 -34.60 15.44 21.27
N LYS A 788 -33.71 14.47 21.50
CA LYS A 788 -32.65 14.59 22.48
C LYS A 788 -31.31 14.41 21.77
N ALA A 789 -30.31 15.17 22.18
CA ALA A 789 -29.04 15.15 21.47
C ALA A 789 -27.92 14.56 22.32
N GLU A 790 -26.96 13.95 21.62
CA GLU A 790 -25.75 13.40 22.22
C GLU A 790 -24.68 13.51 21.15
N GLN A 791 -23.61 14.25 21.42
CA GLN A 791 -22.68 14.66 20.36
C GLN A 791 -21.40 13.84 20.30
N PHE A 792 -20.90 13.37 21.43
CA PHE A 792 -19.66 12.60 21.50
C PHE A 792 -20.00 11.15 21.83
N GLN A 793 -19.76 10.25 20.88
CA GLN A 793 -20.18 8.86 21.04
C GLN A 793 -19.08 7.91 20.60
N PHE A 794 -19.09 6.72 21.17
CA PHE A 794 -18.25 5.63 20.69
C PHE A 794 -18.93 4.33 21.08
N ASN A 795 -18.58 3.26 20.39
CA ASN A 795 -19.14 1.96 20.73
C ASN A 795 -18.33 0.84 20.10
N ILE A 796 -18.77 -0.38 20.37
CA ILE A 796 -18.27 -1.58 19.72
C ILE A 796 -19.31 -1.94 18.66
N GLY A 797 -19.01 -1.61 17.40
CA GLY A 797 -20.04 -1.59 16.39
C GLY A 797 -20.52 -2.98 16.02
N LYS A 798 -19.59 -3.90 15.78
CA LYS A 798 -19.91 -5.25 15.32
C LYS A 798 -20.79 -5.18 14.08
N THR A 799 -20.46 -4.25 13.20
CA THR A 799 -21.25 -4.02 11.99
C THR A 799 -20.31 -3.84 10.81
N TRP A 800 -20.89 -3.43 9.68
CA TRP A 800 -20.20 -3.35 8.40
C TRP A 800 -19.85 -4.74 7.87
N GLY B 727 -8.72 1.78 41.92
CA GLY B 727 -8.32 2.06 40.55
C GLY B 727 -7.15 1.23 40.08
N LEU B 728 -6.87 0.14 40.81
CA LEU B 728 -5.76 -0.73 40.46
C LEU B 728 -6.06 -1.44 39.14
N ASN B 729 -5.04 -1.55 38.30
CA ASN B 729 -5.16 -2.25 37.03
C ASN B 729 -3.79 -2.79 36.64
N ALA B 730 -3.78 -3.61 35.60
CA ALA B 730 -2.54 -4.20 35.12
C ALA B 730 -2.72 -4.63 33.68
N GLU B 731 -1.60 -4.69 32.95
CA GLU B 731 -1.54 -5.36 31.64
C GLU B 731 -0.40 -6.36 31.72
N ILE B 732 -0.72 -7.57 32.19
CA ILE B 732 0.33 -8.50 32.59
C ILE B 732 1.03 -9.08 31.37
N ARG B 733 0.31 -9.18 30.25
CA ARG B 733 0.83 -9.71 29.02
C ARG B 733 0.31 -8.87 27.86
N ASP B 734 1.02 -8.94 26.74
CA ASP B 734 0.58 -8.26 25.54
C ASP B 734 -0.79 -8.81 25.14
N ASN B 735 -1.70 -7.91 24.79
CA ASN B 735 -3.06 -8.25 24.39
C ASN B 735 -3.86 -8.84 25.54
N VAL B 736 -3.46 -8.56 26.77
CA VAL B 736 -4.18 -8.92 27.98
C VAL B 736 -4.37 -7.67 28.83
N ARG B 737 -5.56 -7.49 29.38
CA ARG B 737 -5.80 -6.32 30.22
C ARG B 737 -6.54 -6.73 31.48
N PHE B 738 -6.19 -6.08 32.59
CA PHE B 738 -6.86 -6.29 33.87
C PHE B 738 -7.20 -4.98 34.55
N GLY B 739 -8.35 -4.93 35.20
CA GLY B 739 -8.67 -3.84 36.10
C GLY B 739 -9.30 -4.42 37.35
N LEU B 740 -9.05 -3.77 38.48
CA LEU B 740 -9.62 -4.20 39.75
C LEU B 740 -10.84 -3.41 40.18
N GLU B 741 -10.81 -2.09 40.05
CA GLU B 741 -11.90 -1.26 40.55
C GLU B 741 -13.08 -1.28 39.59
N ALA B 755 -17.30 0.08 46.59
CA ALA B 755 -17.67 -0.99 45.67
C ALA B 755 -16.52 -1.31 44.72
N VAL B 756 -16.53 -2.52 44.19
CA VAL B 756 -15.49 -3.00 43.27
C VAL B 756 -16.16 -3.55 42.02
N ASN B 757 -15.56 -3.30 40.86
CA ASN B 757 -16.07 -3.80 39.59
C ASN B 757 -14.91 -4.39 38.77
N ALA B 758 -14.21 -5.35 39.36
CA ALA B 758 -13.05 -5.93 38.70
C ALA B 758 -13.43 -6.64 37.41
N ASN B 759 -12.57 -6.53 36.40
CA ASN B 759 -12.82 -7.08 35.08
C ASN B 759 -11.47 -7.38 34.42
N PHE B 760 -11.48 -8.26 33.43
CA PHE B 760 -10.25 -8.52 32.69
C PHE B 760 -10.63 -8.99 31.30
N ARG B 761 -9.67 -8.90 30.38
CA ARG B 761 -9.88 -9.36 29.02
C ARG B 761 -8.67 -10.10 28.50
N TYR B 762 -8.97 -11.18 27.79
CA TYR B 762 -8.08 -11.95 26.93
C TYR B 762 -8.75 -11.98 25.56
N CYS B 763 -7.96 -11.97 24.50
CA CYS B 763 -8.53 -12.09 23.18
C CYS B 763 -7.80 -13.14 22.36
N PHE B 764 -8.59 -13.92 21.63
CA PHE B 764 -8.09 -15.04 20.86
C PHE B 764 -8.78 -15.07 19.51
N PRO C 12 33.69 -6.90 39.12
CA PRO C 12 33.82 -8.12 38.31
C PRO C 12 32.51 -8.88 38.16
N PRO C 13 32.42 -9.78 37.18
CA PRO C 13 31.16 -10.51 36.96
C PRO C 13 30.88 -11.54 38.03
N ASN C 14 31.83 -11.82 38.92
CA ASN C 14 31.76 -12.96 39.82
C ASN C 14 30.43 -13.00 40.60
N GLU C 15 30.14 -11.93 41.34
CA GLU C 15 28.97 -11.89 42.21
C GLU C 15 27.67 -11.84 41.42
N ILE C 16 27.62 -11.09 40.33
CA ILE C 16 26.36 -10.99 39.59
C ILE C 16 26.07 -12.32 38.92
N TYR C 17 27.08 -12.94 38.31
CA TYR C 17 26.89 -14.24 37.68
C TYR C 17 26.45 -15.30 38.69
N ALA C 18 27.14 -15.36 39.84
CA ALA C 18 26.75 -16.32 40.87
C ALA C 18 25.32 -16.07 41.36
N THR C 19 24.93 -14.80 41.48
CA THR C 19 23.55 -14.50 41.86
C THR C 19 22.58 -14.99 40.80
N ALA C 20 22.89 -14.74 39.53
CA ALA C 20 22.04 -15.23 38.45
C ALA C 20 21.93 -16.75 38.47
N GLN C 21 23.04 -17.43 38.78
CA GLN C 21 23.01 -18.90 38.88
C GLN C 21 22.11 -19.36 40.01
N GLN C 22 22.14 -18.69 41.16
CA GLN C 22 21.23 -19.08 42.22
C GLN C 22 19.78 -18.76 41.84
N LYS C 23 19.57 -17.67 41.10
CA LYS C 23 18.23 -17.33 40.63
C LYS C 23 17.72 -18.37 39.65
N LEU C 24 18.62 -18.93 38.84
CA LEU C 24 18.25 -19.99 37.91
C LEU C 24 17.95 -21.28 38.65
N GLN C 25 18.75 -21.63 39.67
CA GLN C 25 18.49 -22.88 40.36
C GLN C 25 17.17 -22.80 41.11
N ASP C 26 16.91 -21.65 41.72
CA ASP C 26 15.67 -21.39 42.42
C ASP C 26 15.50 -19.88 42.43
N GLY C 27 14.35 -19.37 42.01
CA GLY C 27 14.20 -17.94 41.89
C GLY C 27 13.52 -17.41 40.64
N ASN C 28 13.49 -16.08 40.55
CA ASN C 28 12.84 -15.38 39.43
C ASN C 28 13.78 -15.30 38.24
N TRP C 29 13.41 -15.98 37.16
CA TRP C 29 14.27 -16.07 35.98
C TRP C 29 14.45 -14.71 35.33
N ARG C 30 13.47 -13.82 35.49
CA ARG C 30 13.57 -12.47 34.92
C ARG C 30 14.67 -11.66 35.59
N GLN C 31 14.91 -11.85 36.89
CA GLN C 31 16.01 -11.16 37.53
C GLN C 31 17.34 -11.72 37.05
N ALA C 32 17.40 -13.03 36.86
CA ALA C 32 18.61 -13.65 36.35
C ALA C 32 18.92 -13.12 34.94
N ILE C 33 17.88 -13.00 34.12
CA ILE C 33 18.04 -12.47 32.78
C ILE C 33 18.49 -11.01 32.80
N THR C 34 17.88 -10.18 33.66
CA THR C 34 18.32 -8.80 33.77
C THR C 34 19.79 -8.69 34.16
N GLN C 35 20.22 -9.51 35.12
CA GLN C 35 21.62 -9.50 35.55
C GLN C 35 22.54 -9.99 34.44
N LEU C 36 22.14 -11.05 33.75
CA LEU C 36 22.95 -11.58 32.67
C LEU C 36 23.07 -10.60 31.52
N GLU C 37 21.98 -9.91 31.19
CA GLU C 37 22.06 -8.90 30.14
C GLU C 37 22.98 -7.75 30.56
N ALA C 38 22.92 -7.35 31.82
CA ALA C 38 23.85 -6.33 32.30
C ALA C 38 25.29 -6.78 32.15
N LEU C 39 25.58 -8.04 32.48
CA LEU C 39 26.95 -8.54 32.32
C LEU C 39 27.33 -8.66 30.84
N ASP C 40 26.39 -9.09 30.00
CA ASP C 40 26.62 -9.18 28.56
C ASP C 40 26.98 -7.84 27.95
N ASN C 41 26.39 -6.76 28.46
CA ASN C 41 26.72 -5.45 27.92
C ASN C 41 27.95 -4.83 28.58
N ARG C 42 28.16 -5.12 29.86
CA ARG C 42 29.30 -4.54 30.59
C ARG C 42 30.62 -5.24 30.28
N TYR C 43 30.59 -6.55 30.01
CA TYR C 43 31.81 -7.31 29.71
C TYR C 43 31.62 -8.09 28.40
N PRO C 44 31.50 -7.38 27.28
CA PRO C 44 31.23 -8.08 26.01
C PRO C 44 32.26 -9.14 25.63
N PHE C 45 33.53 -9.00 26.03
CA PHE C 45 34.57 -9.94 25.67
C PHE C 45 35.23 -10.63 26.86
N GLY C 46 34.56 -10.68 28.01
CA GLY C 46 35.20 -11.23 29.18
C GLY C 46 35.30 -12.75 29.18
N PRO C 47 36.07 -13.30 30.12
CA PRO C 47 36.23 -14.76 30.21
C PRO C 47 34.92 -15.54 30.30
N TYR C 48 33.85 -14.94 30.81
CA TYR C 48 32.59 -15.65 30.97
C TYR C 48 31.60 -15.37 29.85
N SER C 49 31.99 -14.62 28.82
CA SER C 49 31.06 -14.17 27.80
C SER C 49 30.32 -15.35 27.16
N GLN C 50 31.05 -16.43 26.89
CA GLN C 50 30.43 -17.62 26.33
C GLN C 50 29.47 -18.27 27.32
N GLN C 51 29.84 -18.31 28.60
CA GLN C 51 28.96 -18.96 29.56
C GLN C 51 27.71 -18.10 29.74
N VAL C 52 27.88 -16.78 29.71
CA VAL C 52 26.75 -15.88 29.82
C VAL C 52 25.80 -16.06 28.65
N GLN C 53 26.34 -16.18 27.43
CA GLN C 53 25.50 -16.45 26.26
C GLN C 53 24.77 -17.78 26.36
N LEU C 54 25.44 -18.82 26.86
CA LEU C 54 24.77 -20.11 27.02
C LEU C 54 23.68 -20.04 28.07
N ASP C 55 23.92 -19.29 29.14
CA ASP C 55 22.93 -19.12 30.19
C ASP C 55 21.76 -18.29 29.70
N LEU C 56 22.01 -17.28 28.86
CA LEU C 56 20.90 -16.52 28.30
C LEU C 56 20.04 -17.40 27.38
N ILE C 57 20.68 -18.26 26.58
CA ILE C 57 19.93 -19.18 25.74
C ILE C 57 19.04 -20.08 26.58
N TYR C 58 19.60 -20.63 27.66
CA TYR C 58 18.80 -21.45 28.57
C TYR C 58 17.69 -20.64 29.23
N ALA C 59 18.00 -19.46 29.74
CA ALA C 59 17.00 -18.66 30.43
C ALA C 59 15.86 -18.27 29.49
N TYR C 60 16.19 -17.97 28.24
CA TYR C 60 15.16 -17.61 27.27
C TYR C 60 14.28 -18.81 26.98
N TYR C 61 14.87 -20.00 26.83
CA TYR C 61 14.05 -21.18 26.63
C TYR C 61 13.13 -21.40 27.82
N LYS C 62 13.67 -21.37 29.03
CA LYS C 62 12.86 -21.64 30.21
C LYS C 62 11.76 -20.60 30.38
N ASN C 63 12.04 -19.34 30.06
CA ASN C 63 11.04 -18.29 30.17
C ASN C 63 10.13 -18.17 28.95
N ALA C 64 10.20 -19.08 28.00
CA ALA C 64 9.38 -19.04 26.79
C ALA C 64 9.69 -17.85 25.90
N ASP C 65 10.91 -17.30 25.99
CA ASP C 65 11.34 -16.21 25.11
C ASP C 65 12.08 -16.78 23.90
N LEU C 66 11.34 -17.60 23.16
CA LEU C 66 11.95 -18.38 22.07
C LEU C 66 12.56 -17.54 20.96
N PRO C 67 11.98 -16.43 20.51
CA PRO C 67 12.66 -15.60 19.50
C PRO C 67 14.07 -15.20 19.91
N LEU C 68 14.30 -15.03 21.20
CA LEU C 68 15.63 -14.66 21.64
C LEU C 68 16.52 -15.87 21.81
N ALA C 69 15.98 -17.01 22.21
CA ALA C 69 16.81 -18.20 22.21
C ALA C 69 17.32 -18.51 20.81
N GLN C 70 16.48 -18.32 19.79
CA GLN C 70 16.92 -18.51 18.42
C GLN C 70 17.99 -17.49 18.00
N ALA C 71 17.77 -16.21 18.31
CA ALA C 71 18.77 -15.22 17.95
C ALA C 71 20.09 -15.48 18.67
N ALA C 72 20.03 -15.85 19.93
CA ALA C 72 21.22 -16.13 20.72
C ALA C 72 21.95 -17.37 20.21
N ILE C 73 21.20 -18.39 19.78
CA ILE C 73 21.84 -19.57 19.21
C ILE C 73 22.54 -19.22 17.90
N ASP C 74 21.88 -18.46 17.02
CA ASP C 74 22.55 -18.13 15.77
C ASP C 74 23.79 -17.26 16.01
N ARG C 75 23.71 -16.35 16.98
CA ARG C 75 24.87 -15.53 17.32
C ARG C 75 26.01 -16.41 17.83
N PHE C 76 25.69 -17.34 18.74
CA PHE C 76 26.72 -18.22 19.27
C PHE C 76 27.36 -19.02 18.16
N ILE C 77 26.55 -19.57 17.25
CA ILE C 77 27.08 -20.42 16.20
C ILE C 77 28.02 -19.62 15.32
N ARG C 78 27.62 -18.39 14.97
CA ARG C 78 28.48 -17.54 14.16
C ARG C 78 29.80 -17.26 14.88
N LEU C 79 29.74 -17.00 16.20
CA LEU C 79 30.95 -16.78 16.97
C LEU C 79 31.70 -18.06 17.32
N ASN C 80 31.02 -19.21 17.38
CA ASN C 80 31.66 -20.47 17.75
C ASN C 80 31.29 -21.57 16.76
N PRO C 81 31.82 -21.49 15.54
CA PRO C 81 31.52 -22.55 14.56
C PRO C 81 32.01 -23.90 15.02
N THR C 82 33.01 -23.94 15.90
CA THR C 82 33.46 -25.16 16.55
C THR C 82 33.60 -24.90 18.04
N HIS C 83 33.15 -25.86 18.84
CA HIS C 83 33.17 -25.69 20.29
C HIS C 83 33.01 -27.06 20.91
N PRO C 84 33.76 -27.40 21.95
CA PRO C 84 33.61 -28.72 22.58
C PRO C 84 32.19 -29.12 22.97
N ASN C 85 31.31 -28.16 23.27
CA ASN C 85 29.94 -28.45 23.66
C ASN C 85 28.91 -27.95 22.66
N ILE C 86 29.28 -27.84 21.39
CA ILE C 86 28.34 -27.39 20.36
C ILE C 86 27.16 -28.35 20.19
N ASP C 87 27.33 -29.62 20.57
CA ASP C 87 26.20 -30.54 20.49
C ASP C 87 25.11 -30.19 21.50
N TYR C 88 25.50 -29.56 22.61
CA TYR C 88 24.48 -29.06 23.52
C TYR C 88 23.69 -27.94 22.86
N VAL C 89 24.38 -27.04 22.18
CA VAL C 89 23.70 -25.94 21.51
C VAL C 89 22.75 -26.46 20.45
N MET C 90 23.17 -27.43 19.65
CA MET C 90 22.28 -28.00 18.64
C MET C 90 21.07 -28.68 19.28
N TYR C 91 21.28 -29.43 20.35
CA TYR C 91 20.17 -30.05 21.05
C TYR C 91 19.17 -29.02 21.55
N MET C 92 19.67 -27.94 22.14
CA MET C 92 18.75 -26.90 22.57
C MET C 92 18.09 -26.22 21.38
N ARG C 93 18.76 -26.13 20.24
CA ARG C 93 18.09 -25.60 19.04
C ARG C 93 16.90 -26.47 18.66
N GLY C 94 17.09 -27.77 18.66
CA GLY C 94 15.99 -28.69 18.37
C GLY C 94 14.83 -28.54 19.31
N LEU C 95 15.12 -28.42 20.61
CA LEU C 95 14.03 -28.18 21.56
C LEU C 95 13.40 -26.80 21.34
N THR C 96 14.21 -25.81 21.02
CA THR C 96 13.71 -24.46 20.79
C THR C 96 12.71 -24.43 19.65
N ASN C 97 12.98 -25.13 18.57
CA ASN C 97 12.00 -25.12 17.49
C ASN C 97 10.83 -26.05 17.75
N MET C 98 11.04 -27.20 18.40
CA MET C 98 9.88 -28.05 18.68
C MET C 98 8.90 -27.39 19.65
N ALA C 99 9.41 -26.57 20.58
CA ALA C 99 8.52 -25.86 21.49
C ALA C 99 7.53 -24.92 20.80
N LEU C 100 7.78 -24.50 19.56
CA LEU C 100 6.82 -23.62 18.92
C LEU C 100 5.62 -24.34 18.32
N ASP C 101 5.59 -25.66 18.35
CA ASP C 101 4.44 -26.37 17.81
C ASP C 101 3.25 -26.35 18.77
N ASP C 102 3.49 -26.38 20.07
CA ASP C 102 2.40 -26.53 21.02
C ASP C 102 1.71 -25.20 21.30
N SER C 103 0.50 -25.28 21.85
CA SER C 103 -0.28 -24.12 22.23
C SER C 103 -1.06 -24.47 23.49
N ALA C 104 -0.81 -23.75 24.57
CA ALA C 104 -1.42 -24.10 25.86
C ALA C 104 -2.94 -24.04 25.79
N LEU C 105 -3.48 -23.07 25.06
CA LEU C 105 -4.94 -22.93 24.98
C LEU C 105 -5.56 -24.08 24.21
N GLN C 106 -4.96 -24.47 23.09
CA GLN C 106 -5.45 -25.62 22.35
C GLN C 106 -5.27 -26.91 23.14
N GLY C 107 -4.17 -27.00 23.89
CA GLY C 107 -3.94 -28.15 24.75
C GLY C 107 -5.00 -28.31 25.82
N PHE C 108 -5.35 -27.21 26.49
CA PHE C 108 -6.31 -27.28 27.59
C PHE C 108 -7.61 -27.97 27.19
N PHE C 109 -8.17 -27.67 26.02
CA PHE C 109 -9.43 -28.27 25.63
C PHE C 109 -9.28 -29.63 24.96
N GLY C 110 -8.05 -30.17 24.88
CA GLY C 110 -7.87 -31.45 24.23
C GLY C 110 -7.95 -31.46 22.72
N VAL C 111 -7.68 -30.34 22.06
CA VAL C 111 -7.81 -30.29 20.61
C VAL C 111 -6.52 -30.85 20.00
N ASP C 112 -6.69 -31.72 19.00
CA ASP C 112 -5.55 -32.29 18.29
C ASP C 112 -5.03 -31.29 17.27
N ARG C 113 -3.81 -30.80 17.51
CA ARG C 113 -3.16 -29.75 16.74
C ARG C 113 -2.48 -30.27 15.48
N SER C 114 -2.56 -31.57 15.21
CA SER C 114 -1.81 -32.17 14.12
C SER C 114 -2.07 -31.52 12.77
N ASP C 115 -3.25 -30.92 12.56
CA ASP C 115 -3.53 -30.32 11.26
C ASP C 115 -2.99 -28.92 11.08
N ARG C 116 -2.27 -28.34 12.03
CA ARG C 116 -1.84 -26.97 11.85
C ARG C 116 -0.52 -26.95 11.09
N ASP C 117 0.04 -25.77 10.87
CA ASP C 117 1.22 -25.63 10.02
C ASP C 117 2.34 -26.54 10.51
N PRO C 118 2.87 -27.44 9.68
CA PRO C 118 3.92 -28.35 10.14
C PRO C 118 5.34 -27.90 9.84
N GLN C 119 5.54 -26.66 9.37
CA GLN C 119 6.88 -26.22 9.02
C GLN C 119 7.82 -26.23 10.21
N HIS C 120 7.30 -25.95 11.40
CA HIS C 120 8.13 -25.94 12.59
C HIS C 120 8.59 -27.33 12.94
N ALA C 121 7.74 -28.34 12.74
CA ALA C 121 8.18 -29.69 12.99
C ALA C 121 9.27 -30.11 12.02
N ARG C 122 9.18 -29.74 10.74
CA ARG C 122 10.27 -30.09 9.83
C ARG C 122 11.57 -29.39 10.23
N ALA C 123 11.50 -28.12 10.62
CA ALA C 123 12.74 -27.47 11.04
C ALA C 123 13.35 -28.18 12.25
N ALA C 124 12.51 -28.55 13.22
CA ALA C 124 13.02 -29.25 14.39
C ALA C 124 13.61 -30.59 14.00
N PHE C 125 12.92 -31.30 13.10
CA PHE C 125 13.41 -32.59 12.64
C PHE C 125 14.79 -32.45 12.02
N SER C 126 14.97 -31.46 11.16
CA SER C 126 16.28 -31.27 10.55
C SER C 126 17.35 -31.00 11.60
N ASP C 127 17.04 -30.16 12.59
CA ASP C 127 18.04 -29.86 13.61
C ASP C 127 18.43 -31.11 14.39
N PHE C 128 17.45 -31.94 14.74
CA PHE C 128 17.80 -33.15 15.48
C PHE C 128 18.49 -34.17 14.60
N SER C 129 18.13 -34.25 13.33
CA SER C 129 18.83 -35.18 12.45
C SER C 129 20.31 -34.79 12.36
N LYS C 130 20.58 -33.50 12.21
CA LYS C 130 21.97 -33.06 12.15
C LYS C 130 22.68 -33.34 13.47
N LEU C 131 21.99 -33.17 14.60
CA LEU C 131 22.60 -33.51 15.88
C LEU C 131 22.98 -34.97 15.95
N VAL C 132 22.06 -35.86 15.60
CA VAL C 132 22.30 -37.29 15.70
C VAL C 132 23.40 -37.73 14.73
N ARG C 133 23.39 -37.21 13.51
CA ARG C 133 24.39 -37.61 12.53
C ARG C 133 25.78 -37.02 12.80
N GLY C 134 25.83 -35.77 13.27
CA GLY C 134 27.11 -35.16 13.55
C GLY C 134 27.86 -35.71 14.74
N TYR C 135 27.16 -36.00 15.84
CA TYR C 135 27.80 -36.47 17.07
C TYR C 135 27.12 -37.71 17.62
N PRO C 136 27.31 -38.86 16.96
CA PRO C 136 26.63 -40.08 17.39
C PRO C 136 26.91 -40.47 18.83
N ASN C 137 28.04 -40.05 19.40
CA ASN C 137 28.42 -40.41 20.76
C ASN C 137 27.89 -39.45 21.82
N SER C 138 27.18 -38.40 21.44
CA SER C 138 26.67 -37.47 22.44
C SER C 138 25.64 -38.13 23.35
N GLN C 139 25.67 -37.74 24.62
CA GLN C 139 24.74 -38.24 25.63
C GLN C 139 23.29 -37.84 25.35
N TYR C 140 23.06 -36.94 24.40
CA TYR C 140 21.73 -36.44 24.07
C TYR C 140 21.05 -37.17 22.94
N THR C 141 21.69 -38.17 22.33
CA THR C 141 21.09 -38.79 21.16
C THR C 141 19.93 -39.72 21.52
N THR C 142 19.83 -40.18 22.75
CA THR C 142 18.67 -40.98 23.14
C THR C 142 17.39 -40.14 23.11
N ASP C 143 17.48 -38.93 23.65
CA ASP C 143 16.32 -38.04 23.64
C ASP C 143 16.02 -37.56 22.23
N ALA C 144 17.06 -37.20 21.48
CA ALA C 144 16.84 -36.80 20.10
C ALA C 144 16.19 -37.93 19.29
N THR C 145 16.60 -39.17 19.53
CA THR C 145 15.91 -40.30 18.89
C THR C 145 14.43 -40.36 19.24
N LYS C 146 14.09 -40.16 20.52
CA LYS C 146 12.67 -40.15 20.85
C LYS C 146 11.93 -38.99 20.19
N ARG C 147 12.59 -37.82 20.11
CA ARG C 147 11.99 -36.68 19.42
C ARG C 147 11.75 -36.99 17.96
N LEU C 148 12.72 -37.64 17.30
CA LEU C 148 12.57 -37.94 15.89
C LEU C 148 11.44 -38.93 15.66
N VAL C 149 11.32 -39.92 16.55
CA VAL C 149 10.23 -40.88 16.36
C VAL C 149 8.88 -40.20 16.50
N PHE C 150 8.72 -39.36 17.52
CA PHE C 150 7.47 -38.63 17.68
C PHE C 150 7.17 -37.71 16.49
N LEU C 151 8.17 -36.92 16.08
CA LEU C 151 7.95 -35.98 14.98
C LEU C 151 7.66 -36.66 13.65
N LYS C 152 8.26 -37.83 13.38
CA LYS C 152 7.98 -38.47 12.10
C LYS C 152 6.49 -38.72 11.94
N ASP C 153 5.80 -39.06 13.03
CA ASP C 153 4.36 -39.22 12.96
C ASP C 153 3.65 -37.88 12.97
N ARG C 154 4.19 -36.92 13.70
CA ARG C 154 3.63 -35.57 13.61
C ARG C 154 3.55 -35.08 12.17
N LEU C 155 4.56 -35.36 11.37
CA LEU C 155 4.50 -34.96 9.96
C LEU C 155 3.62 -35.88 9.11
N ALA C 156 3.66 -37.19 9.32
CA ALA C 156 2.83 -38.06 8.50
C ALA C 156 1.34 -37.81 8.71
N LYS C 157 0.95 -37.49 9.94
CA LYS C 157 -0.47 -37.27 10.21
C LYS C 157 -1.02 -36.08 9.42
N TYR C 158 -0.25 -35.01 9.25
CA TYR C 158 -0.73 -33.88 8.45
C TYR C 158 -1.12 -34.33 7.05
N GLU C 159 -0.28 -35.14 6.42
CA GLU C 159 -0.58 -35.61 5.09
C GLU C 159 -1.81 -36.49 5.12
N TYR C 160 -1.97 -37.26 6.20
CA TYR C 160 -3.21 -38.02 6.32
C TYR C 160 -4.42 -37.10 6.29
N SER C 161 -4.39 -36.04 7.08
CA SER C 161 -5.56 -35.15 7.15
C SER C 161 -5.88 -34.52 5.80
N VAL C 162 -4.86 -34.17 5.02
CA VAL C 162 -5.15 -33.64 3.69
C VAL C 162 -5.75 -34.72 2.78
N ALA C 163 -5.19 -35.93 2.83
CA ALA C 163 -5.74 -37.00 2.01
C ALA C 163 -7.17 -37.28 2.38
N GLU C 164 -7.49 -37.23 3.67
CA GLU C 164 -8.87 -37.48 4.09
C GLU C 164 -9.78 -36.38 3.59
N TYR C 165 -9.37 -35.12 3.74
CA TYR C 165 -10.21 -34.04 3.23
C TYR C 165 -10.56 -34.22 1.76
N TYR C 166 -9.57 -34.53 0.93
CA TYR C 166 -9.91 -34.65 -0.49
C TYR C 166 -10.88 -35.76 -0.85
N THR C 167 -11.05 -36.79 -0.03
CA THR C 167 -12.04 -37.77 -0.45
C THR C 167 -13.46 -37.25 -0.32
N GLU C 168 -13.69 -36.24 0.51
CA GLU C 168 -15.04 -35.68 0.59
C GLU C 168 -15.37 -34.73 -0.56
N ARG C 169 -14.37 -34.04 -1.12
CA ARG C 169 -14.64 -33.19 -2.28
C ARG C 169 -14.63 -33.97 -3.58
N GLY C 170 -13.87 -35.06 -3.64
CA GLY C 170 -13.78 -35.89 -4.82
C GLY C 170 -12.58 -35.66 -5.71
N ALA C 171 -11.51 -35.05 -5.20
CA ALA C 171 -10.32 -34.80 -6.00
C ALA C 171 -9.50 -36.09 -6.00
N TRP C 172 -9.97 -37.07 -6.78
CA TRP C 172 -9.45 -38.41 -6.62
C TRP C 172 -8.02 -38.54 -7.13
N VAL C 173 -7.60 -37.66 -8.03
CA VAL C 173 -6.21 -37.69 -8.48
C VAL C 173 -5.31 -37.14 -7.39
N ALA C 174 -5.74 -36.06 -6.73
CA ALA C 174 -4.93 -35.55 -5.64
C ALA C 174 -4.83 -36.60 -4.55
N VAL C 175 -5.88 -37.37 -4.33
CA VAL C 175 -5.85 -38.36 -3.27
C VAL C 175 -4.79 -39.41 -3.59
N VAL C 176 -4.78 -39.89 -4.83
CA VAL C 176 -3.81 -40.92 -5.19
C VAL C 176 -2.38 -40.40 -5.06
N ASN C 177 -2.11 -39.19 -5.56
CA ASN C 177 -0.73 -38.70 -5.48
C ASN C 177 -0.33 -38.34 -4.06
N ARG C 178 -1.26 -37.83 -3.26
CA ARG C 178 -0.94 -37.49 -1.89
C ARG C 178 -0.58 -38.73 -1.08
N VAL C 179 -1.36 -39.80 -1.23
CA VAL C 179 -1.04 -41.00 -0.49
C VAL C 179 0.22 -41.66 -1.02
N GLU C 180 0.43 -41.67 -2.34
CA GLU C 180 1.69 -42.23 -2.81
C GLU C 180 2.88 -41.48 -2.23
N GLY C 181 2.81 -40.15 -2.16
CA GLY C 181 3.87 -39.41 -1.50
C GLY C 181 4.09 -39.85 -0.07
N MET C 182 3.00 -40.01 0.68
CA MET C 182 3.12 -40.49 2.05
C MET C 182 3.83 -41.83 2.08
N LEU C 183 3.45 -42.74 1.17
CA LEU C 183 4.04 -44.07 1.16
C LEU C 183 5.53 -44.03 0.84
N ARG C 184 5.95 -43.10 -0.03
CA ARG C 184 7.38 -42.96 -0.29
C ARG C 184 8.14 -42.41 0.91
N ASP C 185 7.61 -41.41 1.61
CA ASP C 185 8.36 -40.83 2.71
C ASP C 185 8.14 -41.44 4.09
N TYR C 186 6.99 -42.02 4.41
CA TYR C 186 6.71 -42.49 5.77
C TYR C 186 6.24 -43.94 5.78
N PRO C 187 7.12 -44.88 5.41
CA PRO C 187 6.71 -46.29 5.29
C PRO C 187 6.50 -47.01 6.62
N ASP C 188 6.87 -46.43 7.75
CA ASP C 188 6.83 -47.14 9.04
C ASP C 188 5.88 -46.53 10.06
N THR C 189 5.08 -45.55 9.69
CA THR C 189 4.13 -44.93 10.61
C THR C 189 2.75 -45.55 10.52
N GLN C 190 1.97 -45.28 11.57
CA GLN C 190 0.58 -45.73 11.67
C GLN C 190 -0.30 -45.03 10.64
N ALA C 191 -0.01 -43.77 10.36
CA ALA C 191 -0.82 -43.00 9.43
C ALA C 191 -0.87 -43.62 8.03
N THR C 192 0.22 -44.20 7.55
CA THR C 192 0.17 -44.85 6.24
C THR C 192 -0.68 -46.12 6.27
N ARG C 193 -0.51 -46.95 7.30
CA ARG C 193 -1.32 -48.15 7.39
C ARG C 193 -2.79 -47.82 7.45
N ASP C 194 -3.16 -46.73 8.15
CA ASP C 194 -4.55 -46.31 8.12
C ASP C 194 -4.95 -45.62 6.81
N ALA C 195 -4.01 -45.02 6.09
CA ALA C 195 -4.36 -44.30 4.87
C ALA C 195 -4.69 -45.23 3.72
N LEU C 196 -4.09 -46.42 3.70
CA LEU C 196 -4.19 -47.27 2.51
C LEU C 196 -5.60 -47.47 1.97
N PRO C 197 -6.62 -47.74 2.79
CA PRO C 197 -7.98 -47.81 2.23
C PRO C 197 -8.40 -46.56 1.48
N LEU C 198 -7.81 -45.40 1.77
CA LEU C 198 -8.20 -44.22 1.00
C LEU C 198 -7.74 -44.37 -0.44
N MET C 199 -6.57 -44.98 -0.62
CA MET C 199 -6.09 -45.25 -1.96
C MET C 199 -6.96 -46.30 -2.64
N GLU C 200 -7.33 -47.35 -1.90
CA GLU C 200 -8.18 -48.36 -2.54
C GLU C 200 -9.48 -47.74 -3.04
N ASN C 201 -10.06 -46.83 -2.25
CA ASN C 201 -11.29 -46.20 -2.70
C ASN C 201 -11.01 -45.29 -3.89
N ALA C 202 -9.92 -44.52 -3.84
CA ALA C 202 -9.63 -43.64 -4.95
C ALA C 202 -9.45 -44.42 -6.25
N TYR C 203 -8.82 -45.58 -6.19
CA TYR C 203 -8.67 -46.42 -7.37
C TYR C 203 -9.93 -47.19 -7.73
N ARG C 204 -10.98 -47.12 -6.92
CA ARG C 204 -12.24 -47.76 -7.31
C ARG C 204 -13.31 -46.78 -7.76
N GLN C 205 -13.30 -45.54 -7.30
CA GLN C 205 -14.23 -44.57 -7.89
C GLN C 205 -13.86 -44.28 -9.34
N MET C 206 -12.57 -44.26 -9.67
CA MET C 206 -12.17 -44.34 -11.06
C MET C 206 -12.07 -45.80 -11.48
N GLN C 207 -12.36 -46.05 -12.76
CA GLN C 207 -12.32 -47.38 -13.37
C GLN C 207 -10.89 -47.82 -13.65
N MET C 208 -10.16 -48.10 -12.57
CA MET C 208 -8.77 -48.52 -12.65
C MET C 208 -8.55 -49.78 -11.81
N ASN C 209 -9.42 -50.76 -12.04
CA ASN C 209 -9.49 -51.97 -11.21
C ASN C 209 -8.17 -52.72 -11.16
N ALA C 210 -7.39 -52.69 -12.24
CA ALA C 210 -6.11 -53.38 -12.25
C ALA C 210 -5.20 -52.89 -11.13
N GLN C 211 -5.32 -51.63 -10.74
CA GLN C 211 -4.48 -51.08 -9.69
C GLN C 211 -5.13 -51.31 -8.33
N ALA C 212 -6.45 -51.30 -8.30
CA ALA C 212 -7.18 -51.58 -7.08
C ALA C 212 -6.87 -52.97 -6.56
N GLU C 213 -6.72 -53.95 -7.45
CA GLU C 213 -6.39 -55.28 -6.95
C GLU C 213 -5.00 -55.31 -6.33
N LYS C 214 -4.07 -54.51 -6.85
CA LYS C 214 -2.75 -54.44 -6.25
C LYS C 214 -2.83 -53.87 -4.85
N VAL C 215 -3.68 -52.85 -4.68
CA VAL C 215 -3.85 -52.28 -3.36
C VAL C 215 -4.51 -53.28 -2.42
N ALA C 216 -5.53 -53.99 -2.90
CA ALA C 216 -6.18 -54.99 -2.05
C ALA C 216 -5.19 -56.04 -1.59
N LYS C 217 -4.29 -56.48 -2.47
CA LYS C 217 -3.28 -57.44 -2.07
C LYS C 217 -2.31 -56.85 -1.04
N ILE C 218 -1.99 -55.57 -1.17
CA ILE C 218 -1.14 -54.95 -0.16
C ILE C 218 -1.84 -54.91 1.19
N ILE C 219 -3.12 -54.56 1.19
CA ILE C 219 -3.86 -54.49 2.45
C ILE C 219 -3.93 -55.87 3.09
N ALA C 220 -4.25 -56.89 2.30
CA ALA C 220 -4.33 -58.24 2.86
C ALA C 220 -2.98 -58.72 3.39
N ALA C 221 -1.90 -58.46 2.66
CA ALA C 221 -0.58 -58.90 3.12
C ALA C 221 -0.19 -58.29 4.46
N ASN C 222 -0.60 -57.05 4.73
CA ASN C 222 -0.24 -56.38 5.98
C ASN C 222 -1.38 -56.35 6.99
N SER C 223 -2.42 -57.15 6.80
CA SER C 223 -3.51 -57.18 7.75
C SER C 223 -3.11 -57.99 8.98
N SER C 224 -3.71 -57.64 10.11
CA SER C 224 -3.47 -58.36 11.35
C SER C 224 -4.62 -58.12 12.33
N ASP D 14 6.60 -31.35 28.21
CA ASP D 14 5.87 -32.56 28.59
C ASP D 14 6.66 -33.80 28.19
N GLU D 15 6.11 -34.97 28.53
CA GLU D 15 6.70 -36.25 28.17
C GLU D 15 5.87 -36.99 27.13
N ALA D 16 4.95 -36.29 26.46
CA ALA D 16 4.10 -36.92 25.46
C ALA D 16 4.92 -37.60 24.37
N TYR D 17 6.09 -37.06 24.07
CA TYR D 17 6.97 -37.68 23.08
C TYR D 17 7.40 -39.08 23.47
N LEU D 18 7.32 -39.45 24.74
CA LEU D 18 7.67 -40.81 25.11
C LEU D 18 6.55 -41.81 24.89
N GLU D 19 5.36 -41.37 24.46
CA GLU D 19 4.24 -42.28 24.22
C GLU D 19 4.07 -42.65 22.75
N ALA D 20 4.99 -42.27 21.87
CA ALA D 20 4.79 -42.56 20.45
C ALA D 20 4.74 -44.06 20.21
N ALA D 21 3.91 -44.47 19.25
CA ALA D 21 3.80 -45.87 18.89
C ALA D 21 5.12 -46.39 18.30
N PRO D 22 5.39 -47.68 18.45
CA PRO D 22 6.60 -48.24 17.84
C PRO D 22 6.52 -48.20 16.33
N LEU D 23 7.67 -47.93 15.69
CA LEU D 23 7.76 -47.82 14.24
C LEU D 23 7.85 -49.21 13.61
N ALA D 24 6.69 -49.86 13.52
CA ALA D 24 6.59 -51.20 12.97
C ALA D 24 6.55 -51.09 11.44
N GLU D 25 7.63 -51.50 10.79
CA GLU D 25 7.78 -51.31 9.36
C GLU D 25 6.97 -52.32 8.55
N LEU D 26 6.44 -51.83 7.42
CA LEU D 26 5.70 -52.64 6.47
C LEU D 26 6.60 -53.63 5.76
N HIS D 27 6.04 -54.79 5.42
CA HIS D 27 6.74 -55.78 4.63
C HIS D 27 6.08 -55.86 3.25
N ALA D 28 6.87 -56.26 2.26
CA ALA D 28 6.34 -56.32 0.91
C ALA D 28 5.43 -57.54 0.74
N PRO D 29 4.35 -57.43 -0.04
CA PRO D 29 3.57 -58.61 -0.37
C PRO D 29 4.32 -59.47 -1.38
N ALA D 30 3.85 -60.71 -1.55
CA ALA D 30 4.34 -61.53 -2.64
C ALA D 30 4.01 -60.90 -3.99
N GLY D 31 4.99 -60.86 -4.88
CA GLY D 31 4.78 -60.24 -6.18
C GLY D 31 5.19 -58.80 -6.39
N MET D 32 4.26 -57.88 -6.11
CA MET D 32 4.50 -56.46 -6.36
C MET D 32 5.34 -55.85 -5.25
N ILE D 33 6.30 -55.04 -5.65
CA ILE D 33 7.21 -54.36 -4.73
C ILE D 33 6.63 -53.04 -4.26
N LEU D 34 6.97 -52.68 -3.03
CA LEU D 34 6.61 -51.40 -2.46
C LEU D 34 7.40 -50.30 -3.14
N PRO D 35 6.94 -49.06 -3.05
CA PRO D 35 7.68 -47.97 -3.70
C PRO D 35 9.10 -47.87 -3.16
N VAL D 36 9.98 -47.32 -3.99
CA VAL D 36 11.36 -47.13 -3.57
C VAL D 36 11.41 -46.18 -2.39
N THR D 37 12.10 -46.59 -1.34
CA THR D 37 12.14 -45.80 -0.11
C THR D 37 12.87 -44.48 -0.35
N SER D 38 12.26 -43.39 0.09
CA SER D 38 12.94 -42.10 0.01
C SER D 38 14.13 -42.08 0.96
N GLY D 39 15.19 -41.39 0.54
CA GLY D 39 16.34 -41.27 1.43
C GLY D 39 16.18 -40.28 2.55
N ASP D 40 15.13 -39.46 2.51
CA ASP D 40 14.90 -38.46 3.54
C ASP D 40 14.24 -39.06 4.78
N TYR D 41 14.34 -38.31 5.88
CA TYR D 41 13.73 -38.65 7.17
C TYR D 41 14.18 -40.00 7.70
N ALA D 42 15.32 -40.51 7.25
CA ALA D 42 15.84 -41.74 7.81
C ALA D 42 16.37 -41.46 9.20
N ILE D 43 16.19 -42.40 10.12
CA ILE D 43 16.69 -42.22 11.49
C ILE D 43 17.82 -43.23 11.70
N PRO D 44 19.04 -42.77 11.98
CA PRO D 44 20.14 -43.72 12.22
C PRO D 44 19.86 -44.56 13.46
N VAL D 45 20.40 -45.78 13.45
CA VAL D 45 20.30 -46.63 14.63
C VAL D 45 21.27 -46.12 15.68
N THR D 46 20.76 -45.91 16.89
CA THR D 46 21.54 -45.40 18.01
C THR D 46 21.40 -46.34 19.19
N ASN D 47 22.30 -46.19 20.16
CA ASN D 47 22.25 -47.06 21.33
C ASN D 47 21.11 -46.72 22.28
N GLY D 48 20.73 -45.45 22.39
CA GLY D 48 19.64 -45.11 23.30
C GLY D 48 19.99 -45.29 24.76
N SER D 49 21.26 -45.12 25.13
CA SER D 49 21.73 -45.38 26.48
C SER D 49 21.51 -44.25 27.48
N GLY D 50 21.14 -43.05 27.04
CA GLY D 50 21.04 -41.91 27.94
C GLY D 50 19.67 -41.77 28.61
N ALA D 51 19.55 -40.68 29.36
CA ALA D 51 18.32 -40.32 30.05
C ALA D 51 17.36 -39.60 29.11
N VAL D 52 16.07 -39.70 29.43
CA VAL D 52 15.03 -38.99 28.70
C VAL D 52 14.12 -38.22 29.65
N GLY D 53 13.52 -37.16 29.12
CA GLY D 53 12.50 -36.42 29.84
C GLY D 53 12.94 -35.82 31.16
N LYS D 54 12.16 -36.09 32.20
CA LYS D 54 12.46 -35.56 33.54
C LYS D 54 13.74 -36.15 34.12
N ALA D 55 14.23 -37.27 33.58
CA ALA D 55 15.43 -37.87 34.11
C ALA D 55 16.70 -37.24 33.54
N LEU D 56 16.57 -36.35 32.57
CA LEU D 56 17.71 -35.76 31.87
C LEU D 56 17.99 -34.36 32.40
N ASP D 57 19.22 -34.15 32.87
CA ASP D 57 19.67 -32.86 33.36
C ASP D 57 20.09 -32.01 32.17
N ILE D 58 19.36 -30.94 31.89
CA ILE D 58 19.58 -30.11 30.73
C ILE D 58 20.17 -28.75 31.09
N ARG D 59 20.80 -28.63 32.26
CA ARG D 59 21.47 -27.41 32.63
C ARG D 59 22.75 -27.25 31.80
N PRO D 60 23.27 -26.03 31.68
CA PRO D 60 24.49 -25.83 30.92
C PRO D 60 25.62 -26.64 31.53
N PRO D 61 26.63 -27.01 30.72
CA PRO D 61 27.78 -27.76 31.25
C PRO D 61 28.44 -27.09 32.45
N LEU E 4 -33.77 -32.51 -2.40
CA LEU E 4 -33.64 -31.57 -3.51
C LEU E 4 -32.36 -30.76 -3.38
N GLU E 5 -31.25 -31.49 -3.28
CA GLU E 5 -29.91 -30.91 -3.25
C GLU E 5 -29.49 -30.37 -4.61
N ARG E 6 -30.26 -30.63 -5.66
CA ARG E 6 -29.92 -30.18 -7.01
C ARG E 6 -29.81 -28.67 -7.14
N VAL E 7 -30.32 -27.91 -6.17
CA VAL E 7 -30.23 -26.45 -6.24
C VAL E 7 -29.02 -25.88 -5.54
N VAL E 8 -28.23 -26.70 -4.85
CA VAL E 8 -27.06 -26.19 -4.13
C VAL E 8 -25.89 -26.06 -5.10
N TYR E 9 -25.28 -24.89 -5.11
CA TYR E 9 -24.17 -24.61 -6.02
C TYR E 9 -22.94 -25.44 -5.65
N ARG E 10 -22.33 -26.07 -6.65
CA ARG E 10 -21.10 -26.83 -6.47
C ARG E 10 -20.09 -26.35 -7.51
N PRO E 11 -18.91 -25.88 -7.10
CA PRO E 11 -17.92 -25.47 -8.09
C PRO E 11 -17.56 -26.61 -9.02
N ASP E 12 -17.36 -26.28 -10.29
CA ASP E 12 -16.98 -27.29 -11.25
C ASP E 12 -15.61 -27.85 -10.90
N ILE E 13 -15.47 -29.16 -11.02
CA ILE E 13 -14.27 -29.88 -10.65
C ILE E 13 -13.60 -30.42 -11.90
N ASN E 14 -12.31 -30.14 -12.06
CA ASN E 14 -11.48 -30.73 -13.10
C ASN E 14 -10.50 -31.69 -12.45
N GLN E 15 -10.27 -32.84 -13.09
CA GLN E 15 -9.24 -33.73 -12.56
C GLN E 15 -8.41 -34.30 -13.69
N GLY E 16 -7.13 -34.49 -13.40
CA GLY E 16 -6.21 -35.22 -14.26
C GLY E 16 -5.63 -34.32 -15.33
N ASN E 17 -4.86 -34.92 -16.22
CA ASN E 17 -4.24 -34.15 -17.28
C ASN E 17 -5.25 -33.89 -18.38
N TYR E 18 -4.96 -32.91 -19.23
CA TYR E 18 -5.79 -32.67 -20.40
C TYR E 18 -5.44 -33.63 -21.53
N LEU E 19 -6.46 -34.06 -22.26
CA LEU E 19 -6.31 -34.90 -23.46
C LEU E 19 -7.19 -34.37 -24.58
N THR E 20 -6.67 -34.44 -25.80
CA THR E 20 -7.50 -34.15 -26.97
C THR E 20 -7.06 -35.04 -28.13
N ALA E 21 -8.00 -35.29 -29.05
CA ALA E 21 -7.75 -36.18 -30.17
C ALA E 21 -6.53 -35.72 -30.99
N ASN E 22 -6.31 -34.41 -31.04
CA ASN E 22 -5.20 -33.87 -31.83
C ASN E 22 -3.86 -34.32 -31.28
N ASP E 23 -3.81 -34.68 -29.99
CA ASP E 23 -2.59 -35.13 -29.35
C ASP E 23 -2.50 -36.64 -29.26
N VAL E 24 -3.59 -37.32 -28.88
CA VAL E 24 -3.52 -38.76 -28.74
C VAL E 24 -3.40 -39.43 -30.11
N SER E 25 -3.91 -38.79 -31.16
CA SER E 25 -3.77 -39.41 -32.47
C SER E 25 -2.33 -39.43 -32.95
N LYS E 26 -1.42 -38.74 -32.26
CA LYS E 26 -0.01 -38.74 -32.63
C LYS E 26 0.80 -39.85 -31.96
N ILE E 27 0.23 -40.58 -31.00
CA ILE E 27 1.02 -41.56 -30.27
C ILE E 27 1.12 -42.83 -31.10
N ARG E 28 2.34 -43.38 -31.20
CA ARG E 28 2.55 -44.61 -31.93
C ARG E 28 3.44 -45.55 -31.12
N VAL E 29 3.21 -46.85 -31.30
CA VAL E 29 4.12 -47.84 -30.71
C VAL E 29 5.49 -47.68 -31.34
N GLY E 30 6.53 -47.69 -30.51
CA GLY E 30 7.87 -47.36 -30.95
C GLY E 30 8.40 -46.03 -30.47
N MET E 31 7.55 -45.14 -29.97
CA MET E 31 8.05 -43.91 -29.40
C MET E 31 8.75 -44.16 -28.06
N THR E 32 9.73 -43.33 -27.76
CA THR E 32 10.41 -43.38 -26.48
C THR E 32 9.60 -42.64 -25.42
N GLN E 33 9.97 -42.89 -24.16
CA GLN E 33 9.31 -42.17 -23.08
C GLN E 33 9.53 -40.67 -23.19
N GLN E 34 10.69 -40.24 -23.69
CA GLN E 34 10.93 -38.82 -23.86
C GLN E 34 10.03 -38.24 -24.94
N GLN E 35 9.79 -39.02 -26.00
CA GLN E 35 8.92 -38.55 -27.06
C GLN E 35 7.48 -38.46 -26.59
N VAL E 36 7.02 -39.43 -25.82
CA VAL E 36 5.65 -39.37 -25.33
C VAL E 36 5.49 -38.25 -24.33
N ALA E 37 6.43 -38.13 -23.39
CA ALA E 37 6.36 -37.06 -22.40
C ALA E 37 6.36 -35.69 -23.06
N TYR E 38 7.16 -35.52 -24.12
CA TYR E 38 7.09 -34.30 -24.92
C TYR E 38 5.74 -34.10 -25.59
N ALA E 39 5.23 -35.13 -26.27
CA ALA E 39 3.97 -34.95 -26.99
C ALA E 39 2.79 -34.66 -26.08
N LEU E 40 2.67 -35.35 -24.95
CA LEU E 40 1.51 -35.21 -24.08
C LEU E 40 1.77 -34.41 -22.80
N GLY E 41 3.00 -34.38 -22.32
CA GLY E 41 3.34 -33.78 -21.04
C GLY E 41 3.49 -34.80 -19.93
N THR E 42 3.98 -34.30 -18.80
CA THR E 42 4.32 -35.17 -17.67
C THR E 42 3.11 -35.90 -17.10
N PRO E 43 3.17 -37.22 -16.97
CA PRO E 43 2.06 -37.96 -16.37
C PRO E 43 1.86 -37.53 -14.93
N LEU E 44 0.60 -37.47 -14.48
CA LEU E 44 0.32 -37.24 -13.07
C LEU E 44 0.11 -38.53 -12.29
N MET E 45 -0.14 -39.64 -12.96
CA MET E 45 -0.35 -40.91 -12.29
C MET E 45 0.50 -41.98 -12.95
N SER E 46 1.04 -42.87 -12.11
CA SER E 46 1.78 -44.03 -12.61
C SER E 46 1.71 -45.09 -11.53
N ASP E 47 2.08 -46.30 -11.90
CA ASP E 47 2.13 -47.39 -10.93
C ASP E 47 3.42 -47.37 -10.12
N PRO E 48 3.35 -47.08 -8.82
CA PRO E 48 4.57 -46.98 -8.04
C PRO E 48 5.07 -48.33 -7.56
N PHE E 49 4.35 -49.40 -7.88
CA PHE E 49 4.57 -50.70 -7.27
C PHE E 49 5.41 -51.61 -8.15
N GLY E 50 6.11 -51.04 -9.14
CA GLY E 50 7.07 -51.75 -9.95
C GLY E 50 6.68 -51.99 -11.40
N THR E 51 5.48 -51.60 -11.82
CA THR E 51 5.09 -51.74 -13.22
C THR E 51 5.35 -50.42 -13.94
N ASN E 52 6.08 -50.48 -15.04
CA ASN E 52 6.47 -49.28 -15.78
C ASN E 52 5.34 -48.88 -16.73
N THR E 53 4.31 -48.24 -16.17
CA THR E 53 3.15 -47.84 -16.95
C THR E 53 2.70 -46.45 -16.54
N TRP E 54 2.11 -45.71 -17.48
CA TRP E 54 1.57 -44.38 -17.20
C TRP E 54 0.05 -44.36 -17.38
N PHE E 55 -0.62 -43.60 -16.51
CA PHE E 55 -2.07 -43.38 -16.54
C PHE E 55 -2.40 -41.93 -16.86
N TYR E 56 -3.07 -41.71 -18.00
CA TYR E 56 -3.54 -40.39 -18.43
C TYR E 56 -5.06 -40.32 -18.30
N VAL E 57 -5.55 -39.44 -17.42
CA VAL E 57 -6.96 -39.42 -17.04
C VAL E 57 -7.50 -38.01 -17.22
N PHE E 58 -8.58 -37.88 -18.00
CA PHE E 58 -9.28 -36.62 -18.22
C PHE E 58 -10.68 -36.71 -17.62
N ARG E 59 -10.92 -35.99 -16.51
CA ARG E 59 -12.18 -36.09 -15.77
C ARG E 59 -12.81 -34.72 -15.52
N GLN E 60 -14.11 -34.60 -15.81
CA GLN E 60 -14.86 -33.37 -15.54
C GLN E 60 -16.23 -33.70 -14.96
N GLN E 61 -16.67 -32.89 -13.99
CA GLN E 61 -18.01 -33.02 -13.39
C GLN E 61 -18.68 -31.66 -13.24
N PRO E 62 -18.90 -30.93 -14.32
CA PRO E 62 -19.47 -29.59 -14.19
C PRO E 62 -20.98 -29.62 -14.00
N GLY E 63 -21.48 -28.57 -13.36
CA GLY E 63 -22.89 -28.24 -13.41
C GLY E 63 -23.83 -29.26 -12.80
N HIS E 64 -23.34 -30.12 -11.90
CA HIS E 64 -24.13 -31.26 -11.43
C HIS E 64 -24.54 -32.18 -12.57
N GLU E 65 -23.78 -32.16 -13.66
CA GLU E 65 -24.07 -33.01 -14.80
C GLU E 65 -23.40 -34.37 -14.61
N GLY E 66 -23.62 -35.26 -15.57
CA GLY E 66 -23.01 -36.58 -15.50
C GLY E 66 -21.50 -36.51 -15.58
N VAL E 67 -20.86 -37.57 -15.08
CA VAL E 67 -19.41 -37.64 -15.03
C VAL E 67 -18.89 -37.83 -16.44
N THR E 68 -17.94 -37.00 -16.85
CA THR E 68 -17.29 -37.13 -18.14
C THR E 68 -15.84 -37.53 -17.93
N GLN E 69 -15.44 -38.64 -18.55
CA GLN E 69 -14.06 -39.10 -18.39
C GLN E 69 -13.57 -39.86 -19.61
N GLN E 70 -12.33 -39.59 -19.98
CA GLN E 70 -11.60 -40.33 -21.00
C GLN E 70 -10.33 -40.88 -20.35
N THR E 71 -10.05 -42.16 -20.58
CA THR E 71 -8.92 -42.82 -19.91
C THR E 71 -7.95 -43.43 -20.91
N LEU E 72 -6.67 -43.11 -20.77
CA LEU E 72 -5.61 -43.65 -21.61
C LEU E 72 -4.59 -44.34 -20.71
N THR E 73 -4.28 -45.60 -20.99
CA THR E 73 -3.24 -46.32 -20.26
C THR E 73 -2.13 -46.67 -21.23
N LEU E 74 -0.89 -46.38 -20.85
CA LEU E 74 0.26 -46.64 -21.69
C LEU E 74 1.21 -47.59 -20.97
N THR E 75 1.55 -48.69 -21.64
CA THR E 75 2.40 -49.72 -21.07
C THR E 75 3.76 -49.72 -21.76
N PHE E 76 4.82 -49.62 -20.97
CA PHE E 76 6.19 -49.58 -21.47
C PHE E 76 6.93 -50.83 -21.01
N ASN E 77 7.95 -51.21 -21.75
CA ASN E 77 8.84 -52.29 -21.33
C ASN E 77 9.95 -51.75 -20.45
N SER E 78 10.85 -52.63 -20.04
CA SER E 78 11.92 -52.26 -19.12
C SER E 78 12.93 -51.31 -19.75
N SER E 79 12.98 -51.25 -21.08
CA SER E 79 13.88 -50.36 -21.79
C SER E 79 13.33 -48.96 -21.99
N GLY E 80 12.08 -48.70 -21.60
CA GLY E 80 11.47 -47.40 -21.85
C GLY E 80 10.75 -47.27 -23.16
N VAL E 81 10.48 -48.37 -23.86
CA VAL E 81 9.81 -48.33 -25.15
C VAL E 81 8.35 -48.70 -24.95
N LEU E 82 7.45 -47.91 -25.52
CA LEU E 82 6.02 -48.16 -25.35
C LEU E 82 5.67 -49.50 -25.99
N THR E 83 4.97 -50.35 -25.22
CA THR E 83 4.50 -51.61 -25.76
C THR E 83 2.99 -51.71 -25.92
N ASN E 84 2.19 -50.96 -25.20
CA ASN E 84 0.75 -51.08 -25.42
C ASN E 84 -0.03 -49.81 -25.09
N ILE E 85 -1.16 -49.67 -25.78
CA ILE E 85 -2.07 -48.53 -25.68
C ILE E 85 -3.45 -49.10 -25.36
N ASP E 86 -4.06 -48.63 -24.27
CA ASP E 86 -5.43 -49.03 -23.92
C ASP E 86 -6.27 -47.78 -23.64
N ASN E 87 -7.23 -47.49 -24.51
CA ASN E 87 -7.95 -46.22 -24.51
C ASN E 87 -9.45 -46.45 -24.32
N LYS E 88 -9.97 -46.02 -23.16
CA LYS E 88 -11.39 -46.12 -22.85
C LYS E 88 -12.02 -44.78 -23.16
N PRO E 89 -12.87 -44.66 -24.18
CA PRO E 89 -13.39 -43.33 -24.54
C PRO E 89 -14.43 -42.80 -23.56
N ALA E 90 -15.04 -43.66 -22.75
CA ALA E 90 -16.08 -43.24 -21.84
C ALA E 90 -16.21 -44.26 -20.72
N LEU E 91 -16.80 -43.84 -19.61
CA LEU E 91 -17.09 -44.77 -18.53
C LEU E 91 -18.19 -45.74 -18.95
N SER E 92 -18.11 -46.95 -18.44
CA SER E 92 -19.09 -47.97 -18.74
C SER E 92 -19.13 -49.03 -17.65
N VAL F 11 21.01 30.93 8.46
CA VAL F 11 22.01 29.96 8.91
C VAL F 11 23.28 30.68 9.34
N LYS F 12 23.44 31.92 8.89
CA LYS F 12 24.62 32.71 9.23
C LYS F 12 24.22 34.16 9.35
N MET F 13 25.01 34.91 10.12
CA MET F 13 24.75 36.32 10.33
C MET F 13 25.17 37.14 9.11
N SER F 14 24.38 38.15 8.79
CA SER F 14 24.76 39.11 7.75
C SER F 14 24.99 40.46 8.41
N PRO F 15 26.23 40.88 8.61
CA PRO F 15 26.48 42.14 9.32
C PRO F 15 26.27 43.34 8.40
N LEU F 16 26.08 44.50 9.02
CA LEU F 16 26.20 45.74 8.27
C LEU F 16 27.31 46.61 8.86
N PRO F 17 28.00 47.38 8.02
CA PRO F 17 28.95 48.37 8.54
C PRO F 17 28.24 49.55 9.19
N THR F 18 28.99 50.27 10.02
CA THR F 18 28.52 51.52 10.62
C THR F 18 29.59 52.55 10.31
N VAL F 19 29.46 53.20 9.14
CA VAL F 19 30.48 54.09 8.62
C VAL F 19 29.83 55.38 8.13
N GLU F 20 30.66 56.41 8.00
CA GLU F 20 30.21 57.71 7.53
C GLU F 20 29.90 57.64 6.03
N ASN F 21 28.83 58.33 5.62
CA ASN F 21 28.51 58.49 4.21
C ASN F 21 29.21 59.77 3.74
N GLN F 22 30.42 59.59 3.22
CA GLN F 22 31.31 60.72 2.98
C GLN F 22 30.77 61.66 1.91
N PHE F 23 30.15 61.12 0.86
CA PHE F 23 29.74 61.92 -0.28
C PHE F 23 28.23 61.97 -0.50
N THR F 24 27.45 61.19 0.25
CA THR F 24 25.99 61.11 0.09
C THR F 24 25.60 61.21 -1.38
N PRO F 25 26.06 60.28 -2.22
CA PRO F 25 25.75 60.34 -3.66
C PRO F 25 24.27 60.62 -3.90
N THR F 26 24.01 61.53 -4.83
CA THR F 26 22.66 61.97 -5.14
C THR F 26 22.07 61.16 -6.28
N THR F 27 20.83 60.71 -6.08
CA THR F 27 20.09 60.01 -7.12
C THR F 27 19.64 61.00 -8.19
N ALA F 28 19.97 60.70 -9.45
CA ALA F 28 19.63 61.63 -10.52
C ALA F 28 18.18 61.45 -10.96
N TRP F 29 17.72 60.21 -11.10
CA TRP F 29 16.33 59.97 -11.43
C TRP F 29 16.01 58.51 -11.13
N SER F 30 14.72 58.21 -11.10
CA SER F 30 14.27 56.83 -10.97
C SER F 30 12.93 56.66 -11.68
N THR F 31 12.67 55.42 -12.09
CA THR F 31 11.37 55.06 -12.65
C THR F 31 11.27 53.54 -12.62
N SER F 32 10.11 53.02 -12.99
CA SER F 32 9.92 51.57 -13.01
C SER F 32 9.57 51.12 -14.42
N VAL F 33 9.93 49.87 -14.73
CA VAL F 33 9.52 49.23 -15.98
C VAL F 33 8.78 47.95 -15.63
N GLY F 34 7.46 48.00 -15.60
CA GLY F 34 6.68 46.80 -15.38
C GLY F 34 6.97 46.16 -14.03
N SER F 35 6.88 44.83 -14.02
CA SER F 35 7.11 44.08 -12.78
C SER F 35 8.60 43.94 -12.47
N GLY F 36 9.37 43.45 -13.44
CA GLY F 36 10.80 43.26 -13.25
C GLY F 36 11.17 41.80 -13.05
N ILE F 37 12.25 41.57 -12.32
CA ILE F 37 12.88 40.26 -12.22
C ILE F 37 12.34 39.49 -11.02
N GLY F 38 12.12 40.16 -9.90
CA GLY F 38 11.67 39.48 -8.70
C GLY F 38 12.70 38.52 -8.16
N ASN F 39 12.28 37.29 -7.88
CA ASN F 39 13.18 36.29 -7.32
C ASN F 39 13.76 35.33 -8.36
N PHE F 40 13.58 35.62 -9.64
CA PHE F 40 14.12 34.74 -10.68
C PHE F 40 15.55 35.19 -10.96
N TYR F 41 16.49 34.25 -10.89
CA TYR F 41 17.89 34.55 -11.13
C TYR F 41 18.18 34.47 -12.63
N SER F 42 18.64 35.58 -13.19
CA SER F 42 18.92 35.68 -14.62
C SER F 42 19.93 36.79 -14.83
N ASN F 43 20.56 36.78 -15.98
CA ASN F 43 21.49 37.85 -16.34
C ASN F 43 20.81 38.92 -17.19
N LEU F 44 19.75 39.49 -16.60
CA LEU F 44 18.99 40.55 -17.25
C LEU F 44 19.45 41.89 -16.70
N HIS F 45 19.83 42.80 -17.59
CA HIS F 45 20.45 44.03 -17.16
C HIS F 45 20.21 45.10 -18.20
N PRO F 46 20.27 46.37 -17.82
CA PRO F 46 20.15 47.46 -18.79
C PRO F 46 21.43 47.65 -19.60
N ALA F 47 21.30 48.45 -20.64
CA ALA F 47 22.41 48.87 -21.48
C ALA F 47 22.21 50.33 -21.87
N LEU F 48 23.30 51.03 -22.11
CA LEU F 48 23.22 52.43 -22.51
C LEU F 48 23.98 52.66 -23.80
N ALA F 49 23.33 53.32 -24.74
CA ALA F 49 23.99 53.74 -25.97
C ALA F 49 23.28 54.96 -26.52
N ASP F 50 24.05 55.87 -27.10
CA ASP F 50 23.50 57.06 -27.75
C ASP F 50 22.58 57.85 -26.82
N ASN F 51 22.95 57.91 -25.54
CA ASN F 51 22.16 58.61 -24.53
C ASN F 51 20.78 58.00 -24.32
N VAL F 52 20.58 56.74 -24.72
CA VAL F 52 19.34 56.03 -24.49
C VAL F 52 19.62 54.77 -23.69
N VAL F 53 18.83 54.60 -22.61
CA VAL F 53 18.92 53.46 -21.72
C VAL F 53 17.91 52.42 -22.20
N TYR F 54 18.35 51.20 -22.39
CA TYR F 54 17.49 50.10 -22.80
C TYR F 54 17.38 49.10 -21.66
N ALA F 55 16.14 48.71 -21.35
CA ALA F 55 15.87 47.82 -20.23
C ALA F 55 14.62 47.02 -20.55
N ALA F 56 14.45 45.89 -19.88
CA ALA F 56 13.33 45.00 -20.16
C ALA F 56 12.83 44.35 -18.88
N ASP F 57 11.55 44.00 -18.91
CA ASP F 57 10.93 43.19 -17.86
C ASP F 57 10.92 41.72 -18.24
N ARG F 58 10.97 40.86 -17.22
CA ARG F 58 10.86 39.43 -17.48
C ARG F 58 9.55 39.08 -18.16
N ALA F 59 8.47 39.80 -17.85
CA ALA F 59 7.19 39.51 -18.48
C ALA F 59 7.25 39.72 -19.99
N GLY F 60 8.11 40.61 -20.47
CA GLY F 60 8.18 40.89 -21.90
C GLY F 60 8.13 42.35 -22.29
N LEU F 61 7.90 43.24 -21.34
CA LEU F 61 7.89 44.67 -21.64
C LEU F 61 9.32 45.20 -21.75
N VAL F 62 9.62 45.87 -22.87
CA VAL F 62 10.95 46.40 -23.13
C VAL F 62 10.81 47.90 -23.37
N LYS F 63 11.62 48.70 -22.68
CA LYS F 63 11.60 50.14 -22.85
C LYS F 63 12.97 50.68 -23.24
N ALA F 64 12.92 51.78 -24.00
CA ALA F 64 14.04 52.69 -24.22
C ALA F 64 13.68 54.02 -23.56
N LEU F 65 14.55 54.47 -22.66
CA LEU F 65 14.36 55.65 -21.84
C LEU F 65 15.38 56.71 -22.20
N ASN F 66 15.01 57.97 -22.00
CA ASN F 66 15.96 59.08 -22.06
C ASN F 66 16.90 59.03 -20.87
N ALA F 67 18.20 58.91 -21.18
CA ALA F 67 19.22 58.68 -20.16
C ALA F 67 19.36 59.83 -19.18
N ASP F 68 18.88 61.03 -19.52
CA ASP F 68 19.12 62.20 -18.70
C ASP F 68 18.02 62.42 -17.66
N ASP F 69 16.79 62.00 -17.94
CA ASP F 69 15.68 62.25 -17.04
C ASP F 69 14.77 61.04 -16.85
N GLY F 70 15.08 59.90 -17.45
CA GLY F 70 14.28 58.71 -17.23
C GLY F 70 12.99 58.69 -18.02
N LYS F 71 12.79 59.67 -18.90
CA LYS F 71 11.58 59.74 -19.69
C LYS F 71 11.52 58.57 -20.65
N GLU F 72 10.34 57.97 -20.78
CA GLU F 72 10.16 56.91 -21.76
C GLU F 72 10.09 57.49 -23.16
N ILE F 73 10.94 56.97 -24.04
CA ILE F 73 10.99 57.40 -25.44
C ILE F 73 10.53 56.31 -26.38
N TRP F 74 10.54 55.04 -25.96
CA TRP F 74 10.02 53.96 -26.78
C TRP F 74 9.71 52.78 -25.90
N SER F 75 8.68 52.02 -26.25
CA SER F 75 8.45 50.77 -25.54
C SER F 75 7.68 49.80 -26.44
N VAL F 76 7.93 48.51 -26.24
CA VAL F 76 7.22 47.45 -26.94
C VAL F 76 6.92 46.33 -25.95
N SER F 77 5.94 45.50 -26.30
CA SER F 77 5.66 44.27 -25.56
C SER F 77 5.87 43.06 -26.48
N LEU F 78 6.77 42.17 -26.08
CA LEU F 78 7.06 40.99 -26.89
C LEU F 78 6.28 39.77 -26.42
N ALA F 79 5.42 39.93 -25.43
CA ALA F 79 4.61 38.84 -24.91
C ALA F 79 3.42 38.55 -25.82
N GLU F 80 2.87 37.35 -25.64
CA GLU F 80 1.71 36.89 -26.40
C GLU F 80 0.55 37.88 -26.27
N GLU F 88 1.14 32.92 -23.07
CA GLU F 88 2.28 32.88 -22.16
C GLU F 88 3.11 34.16 -22.29
N PRO F 89 3.85 34.49 -21.23
CA PRO F 89 4.76 35.65 -21.31
C PRO F 89 5.96 35.38 -22.20
N ALA F 90 6.58 36.47 -22.64
CA ALA F 90 7.75 36.38 -23.50
C ALA F 90 8.93 35.76 -22.78
N LEU F 91 9.01 35.93 -21.47
CA LEU F 91 10.12 35.42 -20.66
C LEU F 91 11.46 35.90 -21.23
N LEU F 92 11.58 37.21 -21.41
CA LEU F 92 12.76 37.78 -22.04
C LEU F 92 13.94 37.63 -21.09
N SER F 93 15.11 37.32 -21.64
CA SER F 93 16.31 37.11 -20.85
C SER F 93 17.54 37.41 -21.70
N GLY F 94 18.71 37.18 -21.10
CA GLY F 94 19.98 37.42 -21.72
C GLY F 94 20.45 38.85 -21.71
N GLY F 95 19.71 39.75 -21.07
CA GLY F 95 20.10 41.14 -21.09
C GLY F 95 19.78 41.83 -22.39
N VAL F 96 20.37 43.01 -22.54
CA VAL F 96 20.22 43.84 -23.71
C VAL F 96 21.60 44.15 -24.25
N THR F 97 21.84 43.77 -25.50
CA THR F 97 23.09 44.08 -26.19
C THR F 97 22.76 45.08 -27.28
N VAL F 98 23.45 46.22 -27.26
CA VAL F 98 23.26 47.29 -28.23
C VAL F 98 24.54 47.45 -29.02
N SER F 99 24.46 47.18 -30.32
CA SER F 99 25.64 47.24 -31.17
C SER F 99 25.20 47.66 -32.57
N GLY F 100 25.86 48.70 -33.08
CA GLY F 100 25.50 49.28 -34.37
C GLY F 100 24.08 49.80 -34.35
N GLY F 101 23.29 49.31 -35.30
CA GLY F 101 21.90 49.66 -35.46
C GLY F 101 20.88 48.73 -34.84
N HIS F 102 21.32 47.69 -34.12
CA HIS F 102 20.41 46.66 -33.64
C HIS F 102 20.59 46.37 -32.15
N VAL F 103 19.50 45.87 -31.56
CA VAL F 103 19.46 45.39 -30.20
C VAL F 103 19.03 43.92 -30.23
N TYR F 104 19.71 43.09 -29.47
CA TYR F 104 19.49 41.65 -29.50
C TYR F 104 19.11 41.17 -28.10
N ILE F 105 18.05 40.37 -28.00
CA ILE F 105 17.61 39.87 -26.69
C ILE F 105 17.27 38.40 -26.80
N GLY F 106 17.67 37.61 -25.79
CA GLY F 106 17.38 36.19 -25.76
C GLY F 106 16.11 35.91 -24.98
N SER F 107 15.82 34.64 -24.80
CA SER F 107 14.62 34.27 -24.06
C SER F 107 14.81 32.89 -23.48
N GLU F 108 13.97 32.56 -22.50
CA GLU F 108 13.94 31.23 -21.92
C GLU F 108 13.14 30.24 -22.76
N LYS F 109 12.54 30.70 -23.84
CA LYS F 109 11.80 29.85 -24.77
C LYS F 109 12.68 29.41 -25.91
N ALA F 110 13.96 29.74 -25.87
CA ALA F 110 14.93 29.57 -26.93
C ALA F 110 14.76 30.57 -28.07
N GLN F 111 13.94 31.59 -27.91
CA GLN F 111 13.81 32.58 -28.95
C GLN F 111 14.82 33.71 -28.80
N VAL F 112 15.27 34.21 -29.95
CA VAL F 112 16.18 35.35 -30.04
C VAL F 112 15.46 36.43 -30.85
N TYR F 113 15.30 37.61 -30.25
CA TYR F 113 14.65 38.75 -30.87
C TYR F 113 15.71 39.72 -31.36
N ALA F 114 15.65 40.07 -32.65
CA ALA F 114 16.52 41.10 -33.23
C ALA F 114 15.65 42.31 -33.58
N LEU F 115 15.90 43.41 -32.85
CA LEU F 115 15.20 44.68 -32.93
C LEU F 115 16.14 45.74 -33.49
N ASN F 116 15.59 46.79 -34.08
CA ASN F 116 16.44 47.90 -34.46
C ASN F 116 16.57 48.89 -33.31
N THR F 117 17.68 49.65 -33.31
CA THR F 117 17.91 50.63 -32.26
C THR F 117 17.04 51.87 -32.42
N SER F 118 16.73 52.26 -33.64
CA SER F 118 15.92 53.45 -33.85
C SER F 118 14.43 53.16 -33.79
N ASP F 119 14.05 51.90 -34.00
CA ASP F 119 12.65 51.51 -34.03
C ASP F 119 12.56 50.12 -33.43
N GLY F 120 11.80 49.98 -32.35
CA GLY F 120 11.77 48.74 -31.60
C GLY F 120 10.97 47.65 -32.26
N THR F 121 10.44 47.90 -33.45
CA THR F 121 9.76 46.87 -34.20
C THR F 121 10.75 45.74 -34.48
N VAL F 122 10.33 44.51 -34.19
CA VAL F 122 11.26 43.39 -34.27
C VAL F 122 11.69 43.17 -35.71
N ALA F 123 13.00 43.17 -35.93
CA ALA F 123 13.50 42.97 -37.29
C ALA F 123 13.36 41.51 -37.67
N TRP F 124 13.67 40.61 -36.74
CA TRP F 124 13.40 39.19 -36.97
C TRP F 124 13.40 38.47 -35.63
N GLN F 125 12.86 37.25 -35.66
CA GLN F 125 12.88 36.39 -34.48
C GLN F 125 13.25 34.99 -34.94
N THR F 126 14.17 34.36 -34.21
CA THR F 126 14.60 33.01 -34.55
C THR F 126 14.70 32.21 -33.26
N LYS F 127 15.05 30.93 -33.37
CA LYS F 127 15.22 30.09 -32.19
C LYS F 127 16.57 29.39 -32.27
N VAL F 128 17.15 29.13 -31.09
CA VAL F 128 18.49 28.59 -30.98
C VAL F 128 18.51 27.23 -30.28
N ALA F 129 17.37 26.55 -30.22
CA ALA F 129 17.32 25.19 -29.71
C ALA F 129 17.86 25.09 -28.29
N GLY F 130 17.48 26.02 -27.43
CA GLY F 130 17.88 25.97 -26.04
C GLY F 130 17.77 27.33 -25.38
N GLU F 131 17.68 27.30 -24.06
CA GLU F 131 17.50 28.53 -23.30
C GLU F 131 18.67 29.47 -23.56
N ALA F 132 18.38 30.73 -23.84
CA ALA F 132 19.41 31.69 -24.18
C ALA F 132 19.80 32.52 -22.95
N LEU F 133 20.27 31.83 -21.92
CA LEU F 133 20.49 32.47 -20.62
C LEU F 133 21.86 33.10 -20.57
N SER F 134 22.17 33.96 -21.53
CA SER F 134 23.47 34.59 -21.58
C SER F 134 23.40 35.86 -22.40
N ARG F 135 24.48 36.62 -22.31
CA ARG F 135 24.57 37.90 -22.97
C ARG F 135 24.94 37.69 -24.42
N PRO F 136 24.18 38.17 -25.39
CA PRO F 136 24.61 38.06 -26.77
C PRO F 136 25.77 39.00 -27.03
N VAL F 137 26.68 38.57 -27.91
CA VAL F 137 27.84 39.38 -28.27
C VAL F 137 27.80 39.65 -29.76
N VAL F 138 28.00 40.89 -30.15
CA VAL F 138 27.94 41.29 -31.56
C VAL F 138 29.34 41.68 -32.00
N SER F 139 29.92 40.89 -32.91
CA SER F 139 31.27 41.19 -33.37
C SER F 139 31.49 40.49 -34.71
N ASP F 140 32.32 41.11 -35.55
CA ASP F 140 32.77 40.52 -36.79
C ASP F 140 31.61 40.04 -37.66
N GLY F 141 30.49 40.78 -37.62
CA GLY F 141 29.36 40.45 -38.46
C GLY F 141 28.44 39.40 -37.90
N LEU F 142 28.79 38.78 -36.77
CA LEU F 142 28.03 37.68 -36.19
C LEU F 142 27.56 38.03 -34.78
N VAL F 143 26.44 37.42 -34.40
CA VAL F 143 25.92 37.48 -33.04
C VAL F 143 26.11 36.13 -32.37
N LEU F 144 26.86 36.15 -31.28
CA LEU F 144 27.33 34.96 -30.57
C LEU F 144 26.40 34.73 -29.40
N ILE F 145 25.73 33.57 -29.39
CA ILE F 145 24.75 33.23 -28.37
C ILE F 145 25.06 31.85 -27.80
N HIS F 146 25.03 31.76 -26.47
CA HIS F 146 25.23 30.52 -25.72
C HIS F 146 23.90 29.96 -25.29
N THR F 147 23.87 28.67 -25.01
CA THR F 147 22.66 28.00 -24.54
C THR F 147 22.99 27.13 -23.34
N SER F 148 21.96 26.85 -22.53
CA SER F 148 22.12 25.99 -21.37
C SER F 148 22.47 24.55 -21.73
N ASN F 149 22.27 24.15 -22.98
CA ASN F 149 22.54 22.78 -23.40
C ASN F 149 23.97 22.58 -23.90
N GLY F 150 24.82 23.60 -23.80
CA GLY F 150 26.18 23.48 -24.27
C GLY F 150 26.38 23.74 -25.74
N GLN F 151 25.35 24.17 -26.45
CA GLN F 151 25.44 24.47 -27.87
C GLN F 151 25.72 25.96 -28.03
N LEU F 152 26.86 26.28 -28.63
CA LEU F 152 27.27 27.66 -28.86
C LEU F 152 27.10 27.99 -30.33
N GLN F 153 26.37 29.05 -30.64
CA GLN F 153 25.90 29.31 -31.99
C GLN F 153 26.21 30.74 -32.40
N ALA F 154 26.59 30.91 -33.67
CA ALA F 154 26.77 32.22 -34.26
C ALA F 154 25.71 32.45 -35.32
N LEU F 155 25.03 33.59 -35.22
CA LEU F 155 23.98 33.99 -36.15
C LEU F 155 24.46 35.13 -37.04
N ASN F 156 23.97 35.15 -38.27
CA ASN F 156 24.21 36.25 -39.18
C ASN F 156 23.48 37.51 -38.70
N GLU F 157 24.24 38.60 -38.53
CA GLU F 157 23.66 39.84 -38.02
C GLU F 157 22.67 40.46 -39.00
N ALA F 158 22.58 39.96 -40.22
CA ALA F 158 21.67 40.54 -41.21
C ALA F 158 20.24 40.08 -40.97
N ASP F 159 20.01 38.76 -40.94
CA ASP F 159 18.67 38.22 -40.87
C ASP F 159 18.52 37.15 -39.78
N GLY F 160 19.55 36.95 -38.95
CA GLY F 160 19.48 35.92 -37.94
C GLY F 160 19.78 34.52 -38.45
N ALA F 161 20.32 34.39 -39.65
CA ALA F 161 20.66 33.08 -40.18
C ALA F 161 21.77 32.44 -39.37
N VAL F 162 21.70 31.11 -39.25
CA VAL F 162 22.70 30.37 -38.51
C VAL F 162 23.95 30.23 -39.37
N LYS F 163 25.11 30.53 -38.80
CA LYS F 163 26.37 30.43 -39.51
C LYS F 163 27.17 29.20 -39.08
N TRP F 164 27.24 28.92 -37.78
CA TRP F 164 27.93 27.73 -37.30
C TRP F 164 27.51 27.47 -35.87
N THR F 165 27.70 26.22 -35.44
CA THR F 165 27.53 25.81 -34.05
C THR F 165 28.68 24.92 -33.61
N VAL F 166 28.93 24.91 -32.31
CA VAL F 166 29.78 23.91 -31.68
C VAL F 166 29.04 23.34 -30.48
N ASN F 167 29.48 22.15 -30.06
CA ASN F 167 28.82 21.42 -28.98
C ASN F 167 29.82 21.09 -27.87
N LEU F 168 29.50 21.53 -26.66
CA LEU F 168 30.28 21.26 -25.46
C LEU F 168 29.52 20.27 -24.59
N ASP F 169 30.19 19.78 -23.56
CA ASP F 169 29.58 18.88 -22.58
C ASP F 169 29.41 19.58 -21.25
N MET F 170 28.78 18.89 -20.30
CA MET F 170 28.57 19.48 -18.98
C MET F 170 28.12 18.44 -17.96
N PRO F 171 28.43 18.62 -16.69
CA PRO F 171 27.84 17.79 -15.65
C PRO F 171 26.39 18.18 -15.37
N SER F 172 25.64 17.21 -14.86
CA SER F 172 24.26 17.43 -14.41
C SER F 172 24.26 17.99 -12.98
N LEU F 173 24.77 19.23 -12.84
CA LEU F 173 24.89 19.80 -11.50
C LEU F 173 24.33 21.20 -11.30
N SER F 174 24.72 22.17 -12.12
CA SER F 174 24.53 23.57 -11.73
C SER F 174 24.14 24.45 -12.90
N LEU F 175 23.60 25.62 -12.55
CA LEU F 175 23.35 26.70 -13.50
C LEU F 175 24.59 27.57 -13.54
N ARG F 176 25.18 27.73 -14.71
CA ARG F 176 26.36 28.54 -14.84
C ARG F 176 26.19 29.77 -15.70
N GLY F 177 25.18 29.83 -16.56
CA GLY F 177 24.93 31.03 -17.31
C GLY F 177 25.69 31.10 -18.60
N GLU F 178 26.60 30.15 -18.85
CA GLU F 178 27.34 30.09 -20.10
C GLU F 178 27.89 31.47 -20.46
N SER F 179 28.78 31.96 -19.60
CA SER F 179 29.19 33.36 -19.66
C SER F 179 29.53 33.73 -21.10
N ALA F 180 29.16 34.95 -21.48
CA ALA F 180 29.32 35.38 -22.85
C ALA F 180 30.77 35.24 -23.31
N PRO F 181 30.97 35.11 -24.61
CA PRO F 181 32.31 34.95 -25.14
C PRO F 181 33.09 36.26 -25.07
N THR F 182 34.41 36.13 -25.02
CA THR F 182 35.29 37.27 -25.23
C THR F 182 36.03 37.08 -26.55
N THR F 183 35.95 38.08 -27.43
CA THR F 183 36.40 37.93 -28.80
C THR F 183 37.73 38.65 -28.98
N ALA F 184 38.57 38.11 -29.85
CA ALA F 184 39.81 38.77 -30.22
C ALA F 184 40.41 38.16 -31.47
N PHE F 185 40.82 39.03 -32.41
CA PHE F 185 41.52 38.60 -33.61
C PHE F 185 40.75 37.58 -34.44
N GLY F 186 39.43 37.67 -34.47
CA GLY F 186 38.63 36.74 -35.23
C GLY F 186 38.25 35.46 -34.51
N ALA F 187 38.65 35.30 -33.26
CA ALA F 187 38.30 34.10 -32.50
C ALA F 187 37.61 34.52 -31.22
N ALA F 188 37.18 33.54 -30.43
CA ALA F 188 36.56 33.83 -29.15
C ALA F 188 36.95 32.79 -28.13
N VAL F 189 36.99 33.22 -26.87
CA VAL F 189 37.22 32.35 -25.72
C VAL F 189 35.95 32.29 -24.91
N VAL F 190 35.54 31.07 -24.54
CA VAL F 190 34.33 30.84 -23.76
C VAL F 190 34.68 29.96 -22.58
N GLY F 191 33.91 30.13 -21.51
CA GLY F 191 34.01 29.29 -20.33
C GLY F 191 32.92 28.24 -20.24
N GLY F 192 33.24 26.98 -20.50
CA GLY F 192 32.23 25.95 -20.52
C GLY F 192 31.89 25.51 -19.11
N ASP F 193 30.62 25.18 -18.89
CA ASP F 193 30.22 24.73 -17.56
C ASP F 193 30.69 23.33 -17.23
N ASN F 194 31.51 22.69 -18.08
CA ASN F 194 32.19 21.47 -17.67
C ASN F 194 33.49 21.77 -16.93
N GLY F 195 33.88 23.04 -16.84
CA GLY F 195 35.06 23.45 -16.13
C GLY F 195 36.25 23.73 -17.02
N ARG F 196 36.08 23.68 -18.33
CA ARG F 196 37.14 23.94 -19.29
C ARG F 196 36.92 25.27 -19.99
N VAL F 197 38.01 25.97 -20.24
CA VAL F 197 38.03 27.14 -21.10
C VAL F 197 38.42 26.71 -22.51
N SER F 198 37.71 27.22 -23.50
CA SER F 198 37.94 26.83 -24.89
C SER F 198 38.06 28.06 -25.78
N ALA F 199 38.83 27.90 -26.85
CA ALA F 199 38.99 28.93 -27.88
C ALA F 199 38.52 28.38 -29.22
N VAL F 200 37.70 29.16 -29.91
CA VAL F 200 37.11 28.74 -31.19
C VAL F 200 37.31 29.84 -32.22
N LEU F 201 37.53 29.43 -33.47
CA LEU F 201 37.63 30.36 -34.59
C LEU F 201 36.23 30.78 -35.01
N MET F 202 35.95 32.09 -34.96
CA MET F 202 34.60 32.59 -35.14
C MET F 202 34.13 32.57 -36.59
N GLU F 203 35.04 32.50 -37.56
CA GLU F 203 34.61 32.43 -38.94
C GLU F 203 34.05 31.06 -39.31
N GLN F 204 34.38 30.02 -38.56
CA GLN F 204 33.98 28.66 -38.90
C GLN F 204 33.36 27.89 -37.75
N GLY F 205 33.57 28.29 -36.50
CA GLY F 205 33.22 27.42 -35.39
C GLY F 205 34.25 26.34 -35.16
N GLN F 206 35.50 26.59 -35.50
CA GLN F 206 36.56 25.59 -35.40
C GLN F 206 37.27 25.73 -34.06
N MET F 207 37.31 24.63 -33.31
CA MET F 207 37.98 24.60 -32.03
C MET F 207 39.49 24.75 -32.21
N ILE F 208 40.09 25.62 -31.42
CA ILE F 208 41.51 25.94 -31.53
C ILE F 208 42.28 25.23 -30.44
N TRP F 209 41.88 25.43 -29.19
CA TRP F 209 42.55 24.78 -28.07
C TRP F 209 41.56 24.75 -26.91
N GLN F 210 41.83 23.86 -25.96
CA GLN F 210 41.08 23.82 -24.71
C GLN F 210 42.06 23.65 -23.55
N GLN F 211 41.63 24.09 -22.38
CA GLN F 211 42.38 23.87 -21.16
C GLN F 211 41.43 23.72 -19.98
N ARG F 212 41.85 22.95 -18.99
CA ARG F 212 41.07 22.78 -17.78
C ARG F 212 41.53 23.81 -16.76
N ILE F 213 40.58 24.33 -15.99
CA ILE F 213 40.87 25.29 -14.93
C ILE F 213 40.92 24.61 -13.56
N SER F 214 39.99 23.71 -13.29
CA SER F 214 39.92 23.10 -11.96
C SER F 214 39.56 21.63 -12.09
N GLN F 215 39.98 20.86 -11.09
CA GLN F 215 39.60 19.46 -10.96
C GLN F 215 39.49 19.15 -9.47
N ALA F 216 38.68 18.14 -9.15
CA ALA F 216 38.55 17.69 -7.77
C ALA F 216 38.01 16.27 -7.76
N THR F 217 38.24 15.59 -6.63
CA THR F 217 37.60 14.30 -6.41
C THR F 217 36.12 14.46 -6.12
N GLY F 218 35.72 15.58 -5.51
CA GLY F 218 34.32 15.83 -5.25
C GLY F 218 33.60 16.37 -6.47
N SER F 219 33.67 15.61 -7.56
CA SER F 219 33.14 16.05 -8.85
C SER F 219 31.62 16.13 -8.84
N THR F 220 30.96 15.40 -7.94
CA THR F 220 29.51 15.43 -7.87
C THR F 220 28.99 16.82 -7.47
N GLU F 221 29.64 17.47 -6.51
CA GLU F 221 29.17 18.74 -5.98
C GLU F 221 29.98 19.95 -6.42
N ILE F 222 31.24 19.78 -6.80
CA ILE F 222 32.08 20.93 -7.13
C ILE F 222 31.50 21.63 -8.36
N ASP F 223 31.44 22.96 -8.29
CA ASP F 223 30.84 23.78 -9.32
C ASP F 223 31.85 24.16 -10.40
N ARG F 224 31.34 24.60 -11.55
CA ARG F 224 32.14 24.86 -12.74
C ARG F 224 32.13 26.34 -13.13
N LEU F 225 32.75 26.63 -14.27
CA LEU F 225 32.84 27.99 -14.80
C LEU F 225 31.47 28.59 -15.10
N SER F 226 31.32 29.86 -14.75
CA SER F 226 30.10 30.61 -15.04
C SER F 226 29.64 30.40 -16.47
N THR F 231 33.55 34.61 -16.81
CA THR F 231 33.70 35.46 -17.98
C THR F 231 35.16 35.70 -18.32
N PRO F 232 35.69 34.97 -19.30
CA PRO F 232 37.09 35.16 -19.67
C PRO F 232 37.35 36.58 -20.12
N VAL F 233 38.51 37.11 -19.75
CA VAL F 233 38.92 38.45 -20.18
C VAL F 233 40.30 38.37 -20.80
N VAL F 234 40.48 39.02 -21.95
CA VAL F 234 41.74 39.00 -22.67
C VAL F 234 42.30 40.41 -22.72
N VAL F 235 43.49 40.59 -22.14
CA VAL F 235 44.18 41.88 -22.13
C VAL F 235 45.60 41.69 -22.62
N ASN F 236 45.93 42.35 -23.74
CA ASN F 236 47.26 42.28 -24.36
C ASN F 236 47.72 40.84 -24.57
N GLY F 237 46.80 39.97 -24.95
CA GLY F 237 47.12 38.57 -25.18
C GLY F 237 47.11 37.68 -23.96
N VAL F 238 46.83 38.22 -22.78
CA VAL F 238 46.79 37.43 -21.55
C VAL F 238 45.33 37.12 -21.25
N VAL F 239 45.03 35.85 -21.01
CA VAL F 239 43.69 35.38 -20.73
C VAL F 239 43.53 35.24 -19.22
N PHE F 240 42.48 35.83 -18.67
CA PHE F 240 42.17 35.66 -17.27
C PHE F 240 40.87 34.88 -17.18
N ALA F 241 40.85 33.90 -16.28
CA ALA F 241 39.63 33.11 -16.09
C ALA F 241 39.56 32.60 -14.67
N LEU F 242 38.34 32.38 -14.18
CA LEU F 242 38.19 31.78 -12.87
C LEU F 242 36.92 30.95 -12.82
N ALA F 243 36.96 29.93 -11.96
CA ALA F 243 35.83 29.06 -11.65
C ALA F 243 35.42 29.20 -10.20
N TYR F 244 34.10 29.09 -9.98
CA TYR F 244 33.44 29.15 -8.68
C TYR F 244 34.19 28.33 -7.66
N ASN F 245 34.70 27.17 -8.08
CA ASN F 245 35.36 26.27 -7.15
C ASN F 245 36.78 26.80 -6.93
N GLY F 246 36.83 28.02 -6.42
CA GLY F 246 38.07 28.64 -5.99
C GLY F 246 39.23 28.35 -6.90
N ASN F 247 39.10 28.54 -8.22
CA ASN F 247 40.25 28.29 -9.10
C ASN F 247 40.37 29.40 -10.14
N LEU F 248 41.44 30.20 -10.05
CA LEU F 248 41.66 31.32 -10.94
C LEU F 248 43.00 31.13 -11.63
N THR F 249 43.02 31.29 -12.95
CA THR F 249 44.26 31.12 -13.69
C THR F 249 44.47 32.23 -14.70
N ALA F 250 45.75 32.40 -15.05
CA ALA F 250 46.20 33.22 -16.17
C ALA F 250 46.71 32.29 -17.27
N LEU F 251 46.13 32.41 -18.46
CA LEU F 251 46.39 31.51 -19.57
C LEU F 251 46.94 32.27 -20.77
N ASP F 252 47.58 31.51 -21.66
CA ASP F 252 47.92 32.00 -22.99
C ASP F 252 46.67 32.20 -23.83
N LEU F 253 46.78 33.09 -24.82
CA LEU F 253 45.67 33.34 -25.74
C LEU F 253 45.65 32.39 -26.92
N ARG F 254 46.81 31.84 -27.31
CA ARG F 254 46.89 30.93 -28.44
C ARG F 254 47.12 29.48 -28.02
N SER F 255 47.08 29.20 -26.72
CA SER F 255 47.26 27.84 -26.24
C SER F 255 46.64 27.74 -24.85
N GLY F 256 46.64 26.52 -24.32
CA GLY F 256 46.12 26.21 -23.01
C GLY F 256 47.11 26.44 -21.89
N GLN F 257 48.30 26.94 -22.21
CA GLN F 257 49.34 27.11 -21.19
C GLN F 257 48.84 28.06 -20.11
N ILE F 258 48.96 27.61 -18.86
CA ILE F 258 48.63 28.43 -17.70
C ILE F 258 49.90 29.01 -17.12
N MET F 259 49.89 30.32 -16.86
CA MET F 259 51.06 31.01 -16.35
C MET F 259 51.11 30.90 -14.83
N TRP F 260 49.98 31.11 -14.18
CA TRP F 260 49.91 30.99 -12.72
C TRP F 260 48.47 30.68 -12.34
N LYS F 261 48.34 30.15 -11.11
CA LYS F 261 47.06 29.71 -10.56
C LYS F 261 46.94 30.15 -9.11
N ARG F 262 45.70 30.43 -8.71
CA ARG F 262 45.37 30.74 -7.32
C ARG F 262 44.07 30.02 -6.97
N GLU F 263 43.86 29.78 -5.69
CA GLU F 263 42.61 29.18 -5.22
C GLU F 263 41.56 30.27 -5.04
N LEU F 264 41.14 30.85 -6.16
CA LEU F 264 40.23 31.99 -6.15
C LEU F 264 39.16 31.80 -7.21
N GLY F 265 37.94 32.22 -6.92
CA GLY F 265 36.90 32.21 -7.94
C GLY F 265 35.54 32.48 -7.33
N SER F 266 34.60 32.78 -8.22
CA SER F 266 33.22 33.09 -7.85
C SER F 266 32.37 33.03 -9.11
N VAL F 267 31.06 33.20 -8.94
CA VAL F 267 30.15 33.25 -10.08
C VAL F 267 30.04 34.65 -10.70
N ASN F 268 30.41 35.69 -9.98
CA ASN F 268 30.24 37.05 -10.48
C ASN F 268 31.39 37.46 -11.40
N ASP F 269 31.10 38.47 -12.21
CA ASP F 269 32.12 39.05 -13.08
C ASP F 269 33.21 39.73 -12.27
N PHE F 270 34.40 39.80 -12.87
CA PHE F 270 35.56 40.45 -12.32
C PHE F 270 36.04 41.53 -13.26
N ILE F 271 36.80 42.49 -12.72
CA ILE F 271 37.27 43.63 -13.50
C ILE F 271 38.78 43.56 -13.55
N VAL F 272 39.34 43.71 -14.75
CA VAL F 272 40.79 43.76 -14.93
C VAL F 272 41.15 45.12 -15.51
N ASP F 273 41.92 45.90 -14.74
CA ASP F 273 42.34 47.22 -15.20
C ASP F 273 43.37 47.78 -14.24
N GLY F 274 44.16 48.72 -14.74
CA GLY F 274 45.22 49.33 -13.96
C GLY F 274 46.29 48.39 -13.47
N ASN F 275 46.55 47.30 -14.19
CA ASN F 275 47.44 46.25 -13.73
C ASN F 275 46.91 45.57 -12.47
N ARG F 276 45.61 45.62 -12.22
CA ARG F 276 45.02 44.98 -11.06
C ARG F 276 43.78 44.21 -11.45
N ILE F 277 43.46 43.20 -10.64
CA ILE F 277 42.26 42.39 -10.83
C ILE F 277 41.38 42.54 -9.60
N TYR F 278 40.12 42.92 -9.83
CA TYR F 278 39.14 43.17 -8.79
C TYR F 278 38.14 42.02 -8.82
N LEU F 279 38.04 41.30 -7.70
CA LEU F 279 37.19 40.13 -7.57
C LEU F 279 36.19 40.34 -6.44
N VAL F 280 35.04 39.68 -6.59
CA VAL F 280 34.13 39.43 -5.48
C VAL F 280 34.02 37.91 -5.33
N ASP F 281 34.41 37.40 -4.17
CA ASP F 281 34.56 35.97 -4.01
C ASP F 281 33.21 35.28 -3.91
N GLN F 282 33.21 33.97 -4.14
CA GLN F 282 32.00 33.17 -4.03
C GLN F 282 31.37 33.33 -2.66
N ASN F 283 32.16 33.68 -1.66
CA ASN F 283 31.70 33.91 -0.30
C ASN F 283 31.40 35.38 -0.02
N ASP F 284 31.35 36.22 -1.05
CA ASP F 284 31.12 37.65 -0.92
C ASP F 284 32.27 38.41 -0.29
N ARG F 285 33.48 37.83 -0.25
CA ARG F 285 34.64 38.63 0.08
C ARG F 285 35.00 39.55 -1.08
N VAL F 286 35.54 40.71 -0.74
CA VAL F 286 36.02 41.69 -1.73
C VAL F 286 37.53 41.57 -1.78
N MET F 287 38.09 41.36 -2.97
CA MET F 287 39.51 41.04 -3.06
C MET F 287 40.14 41.74 -4.25
N ALA F 288 41.42 42.09 -4.10
CA ALA F 288 42.16 42.68 -5.21
C ALA F 288 43.51 42.00 -5.32
N LEU F 289 43.95 41.75 -6.55
CA LEU F 289 45.27 41.17 -6.80
C LEU F 289 46.02 41.97 -7.87
N THR F 290 47.28 41.60 -8.04
CA THR F 290 48.13 42.11 -9.11
C THR F 290 47.79 41.46 -10.44
N ILE F 291 48.23 42.08 -11.53
CA ILE F 291 48.06 41.49 -12.85
C ILE F 291 49.10 40.41 -13.14
N ASP F 292 50.28 40.50 -12.57
CA ASP F 292 51.38 39.62 -12.96
C ASP F 292 51.43 38.30 -12.19
N GLY F 293 50.42 38.03 -11.36
CA GLY F 293 50.47 36.80 -10.58
C GLY F 293 49.31 36.70 -9.63
N GLY F 294 49.48 35.84 -8.63
CA GLY F 294 48.51 35.56 -7.61
C GLY F 294 48.68 36.38 -6.36
N VAL F 295 49.48 37.44 -6.41
CA VAL F 295 49.80 38.20 -5.21
C VAL F 295 48.59 39.04 -4.81
N THR F 296 48.19 38.92 -3.55
CA THR F 296 47.05 39.67 -3.05
C THR F 296 47.47 41.07 -2.62
N LEU F 297 46.66 42.06 -2.99
CA LEU F 297 46.88 43.44 -2.59
C LEU F 297 46.15 43.74 -1.29
N TRP F 298 44.89 43.35 -1.20
CA TRP F 298 44.10 43.56 -0.01
C TRP F 298 42.78 42.81 -0.17
N THR F 299 42.12 42.60 0.96
CA THR F 299 40.76 42.10 1.02
C THR F 299 39.92 42.95 1.96
N GLN F 300 38.61 42.89 1.75
CA GLN F 300 37.63 43.45 2.66
C GLN F 300 36.57 42.41 2.93
N SER F 301 36.23 42.27 4.21
CA SER F 301 35.32 41.25 4.73
C SER F 301 34.04 41.82 5.31
N ASP F 302 33.88 43.14 5.40
CA ASP F 302 32.69 43.68 6.05
C ASP F 302 31.41 43.28 5.35
N LEU F 303 31.48 42.95 4.06
CA LEU F 303 30.33 42.47 3.31
C LEU F 303 30.34 40.95 3.20
N LEU F 304 31.27 40.29 3.86
CA LEU F 304 31.46 38.85 3.72
C LEU F 304 30.20 38.09 4.12
N HIS F 305 29.83 37.11 3.30
CA HIS F 305 28.63 36.29 3.44
C HIS F 305 27.35 37.07 3.19
N ARG F 306 27.44 38.33 2.78
CA ARG F 306 26.28 39.09 2.33
C ARG F 306 26.30 39.14 0.82
N LEU F 307 25.26 38.61 0.17
CA LEU F 307 25.25 38.48 -1.28
C LEU F 307 25.62 39.82 -1.91
N LEU F 308 26.69 39.83 -2.71
CA LEU F 308 27.10 41.02 -3.45
C LEU F 308 26.90 40.87 -4.95
N THR F 309 26.64 42.00 -5.60
CA THR F 309 26.65 42.05 -7.04
C THR F 309 28.08 42.15 -7.57
N SER F 310 28.23 42.03 -8.88
CA SER F 310 29.52 42.24 -9.51
C SER F 310 29.98 43.68 -9.35
N PRO F 311 31.29 43.93 -9.36
CA PRO F 311 31.81 45.28 -9.19
C PRO F 311 31.67 46.09 -10.47
N VAL F 312 31.58 47.41 -10.33
CA VAL F 312 31.80 48.31 -11.45
C VAL F 312 32.72 49.45 -11.03
N LEU F 313 33.56 49.89 -11.97
CA LEU F 313 34.43 51.03 -11.75
C LEU F 313 33.79 52.29 -12.33
N TYR F 314 33.52 53.27 -11.46
CA TYR F 314 32.79 54.46 -11.85
C TYR F 314 33.45 55.69 -11.24
N ASN F 315 33.91 56.59 -12.10
CA ASN F 315 34.64 57.79 -11.69
C ASN F 315 35.81 57.47 -10.77
N GLY F 316 36.48 56.35 -11.02
CA GLY F 316 37.63 55.98 -10.23
C GLY F 316 37.35 55.15 -9.00
N ASN F 317 36.09 55.02 -8.60
CA ASN F 317 35.72 54.27 -7.40
C ASN F 317 35.12 52.93 -7.78
N LEU F 318 35.20 51.97 -6.87
CA LEU F 318 34.57 50.67 -7.08
C LEU F 318 33.20 50.70 -6.42
N VAL F 319 32.18 50.26 -7.14
CA VAL F 319 30.81 50.34 -6.65
C VAL F 319 30.23 48.94 -6.69
N VAL F 320 29.62 48.53 -5.58
CA VAL F 320 28.87 47.28 -5.54
C VAL F 320 27.51 47.52 -4.88
N GLY F 321 26.57 46.61 -5.17
CA GLY F 321 25.31 46.58 -4.49
C GLY F 321 25.10 45.23 -3.82
N ASP F 322 23.95 45.09 -3.16
CA ASP F 322 23.65 43.84 -2.48
C ASP F 322 22.14 43.62 -2.42
N SER F 323 21.76 42.51 -1.79
CA SER F 323 20.38 42.02 -1.78
C SER F 323 19.42 42.86 -0.95
N GLU F 324 19.89 43.78 -0.12
CA GLU F 324 18.99 44.62 0.69
C GLU F 324 18.82 46.04 0.19
N GLY F 325 19.39 46.39 -0.95
CA GLY F 325 19.17 47.72 -1.48
C GLY F 325 20.27 48.71 -1.22
N TYR F 326 21.35 48.30 -0.57
CA TYR F 326 22.46 49.20 -0.31
C TYR F 326 23.32 49.32 -1.55
N LEU F 327 23.97 50.46 -1.68
CA LEU F 327 25.11 50.62 -2.57
C LEU F 327 26.30 51.01 -1.71
N HIS F 328 27.46 50.50 -2.11
CA HIS F 328 28.70 50.69 -1.39
C HIS F 328 29.75 51.23 -2.34
N TRP F 329 30.35 52.36 -1.94
CA TRP F 329 31.41 53.02 -2.68
C TRP F 329 32.70 52.65 -1.97
N ILE F 330 33.58 51.96 -2.69
CA ILE F 330 34.80 51.38 -2.17
C ILE F 330 35.99 52.11 -2.78
N ASN F 331 36.93 52.47 -1.92
CA ASN F 331 38.19 53.09 -2.33
C ASN F 331 39.07 52.02 -2.96
N VAL F 332 39.44 52.22 -4.22
CA VAL F 332 40.17 51.21 -4.97
C VAL F 332 41.59 51.03 -4.49
N GLU F 333 42.07 51.93 -3.63
CA GLU F 333 43.47 51.87 -3.21
C GLU F 333 43.68 50.73 -2.23
N ASP F 334 42.90 50.70 -1.15
CA ASP F 334 43.06 49.73 -0.09
C ASP F 334 41.77 48.99 0.26
N GLY F 335 40.69 49.22 -0.48
CA GLY F 335 39.42 48.62 -0.15
C GLY F 335 38.62 49.38 0.90
N ARG F 336 39.13 50.52 1.36
CA ARG F 336 38.45 51.29 2.39
C ARG F 336 37.07 51.72 1.90
N PHE F 337 36.08 51.63 2.79
CA PHE F 337 34.72 52.00 2.42
C PHE F 337 34.62 53.51 2.30
N VAL F 338 34.20 53.97 1.12
CA VAL F 338 34.05 55.40 0.86
C VAL F 338 32.65 55.88 1.20
N ALA F 339 31.63 55.10 0.86
CA ALA F 339 30.26 55.51 1.15
C ALA F 339 29.37 54.29 1.33
N GLN F 340 28.37 54.46 2.19
CA GLN F 340 27.32 53.49 2.45
C GLN F 340 25.97 54.18 2.34
N GLN F 341 25.16 53.78 1.36
CA GLN F 341 23.91 54.49 1.10
C GLN F 341 22.87 53.47 0.68
N LYS F 342 21.62 53.70 1.06
CA LYS F 342 20.53 52.90 0.54
C LYS F 342 19.74 53.69 -0.49
N VAL F 343 19.46 53.05 -1.62
CA VAL F 343 18.70 53.66 -2.71
C VAL F 343 17.32 53.02 -2.84
N ASP F 344 17.27 51.69 -2.81
CA ASP F 344 16.03 50.96 -3.03
C ASP F 344 16.06 49.71 -2.16
N SER F 345 15.29 49.76 -1.07
CA SER F 345 15.26 48.71 -0.06
C SER F 345 14.85 47.34 -0.60
N SER F 346 14.33 47.26 -1.83
CA SER F 346 13.96 45.94 -2.36
C SER F 346 15.16 45.04 -2.68
N GLY F 347 16.35 45.58 -2.88
CA GLY F 347 17.47 44.69 -3.09
C GLY F 347 17.91 44.60 -4.54
N PHE F 348 19.22 44.35 -4.73
CA PHE F 348 19.82 44.20 -6.06
C PHE F 348 20.26 42.76 -6.30
N GLN F 349 19.95 42.25 -7.50
CA GLN F 349 20.31 40.90 -7.88
C GLN F 349 21.19 40.85 -9.13
N THR F 350 21.17 41.88 -9.96
CA THR F 350 21.77 41.87 -11.28
C THR F 350 22.99 42.78 -11.34
N GLU F 351 23.61 42.80 -12.51
CA GLU F 351 24.85 43.56 -12.71
C GLU F 351 24.56 45.05 -12.80
N PRO F 352 25.19 45.89 -11.98
CA PRO F 352 25.13 47.33 -12.22
C PRO F 352 26.03 47.70 -13.39
N VAL F 353 25.65 48.76 -14.11
CA VAL F 353 26.46 49.16 -15.26
C VAL F 353 26.72 50.66 -15.22
N ALA F 354 27.77 51.06 -15.90
CA ALA F 354 28.13 52.46 -16.00
C ALA F 354 28.82 52.72 -17.33
N ALA F 355 28.57 53.89 -17.91
CA ALA F 355 29.30 54.30 -19.09
C ALA F 355 29.14 55.81 -19.30
N ASP F 356 30.17 56.41 -19.89
CA ASP F 356 30.16 57.82 -20.28
C ASP F 356 29.70 58.71 -19.12
N GLY F 357 30.15 58.37 -17.91
CA GLY F 357 29.85 59.15 -16.73
C GLY F 357 28.52 58.87 -16.07
N LYS F 358 27.71 57.99 -16.61
CA LYS F 358 26.39 57.70 -16.06
C LYS F 358 26.44 56.32 -15.41
N LEU F 359 26.01 56.25 -14.16
CA LEU F 359 25.88 54.99 -13.44
C LEU F 359 24.41 54.57 -13.38
N LEU F 360 24.09 53.44 -14.00
CA LEU F 360 22.72 52.97 -14.12
C LEU F 360 22.62 51.66 -13.37
N ILE F 361 21.48 51.44 -12.72
CA ILE F 361 21.24 50.20 -12.01
C ILE F 361 19.75 49.92 -11.94
N GLN F 362 19.39 48.65 -11.92
CA GLN F 362 18.00 48.25 -11.74
C GLN F 362 17.90 47.39 -10.48
N ALA F 363 16.83 47.61 -9.72
CA ALA F 363 16.57 46.81 -8.54
C ALA F 363 16.18 45.39 -8.95
N LYS F 364 15.95 44.55 -7.93
CA LYS F 364 15.43 43.22 -8.20
C LYS F 364 14.08 43.27 -8.88
N ASP F 365 13.31 44.34 -8.66
CA ASP F 365 12.08 44.55 -9.40
C ASP F 365 12.36 45.45 -10.60
N GLY F 366 11.31 46.00 -11.21
CA GLY F 366 11.45 46.81 -12.40
C GLY F 366 12.13 48.15 -12.18
N THR F 367 12.23 48.61 -10.94
CA THR F 367 12.71 49.96 -10.69
C THR F 367 14.15 50.17 -11.12
N VAL F 368 14.36 51.21 -11.92
CA VAL F 368 15.65 51.56 -12.51
C VAL F 368 16.04 52.93 -11.96
N TYR F 369 17.29 53.05 -11.49
CA TYR F 369 17.83 54.26 -10.92
C TYR F 369 19.01 54.73 -11.77
N SER F 370 19.17 56.05 -11.81
CA SER F 370 20.38 56.70 -12.31
C SER F 370 20.91 57.64 -11.25
N ILE F 371 22.14 57.39 -10.81
CA ILE F 371 22.73 58.11 -9.68
C ILE F 371 23.56 59.27 -10.21
#